data_2AR1
# 
_entry.id   2AR1 
# 
_audit_conform.dict_name       mmcif_pdbx.dic 
_audit_conform.dict_version    5.389 
_audit_conform.dict_location   http://mmcif.pdb.org/dictionaries/ascii/mmcif_pdbx.dic 
# 
loop_
_database_2.database_id 
_database_2.database_code 
_database_2.pdbx_database_accession 
_database_2.pdbx_DOI 
PDB   2AR1         pdb_00002ar1 10.2210/pdb2ar1/pdb 
RCSB  RCSB034213   ?            ?                   
WWPDB D_1000034213 ?            ?                   
# 
loop_
_pdbx_audit_revision_history.ordinal 
_pdbx_audit_revision_history.data_content_type 
_pdbx_audit_revision_history.major_revision 
_pdbx_audit_revision_history.minor_revision 
_pdbx_audit_revision_history.revision_date 
1 'Structure model' 1 0 2005-08-30 
2 'Structure model' 1 1 2008-04-30 
3 'Structure model' 1 2 2011-07-13 
4 'Structure model' 1 3 2017-10-11 
5 'Structure model' 1 4 2024-02-14 
6 'Structure model' 1 5 2024-04-03 
# 
_pdbx_audit_revision_details.ordinal             1 
_pdbx_audit_revision_details.revision_ordinal    1 
_pdbx_audit_revision_details.data_content_type   'Structure model' 
_pdbx_audit_revision_details.provider            repository 
_pdbx_audit_revision_details.type                'Initial release' 
_pdbx_audit_revision_details.description         ? 
_pdbx_audit_revision_details.details             ? 
# 
loop_
_pdbx_audit_revision_group.ordinal 
_pdbx_audit_revision_group.revision_ordinal 
_pdbx_audit_revision_group.data_content_type 
_pdbx_audit_revision_group.group 
1 2 'Structure model' 'Version format compliance' 
2 3 'Structure model' Advisory                    
3 3 'Structure model' 'Version format compliance' 
4 4 'Structure model' 'Refinement description'    
5 5 'Structure model' 'Data collection'           
6 5 'Structure model' 'Database references'       
7 5 'Structure model' 'Derived calculations'      
8 6 'Structure model' 'Refinement description'    
# 
loop_
_pdbx_audit_revision_category.ordinal 
_pdbx_audit_revision_category.revision_ordinal 
_pdbx_audit_revision_category.data_content_type 
_pdbx_audit_revision_category.category 
1 4 'Structure model' software                      
2 5 'Structure model' chem_comp_atom                
3 5 'Structure model' chem_comp_bond                
4 5 'Structure model' database_2                    
5 5 'Structure model' struct_ref_seq_dif            
6 5 'Structure model' struct_site                   
7 6 'Structure model' pdbx_initial_refinement_model 
# 
loop_
_pdbx_audit_revision_item.ordinal 
_pdbx_audit_revision_item.revision_ordinal 
_pdbx_audit_revision_item.data_content_type 
_pdbx_audit_revision_item.item 
1  4 'Structure model' '_software.classification'            
2  4 'Structure model' '_software.contact_author'            
3  4 'Structure model' '_software.contact_author_email'      
4  4 'Structure model' '_software.date'                      
5  4 'Structure model' '_software.description'               
6  4 'Structure model' '_software.language'                  
7  4 'Structure model' '_software.location'                  
8  4 'Structure model' '_software.name'                      
9  4 'Structure model' '_software.type'                      
10 4 'Structure model' '_software.version'                   
11 5 'Structure model' '_database_2.pdbx_DOI'                
12 5 'Structure model' '_database_2.pdbx_database_accession' 
13 5 'Structure model' '_struct_ref_seq_dif.details'         
14 5 'Structure model' '_struct_site.pdbx_auth_asym_id'      
15 5 'Structure model' '_struct_site.pdbx_auth_comp_id'      
16 5 'Structure model' '_struct_site.pdbx_auth_seq_id'       
# 
_pdbx_database_status.entry_id                        2AR1 
_pdbx_database_status.deposit_site                    RCSB 
_pdbx_database_status.process_site                    RCSB 
_pdbx_database_status.recvd_initial_deposition_date   2005-08-18 
_pdbx_database_status.status_code                     REL 
_pdbx_database_status.status_code_sf                  REL 
_pdbx_database_status.status_code_mr                  ? 
_pdbx_database_status.SG_entry                        Y 
_pdbx_database_status.pdb_format_compatible           Y 
_pdbx_database_status.status_code_cs                  ? 
_pdbx_database_status.methods_development_category    ? 
_pdbx_database_status.status_code_nmr_data            ? 
# 
_pdbx_database_related.db_name        TargetDB 
_pdbx_database_related.db_id          Lmaj006129AAA 
_pdbx_database_related.details        . 
_pdbx_database_related.content_type   unspecified 
# 
loop_
_audit_author.name 
_audit_author.pdbx_ordinal 
'Arakaki, T.L.'                                                1 
'Merritt, E.A.'                                                2 
'Structural Genomics of Pathogenic Protozoa Consortium (SGPP)' 3 
# 
_citation.id                        primary 
_citation.title                     'Structure of Lmaj006129AAA, a hypothetical protein from Leishmania major.' 
_citation.journal_abbrev            'Acta Crystallogr.,Sect.F' 
_citation.journal_volume            62 
_citation.page_first                175 
_citation.page_last                 179 
_citation.year                      2006 
_citation.journal_id_ASTM           ? 
_citation.country                   DK 
_citation.journal_id_ISSN           1744-3091 
_citation.journal_id_CSD            ? 
_citation.book_publisher            ? 
_citation.pdbx_database_id_PubMed   16511295 
_citation.pdbx_database_id_DOI      10.1107/S1744309106005902 
# 
loop_
_citation_author.citation_id 
_citation_author.name 
_citation_author.ordinal 
_citation_author.identifier_ORCID 
primary 'Arakaki, T.'    1  ? 
primary 'Le Trong, I.'   2  ? 
primary 'Phizicky, E.'   3  ? 
primary 'Quartley, E.'   4  ? 
primary 'DeTitta, G.'    5  ? 
primary 'Luft, J.'       6  ? 
primary 'Lauricella, A.' 7  ? 
primary 'Anderson, L.'   8  ? 
primary 'Kalyuzhniy, O.' 9  ? 
primary 'Worthey, E.'    10 ? 
primary 'Myler, P.J.'    11 ? 
primary 'Kim, D.'        12 ? 
primary 'Baker, D.'      13 ? 
primary 'Hol, W.G.'      14 ? 
primary 'Merritt, E.A.'  15 ? 
# 
loop_
_entity.id 
_entity.type 
_entity.src_method 
_entity.pdbx_description 
_entity.formula_weight 
_entity.pdbx_number_of_molecules 
_entity.pdbx_ec 
_entity.pdbx_mutation 
_entity.pdbx_fragment 
_entity.details 
1 polymer     man 'hypothetical protein' 20351.305 1  ? ? ? ? 
2 non-polymer syn GLYCEROL               92.094    1  ? ? ? ? 
3 water       nat water                  18.015    99 ? ? ? ? 
# 
_entity_poly.entity_id                      1 
_entity_poly.type                           'polypeptide(L)' 
_entity_poly.nstd_linkage                   no 
_entity_poly.nstd_monomer                   no 
_entity_poly.pdbx_seq_one_letter_code       
;MAHHHHHHMSRKRVRAEDIHYWLLKSEPHKFSIDDLAKQKTSPWDGVRNYAARNNMRAMSVGDKVLFYHSNTKEPGVAGL
AEVVRLAYDDFTALDKTSEYFDPKATKEKNPWKMVDVKFVARWDTVLTLHELKSRRELQKMALFTQRRLSVQPVSASEYA
YILRMNEEQQRK
;
_entity_poly.pdbx_seq_one_letter_code_can   
;MAHHHHHHMSRKRVRAEDIHYWLLKSEPHKFSIDDLAKQKTSPWDGVRNYAARNNMRAMSVGDKVLFYHSNTKEPGVAGL
AEVVRLAYDDFTALDKTSEYFDPKATKEKNPWKMVDVKFVARWDTVLTLHELKSRRELQKMALFTQRRLSVQPVSASEYA
YILRMNEEQQRK
;
_entity_poly.pdbx_strand_id                 A 
_entity_poly.pdbx_target_identifier         Lmaj006129AAA 
# 
loop_
_pdbx_entity_nonpoly.entity_id 
_pdbx_entity_nonpoly.name 
_pdbx_entity_nonpoly.comp_id 
2 GLYCEROL GOL 
3 water    HOH 
# 
loop_
_entity_poly_seq.entity_id 
_entity_poly_seq.num 
_entity_poly_seq.mon_id 
_entity_poly_seq.hetero 
1 1   MET n 
1 2   ALA n 
1 3   HIS n 
1 4   HIS n 
1 5   HIS n 
1 6   HIS n 
1 7   HIS n 
1 8   HIS n 
1 9   MET n 
1 10  SER n 
1 11  ARG n 
1 12  LYS n 
1 13  ARG n 
1 14  VAL n 
1 15  ARG n 
1 16  ALA n 
1 17  GLU n 
1 18  ASP n 
1 19  ILE n 
1 20  HIS n 
1 21  TYR n 
1 22  TRP n 
1 23  LEU n 
1 24  LEU n 
1 25  LYS n 
1 26  SER n 
1 27  GLU n 
1 28  PRO n 
1 29  HIS n 
1 30  LYS n 
1 31  PHE n 
1 32  SER n 
1 33  ILE n 
1 34  ASP n 
1 35  ASP n 
1 36  LEU n 
1 37  ALA n 
1 38  LYS n 
1 39  GLN n 
1 40  LYS n 
1 41  THR n 
1 42  SER n 
1 43  PRO n 
1 44  TRP n 
1 45  ASP n 
1 46  GLY n 
1 47  VAL n 
1 48  ARG n 
1 49  ASN n 
1 50  TYR n 
1 51  ALA n 
1 52  ALA n 
1 53  ARG n 
1 54  ASN n 
1 55  ASN n 
1 56  MET n 
1 57  ARG n 
1 58  ALA n 
1 59  MET n 
1 60  SER n 
1 61  VAL n 
1 62  GLY n 
1 63  ASP n 
1 64  LYS n 
1 65  VAL n 
1 66  LEU n 
1 67  PHE n 
1 68  TYR n 
1 69  HIS n 
1 70  SER n 
1 71  ASN n 
1 72  THR n 
1 73  LYS n 
1 74  GLU n 
1 75  PRO n 
1 76  GLY n 
1 77  VAL n 
1 78  ALA n 
1 79  GLY n 
1 80  LEU n 
1 81  ALA n 
1 82  GLU n 
1 83  VAL n 
1 84  VAL n 
1 85  ARG n 
1 86  LEU n 
1 87  ALA n 
1 88  TYR n 
1 89  ASP n 
1 90  ASP n 
1 91  PHE n 
1 92  THR n 
1 93  ALA n 
1 94  LEU n 
1 95  ASP n 
1 96  LYS n 
1 97  THR n 
1 98  SER n 
1 99  GLU n 
1 100 TYR n 
1 101 PHE n 
1 102 ASP n 
1 103 PRO n 
1 104 LYS n 
1 105 ALA n 
1 106 THR n 
1 107 LYS n 
1 108 GLU n 
1 109 LYS n 
1 110 ASN n 
1 111 PRO n 
1 112 TRP n 
1 113 LYS n 
1 114 MET n 
1 115 VAL n 
1 116 ASP n 
1 117 VAL n 
1 118 LYS n 
1 119 PHE n 
1 120 VAL n 
1 121 ALA n 
1 122 ARG n 
1 123 TRP n 
1 124 ASP n 
1 125 THR n 
1 126 VAL n 
1 127 LEU n 
1 128 THR n 
1 129 LEU n 
1 130 HIS n 
1 131 GLU n 
1 132 LEU n 
1 133 LYS n 
1 134 SER n 
1 135 ARG n 
1 136 ARG n 
1 137 GLU n 
1 138 LEU n 
1 139 GLN n 
1 140 LYS n 
1 141 MET n 
1 142 ALA n 
1 143 LEU n 
1 144 PHE n 
1 145 THR n 
1 146 GLN n 
1 147 ARG n 
1 148 ARG n 
1 149 LEU n 
1 150 SER n 
1 151 VAL n 
1 152 GLN n 
1 153 PRO n 
1 154 VAL n 
1 155 SER n 
1 156 ALA n 
1 157 SER n 
1 158 GLU n 
1 159 TYR n 
1 160 ALA n 
1 161 TYR n 
1 162 ILE n 
1 163 LEU n 
1 164 ARG n 
1 165 MET n 
1 166 ASN n 
1 167 GLU n 
1 168 GLU n 
1 169 GLN n 
1 170 GLN n 
1 171 ARG n 
1 172 LYS n 
# 
_entity_src_gen.entity_id                          1 
_entity_src_gen.pdbx_src_id                        1 
_entity_src_gen.pdbx_alt_source_flag               sample 
_entity_src_gen.pdbx_seq_type                      ? 
_entity_src_gen.pdbx_beg_seq_num                   ? 
_entity_src_gen.pdbx_end_seq_num                   ? 
_entity_src_gen.gene_src_common_name               ? 
_entity_src_gen.gene_src_genus                     Leishmania 
_entity_src_gen.pdbx_gene_src_gene                 LmjF36.6870 
_entity_src_gen.gene_src_species                   ? 
_entity_src_gen.gene_src_strain                    ? 
_entity_src_gen.gene_src_tissue                    ? 
_entity_src_gen.gene_src_tissue_fraction           ? 
_entity_src_gen.gene_src_details                   ? 
_entity_src_gen.pdbx_gene_src_fragment             ? 
_entity_src_gen.pdbx_gene_src_scientific_name      'Leishmania major' 
_entity_src_gen.pdbx_gene_src_ncbi_taxonomy_id     5664 
_entity_src_gen.pdbx_gene_src_variant              ? 
_entity_src_gen.pdbx_gene_src_cell_line            ? 
_entity_src_gen.pdbx_gene_src_atcc                 ? 
_entity_src_gen.pdbx_gene_src_organ                ? 
_entity_src_gen.pdbx_gene_src_organelle            ? 
_entity_src_gen.pdbx_gene_src_cell                 ? 
_entity_src_gen.pdbx_gene_src_cellular_location    ? 
_entity_src_gen.host_org_common_name               ? 
_entity_src_gen.pdbx_host_org_scientific_name      'Escherichia coli' 
_entity_src_gen.pdbx_host_org_ncbi_taxonomy_id     562 
_entity_src_gen.host_org_genus                     Escherichia 
_entity_src_gen.pdbx_host_org_gene                 ? 
_entity_src_gen.pdbx_host_org_organ                ? 
_entity_src_gen.host_org_species                   ? 
_entity_src_gen.pdbx_host_org_tissue               ? 
_entity_src_gen.pdbx_host_org_tissue_fraction      ? 
_entity_src_gen.pdbx_host_org_strain               ? 
_entity_src_gen.pdbx_host_org_variant              ? 
_entity_src_gen.pdbx_host_org_cell_line            ? 
_entity_src_gen.pdbx_host_org_atcc                 ? 
_entity_src_gen.pdbx_host_org_culture_collection   ? 
_entity_src_gen.pdbx_host_org_cell                 ? 
_entity_src_gen.pdbx_host_org_organelle            ? 
_entity_src_gen.pdbx_host_org_cellular_location    ? 
_entity_src_gen.pdbx_host_org_vector_type          PLASMID 
_entity_src_gen.pdbx_host_org_vector               ? 
_entity_src_gen.host_org_details                   ? 
_entity_src_gen.expression_system_id               ? 
_entity_src_gen.plasmid_name                       PET3A 
_entity_src_gen.plasmid_details                    ? 
_entity_src_gen.pdbx_description                   ? 
# 
loop_
_chem_comp.id 
_chem_comp.type 
_chem_comp.mon_nstd_flag 
_chem_comp.name 
_chem_comp.pdbx_synonyms 
_chem_comp.formula 
_chem_comp.formula_weight 
ALA 'L-peptide linking' y ALANINE         ?                               'C3 H7 N O2'     89.093  
ARG 'L-peptide linking' y ARGININE        ?                               'C6 H15 N4 O2 1' 175.209 
ASN 'L-peptide linking' y ASPARAGINE      ?                               'C4 H8 N2 O3'    132.118 
ASP 'L-peptide linking' y 'ASPARTIC ACID' ?                               'C4 H7 N O4'     133.103 
GLN 'L-peptide linking' y GLUTAMINE       ?                               'C5 H10 N2 O3'   146.144 
GLU 'L-peptide linking' y 'GLUTAMIC ACID' ?                               'C5 H9 N O4'     147.129 
GLY 'peptide linking'   y GLYCINE         ?                               'C2 H5 N O2'     75.067  
GOL non-polymer         . GLYCEROL        'GLYCERIN; PROPANE-1,2,3-TRIOL' 'C3 H8 O3'       92.094  
HIS 'L-peptide linking' y HISTIDINE       ?                               'C6 H10 N3 O2 1' 156.162 
HOH non-polymer         . WATER           ?                               'H2 O'           18.015  
ILE 'L-peptide linking' y ISOLEUCINE      ?                               'C6 H13 N O2'    131.173 
LEU 'L-peptide linking' y LEUCINE         ?                               'C6 H13 N O2'    131.173 
LYS 'L-peptide linking' y LYSINE          ?                               'C6 H15 N2 O2 1' 147.195 
MET 'L-peptide linking' y METHIONINE      ?                               'C5 H11 N O2 S'  149.211 
PHE 'L-peptide linking' y PHENYLALANINE   ?                               'C9 H11 N O2'    165.189 
PRO 'L-peptide linking' y PROLINE         ?                               'C5 H9 N O2'     115.130 
SER 'L-peptide linking' y SERINE          ?                               'C3 H7 N O3'     105.093 
THR 'L-peptide linking' y THREONINE       ?                               'C4 H9 N O3'     119.119 
TRP 'L-peptide linking' y TRYPTOPHAN      ?                               'C11 H12 N2 O2'  204.225 
TYR 'L-peptide linking' y TYROSINE        ?                               'C9 H11 N O3'    181.189 
VAL 'L-peptide linking' y VALINE          ?                               'C5 H11 N O2'    117.146 
# 
loop_
_pdbx_poly_seq_scheme.asym_id 
_pdbx_poly_seq_scheme.entity_id 
_pdbx_poly_seq_scheme.seq_id 
_pdbx_poly_seq_scheme.mon_id 
_pdbx_poly_seq_scheme.ndb_seq_num 
_pdbx_poly_seq_scheme.pdb_seq_num 
_pdbx_poly_seq_scheme.auth_seq_num 
_pdbx_poly_seq_scheme.pdb_mon_id 
_pdbx_poly_seq_scheme.auth_mon_id 
_pdbx_poly_seq_scheme.pdb_strand_id 
_pdbx_poly_seq_scheme.pdb_ins_code 
_pdbx_poly_seq_scheme.hetero 
A 1 1   MET 1   -7  ?   ?   ?   A . n 
A 1 2   ALA 2   -6  ?   ?   ?   A . n 
A 1 3   HIS 3   -5  ?   ?   ?   A . n 
A 1 4   HIS 4   -4  ?   ?   ?   A . n 
A 1 5   HIS 5   -3  ?   ?   ?   A . n 
A 1 6   HIS 6   -2  ?   ?   ?   A . n 
A 1 7   HIS 7   -1  ?   ?   ?   A . n 
A 1 8   HIS 8   0   ?   ?   ?   A . n 
A 1 9   MET 9   1   ?   ?   ?   A . n 
A 1 10  SER 10  2   ?   ?   ?   A . n 
A 1 11  ARG 11  3   ?   ?   ?   A . n 
A 1 12  LYS 12  4   ?   ?   ?   A . n 
A 1 13  ARG 13  5   ?   ?   ?   A . n 
A 1 14  VAL 14  6   ?   ?   ?   A . n 
A 1 15  ARG 15  7   7   ARG ARG A . n 
A 1 16  ALA 16  8   8   ALA ALA A . n 
A 1 17  GLU 17  9   9   GLU GLU A . n 
A 1 18  ASP 18  10  10  ASP ASP A . n 
A 1 19  ILE 19  11  11  ILE ILE A . n 
A 1 20  HIS 20  12  12  HIS HIS A . n 
A 1 21  TYR 21  13  13  TYR TYR A . n 
A 1 22  TRP 22  14  14  TRP TRP A . n 
A 1 23  LEU 23  15  15  LEU LEU A . n 
A 1 24  LEU 24  16  16  LEU LEU A . n 
A 1 25  LYS 25  17  17  LYS LYS A . n 
A 1 26  SER 26  18  18  SER SER A . n 
A 1 27  GLU 27  19  19  GLU GLU A . n 
A 1 28  PRO 28  20  20  PRO PRO A . n 
A 1 29  HIS 29  21  21  HIS HIS A . n 
A 1 30  LYS 30  22  22  LYS LYS A . n 
A 1 31  PHE 31  23  23  PHE PHE A . n 
A 1 32  SER 32  24  24  SER SER A . n 
A 1 33  ILE 33  25  25  ILE ILE A . n 
A 1 34  ASP 34  26  26  ASP ASP A . n 
A 1 35  ASP 35  27  27  ASP ASP A . n 
A 1 36  LEU 36  28  28  LEU LEU A . n 
A 1 37  ALA 37  29  29  ALA ALA A . n 
A 1 38  LYS 38  30  30  LYS LYS A . n 
A 1 39  GLN 39  31  31  GLN GLN A . n 
A 1 40  LYS 40  32  32  LYS LYS A . n 
A 1 41  THR 41  33  33  THR THR A . n 
A 1 42  SER 42  34  34  SER SER A . n 
A 1 43  PRO 43  35  35  PRO PRO A . n 
A 1 44  TRP 44  36  36  TRP TRP A . n 
A 1 45  ASP 45  37  37  ASP ASP A . n 
A 1 46  GLY 46  38  38  GLY GLY A . n 
A 1 47  VAL 47  39  39  VAL VAL A . n 
A 1 48  ARG 48  40  40  ARG ARG A . n 
A 1 49  ASN 49  41  41  ASN ASN A . n 
A 1 50  TYR 50  42  42  TYR TYR A . n 
A 1 51  ALA 51  43  43  ALA ALA A . n 
A 1 52  ALA 52  44  44  ALA ALA A . n 
A 1 53  ARG 53  45  45  ARG ARG A . n 
A 1 54  ASN 54  46  46  ASN ASN A . n 
A 1 55  ASN 55  47  47  ASN ASN A . n 
A 1 56  MET 56  48  48  MET MET A . n 
A 1 57  ARG 57  49  49  ARG ARG A . n 
A 1 58  ALA 58  50  50  ALA ALA A . n 
A 1 59  MET 59  51  51  MET MET A . n 
A 1 60  SER 60  52  52  SER SER A . n 
A 1 61  VAL 61  53  53  VAL VAL A . n 
A 1 62  GLY 62  54  54  GLY GLY A . n 
A 1 63  ASP 63  55  55  ASP ASP A . n 
A 1 64  LYS 64  56  56  LYS LYS A . n 
A 1 65  VAL 65  57  57  VAL VAL A . n 
A 1 66  LEU 66  58  58  LEU LEU A . n 
A 1 67  PHE 67  59  59  PHE PHE A . n 
A 1 68  TYR 68  60  60  TYR TYR A . n 
A 1 69  HIS 69  61  61  HIS HIS A . n 
A 1 70  SER 70  62  62  SER SER A . n 
A 1 71  ASN 71  63  63  ASN ASN A . n 
A 1 72  THR 72  64  64  THR THR A . n 
A 1 73  LYS 73  65  65  LYS LYS A . n 
A 1 74  GLU 74  66  66  GLU GLU A . n 
A 1 75  PRO 75  67  67  PRO PRO A . n 
A 1 76  GLY 76  68  68  GLY GLY A . n 
A 1 77  VAL 77  69  69  VAL VAL A . n 
A 1 78  ALA 78  70  70  ALA ALA A . n 
A 1 79  GLY 79  71  71  GLY GLY A . n 
A 1 80  LEU 80  72  72  LEU LEU A . n 
A 1 81  ALA 81  73  73  ALA ALA A . n 
A 1 82  GLU 82  74  74  GLU GLU A . n 
A 1 83  VAL 83  75  75  VAL VAL A . n 
A 1 84  VAL 84  76  76  VAL VAL A . n 
A 1 85  ARG 85  77  77  ARG ARG A . n 
A 1 86  LEU 86  78  78  LEU LEU A . n 
A 1 87  ALA 87  79  79  ALA ALA A . n 
A 1 88  TYR 88  80  80  TYR TYR A . n 
A 1 89  ASP 89  81  81  ASP ASP A . n 
A 1 90  ASP 90  82  82  ASP ASP A . n 
A 1 91  PHE 91  83  83  PHE PHE A . n 
A 1 92  THR 92  84  84  THR THR A . n 
A 1 93  ALA 93  85  85  ALA ALA A . n 
A 1 94  LEU 94  86  86  LEU LEU A . n 
A 1 95  ASP 95  87  87  ASP ASP A . n 
A 1 96  LYS 96  88  88  LYS LYS A . n 
A 1 97  THR 97  89  89  THR THR A . n 
A 1 98  SER 98  90  90  SER SER A . n 
A 1 99  GLU 99  91  91  GLU GLU A . n 
A 1 100 TYR 100 92  92  TYR TYR A . n 
A 1 101 PHE 101 93  93  PHE PHE A . n 
A 1 102 ASP 102 94  94  ASP ASP A . n 
A 1 103 PRO 103 95  95  PRO PRO A . n 
A 1 104 LYS 104 96  96  LYS LYS A . n 
A 1 105 ALA 105 97  97  ALA ALA A . n 
A 1 106 THR 106 98  98  THR THR A . n 
A 1 107 LYS 107 99  99  LYS LYS A . n 
A 1 108 GLU 108 100 100 GLU GLU A . n 
A 1 109 LYS 109 101 101 LYS LYS A . n 
A 1 110 ASN 110 102 102 ASN ASN A . n 
A 1 111 PRO 111 103 103 PRO PRO A . n 
A 1 112 TRP 112 104 104 TRP TRP A . n 
A 1 113 LYS 113 105 105 LYS LYS A . n 
A 1 114 MET 114 106 106 MET MET A . n 
A 1 115 VAL 115 107 107 VAL VAL A . n 
A 1 116 ASP 116 108 108 ASP ASP A . n 
A 1 117 VAL 117 109 109 VAL VAL A . n 
A 1 118 LYS 118 110 110 LYS LYS A . n 
A 1 119 PHE 119 111 111 PHE PHE A . n 
A 1 120 VAL 120 112 112 VAL VAL A . n 
A 1 121 ALA 121 113 113 ALA ALA A . n 
A 1 122 ARG 122 114 114 ARG ARG A . n 
A 1 123 TRP 123 115 115 TRP TRP A . n 
A 1 124 ASP 124 116 116 ASP ASP A . n 
A 1 125 THR 125 117 117 THR THR A . n 
A 1 126 VAL 126 118 118 VAL VAL A . n 
A 1 127 LEU 127 119 119 LEU LEU A . n 
A 1 128 THR 128 120 120 THR THR A . n 
A 1 129 LEU 129 121 121 LEU LEU A . n 
A 1 130 HIS 130 122 122 HIS HIS A . n 
A 1 131 GLU 131 123 123 GLU GLU A . n 
A 1 132 LEU 132 124 124 LEU LEU A . n 
A 1 133 LYS 133 125 125 LYS LYS A . n 
A 1 134 SER 134 126 126 SER SER A . n 
A 1 135 ARG 135 127 127 ARG ARG A . n 
A 1 136 ARG 136 128 128 ARG ARG A . n 
A 1 137 GLU 137 129 129 GLU GLU A . n 
A 1 138 LEU 138 130 130 LEU LEU A . n 
A 1 139 GLN 139 131 131 GLN GLN A . n 
A 1 140 LYS 140 132 132 LYS LYS A . n 
A 1 141 MET 141 133 133 MET MET A . n 
A 1 142 ALA 142 134 134 ALA ALA A . n 
A 1 143 LEU 143 135 135 LEU LEU A . n 
A 1 144 PHE 144 136 136 PHE PHE A . n 
A 1 145 THR 145 137 137 THR THR A . n 
A 1 146 GLN 146 138 138 GLN GLN A . n 
A 1 147 ARG 147 139 139 ARG ARG A . n 
A 1 148 ARG 148 140 140 ARG ARG A . n 
A 1 149 LEU 149 141 141 LEU LEU A . n 
A 1 150 SER 150 142 142 SER SER A . n 
A 1 151 VAL 151 143 143 VAL VAL A . n 
A 1 152 GLN 152 144 144 GLN GLN A . n 
A 1 153 PRO 153 145 145 PRO PRO A . n 
A 1 154 VAL 154 146 146 VAL VAL A . n 
A 1 155 SER 155 147 147 SER SER A . n 
A 1 156 ALA 156 148 148 ALA ALA A . n 
A 1 157 SER 157 149 149 SER SER A . n 
A 1 158 GLU 158 150 150 GLU GLU A . n 
A 1 159 TYR 159 151 151 TYR TYR A . n 
A 1 160 ALA 160 152 152 ALA ALA A . n 
A 1 161 TYR 161 153 153 TYR TYR A . n 
A 1 162 ILE 162 154 154 ILE ILE A . n 
A 1 163 LEU 163 155 155 LEU LEU A . n 
A 1 164 ARG 164 156 156 ARG ARG A . n 
A 1 165 MET 165 157 157 MET MET A . n 
A 1 166 ASN 166 158 158 ASN ASN A . n 
A 1 167 GLU 167 159 159 GLU GLU A . n 
A 1 168 GLU 168 160 160 GLU GLU A . n 
A 1 169 GLN 169 161 161 GLN GLN A . n 
A 1 170 GLN 170 162 162 GLN GLN A . n 
A 1 171 ARG 171 163 163 ARG ARG A . n 
A 1 172 LYS 172 164 ?   ?   ?   A . n 
# 
loop_
_pdbx_nonpoly_scheme.asym_id 
_pdbx_nonpoly_scheme.entity_id 
_pdbx_nonpoly_scheme.mon_id 
_pdbx_nonpoly_scheme.ndb_seq_num 
_pdbx_nonpoly_scheme.pdb_seq_num 
_pdbx_nonpoly_scheme.auth_seq_num 
_pdbx_nonpoly_scheme.pdb_mon_id 
_pdbx_nonpoly_scheme.auth_mon_id 
_pdbx_nonpoly_scheme.pdb_strand_id 
_pdbx_nonpoly_scheme.pdb_ins_code 
B 2 GOL 1  301 301 GOL GOL A . 
C 3 HOH 1  302 1   HOH HOH A . 
C 3 HOH 2  303 2   HOH HOH A . 
C 3 HOH 3  304 3   HOH HOH A . 
C 3 HOH 4  305 4   HOH HOH A . 
C 3 HOH 5  306 5   HOH HOH A . 
C 3 HOH 6  307 6   HOH HOH A . 
C 3 HOH 7  308 7   HOH HOH A . 
C 3 HOH 8  309 8   HOH HOH A . 
C 3 HOH 9  310 9   HOH HOH A . 
C 3 HOH 10 311 10  HOH HOH A . 
C 3 HOH 11 312 11  HOH HOH A . 
C 3 HOH 12 313 12  HOH HOH A . 
C 3 HOH 13 314 13  HOH HOH A . 
C 3 HOH 14 315 14  HOH HOH A . 
C 3 HOH 15 316 15  HOH HOH A . 
C 3 HOH 16 317 16  HOH HOH A . 
C 3 HOH 17 318 17  HOH HOH A . 
C 3 HOH 18 319 18  HOH HOH A . 
C 3 HOH 19 320 19  HOH HOH A . 
C 3 HOH 20 321 20  HOH HOH A . 
C 3 HOH 21 322 21  HOH HOH A . 
C 3 HOH 22 323 22  HOH HOH A . 
C 3 HOH 23 324 23  HOH HOH A . 
C 3 HOH 24 325 24  HOH HOH A . 
C 3 HOH 25 326 25  HOH HOH A . 
C 3 HOH 26 327 26  HOH HOH A . 
C 3 HOH 27 328 27  HOH HOH A . 
C 3 HOH 28 329 28  HOH HOH A . 
C 3 HOH 29 330 29  HOH HOH A . 
C 3 HOH 30 331 30  HOH HOH A . 
C 3 HOH 31 332 31  HOH HOH A . 
C 3 HOH 32 333 32  HOH HOH A . 
C 3 HOH 33 334 33  HOH HOH A . 
C 3 HOH 34 335 34  HOH HOH A . 
C 3 HOH 35 336 35  HOH HOH A . 
C 3 HOH 36 337 36  HOH HOH A . 
C 3 HOH 37 338 37  HOH HOH A . 
C 3 HOH 38 339 38  HOH HOH A . 
C 3 HOH 39 340 39  HOH HOH A . 
C 3 HOH 40 341 40  HOH HOH A . 
C 3 HOH 41 342 41  HOH HOH A . 
C 3 HOH 42 343 42  HOH HOH A . 
C 3 HOH 43 344 43  HOH HOH A . 
C 3 HOH 44 345 44  HOH HOH A . 
C 3 HOH 45 346 45  HOH HOH A . 
C 3 HOH 46 347 46  HOH HOH A . 
C 3 HOH 47 348 47  HOH HOH A . 
C 3 HOH 48 349 48  HOH HOH A . 
C 3 HOH 49 350 49  HOH HOH A . 
C 3 HOH 50 351 50  HOH HOH A . 
C 3 HOH 51 352 51  HOH HOH A . 
C 3 HOH 52 353 52  HOH HOH A . 
C 3 HOH 53 354 53  HOH HOH A . 
C 3 HOH 54 355 55  HOH HOH A . 
C 3 HOH 55 356 56  HOH HOH A . 
C 3 HOH 56 357 58  HOH HOH A . 
C 3 HOH 57 358 59  HOH HOH A . 
C 3 HOH 58 359 60  HOH HOH A . 
C 3 HOH 59 360 61  HOH HOH A . 
C 3 HOH 60 361 62  HOH HOH A . 
C 3 HOH 61 362 63  HOH HOH A . 
C 3 HOH 62 363 64  HOH HOH A . 
C 3 HOH 63 364 65  HOH HOH A . 
C 3 HOH 64 365 66  HOH HOH A . 
C 3 HOH 65 366 67  HOH HOH A . 
C 3 HOH 66 367 68  HOH HOH A . 
C 3 HOH 67 368 69  HOH HOH A . 
C 3 HOH 68 369 71  HOH HOH A . 
C 3 HOH 69 370 72  HOH HOH A . 
C 3 HOH 70 371 74  HOH HOH A . 
C 3 HOH 71 372 75  HOH HOH A . 
C 3 HOH 72 373 76  HOH HOH A . 
C 3 HOH 73 374 77  HOH HOH A . 
C 3 HOH 74 375 78  HOH HOH A . 
C 3 HOH 75 376 79  HOH HOH A . 
C 3 HOH 76 377 80  HOH HOH A . 
C 3 HOH 77 378 81  HOH HOH A . 
C 3 HOH 78 379 82  HOH HOH A . 
C 3 HOH 79 380 83  HOH HOH A . 
C 3 HOH 80 381 84  HOH HOH A . 
C 3 HOH 81 382 85  HOH HOH A . 
C 3 HOH 82 383 86  HOH HOH A . 
C 3 HOH 83 384 87  HOH HOH A . 
C 3 HOH 84 385 88  HOH HOH A . 
C 3 HOH 85 386 89  HOH HOH A . 
C 3 HOH 86 387 90  HOH HOH A . 
C 3 HOH 87 388 91  HOH HOH A . 
C 3 HOH 88 389 92  HOH HOH A . 
C 3 HOH 89 390 93  HOH HOH A . 
C 3 HOH 90 391 94  HOH HOH A . 
C 3 HOH 91 392 96  HOH HOH A . 
C 3 HOH 92 393 97  HOH HOH A . 
C 3 HOH 93 394 98  HOH HOH A . 
C 3 HOH 94 395 99  HOH HOH A . 
C 3 HOH 95 396 100 HOH HOH A . 
C 3 HOH 96 397 101 HOH HOH A . 
C 3 HOH 97 398 103 HOH HOH A . 
C 3 HOH 98 399 105 HOH HOH A . 
C 3 HOH 99 400 201 HOH HOH A . 
# 
loop_
_software.contact_author_email 
_software.name 
_software.classification 
_software.contact_author 
_software.citation_id 
_software.language 
_software.version 
_software.location 
_software.date 
_software.type 
_software.description 
_software.pdbx_ordinal 
zbyszek@mix.swmed.edu    DENZO       'data reduction'  'Zbyszek Otwinowski' ? ?       .                            
http://www.lnls.br/infra/linhasluz/denzo-hkl.htm ?               package . 1 
zbyszek@mix.swmed.edu    SCALEPACK   'data scaling'    'Zbyszek Otwinowski' ? ?       .                            
http://www.lnls.br/infra/linhasluz/denzo-hkl.htm ?               package . 2 
sw-help@rcsb.rutgers.edu PDB_EXTRACT 'data extraction' PDB                  ? C++     1.600                        
http://pdb.rutgers.edu/software/                 'Jan. 30, 2005' package . 3 
alexei@ysbl.york.ac.uk   MOLREP      phasing           'A. Vagin'           ? Fortran .                            
http://www.ccp4.ac.uk/dist/html/molrep.html      ?               program . 4 
garib@ysbl.york.ac.uk    REFMAC      refinement        'Garib N. Murshudov' ? .       'refmac_5.2.0005 24/04/2001' . . .       
'(un)restrained refinement or idealisation of macromolecularstructures' 5 
# 
_cell.entry_id           2AR1 
_cell.length_a           31.199 
_cell.length_b           64.607 
_cell.length_c           72.559 
_cell.angle_alpha        90.00 
_cell.angle_beta         90.00 
_cell.angle_gamma        90.00 
_cell.Z_PDB              4 
_cell.pdbx_unique_axis   ? 
# 
_symmetry.entry_id                         2AR1 
_symmetry.space_group_name_H-M             'P 21 21 2' 
_symmetry.pdbx_full_space_group_name_H-M   ? 
_symmetry.cell_setting                     ? 
_symmetry.Int_Tables_number                18 
_symmetry.space_group_name_Hall            ? 
# 
_exptl.entry_id          2AR1 
_exptl.crystals_number   1 
_exptl.method            'X-RAY DIFFRACTION' 
# 
_exptl_crystal.id                    1 
_exptl_crystal.density_Matthews      1.8 
_exptl_crystal.density_meas          ? 
_exptl_crystal.density_percent_sol   31.4 
_exptl_crystal.description           ? 
_exptl_crystal.F_000                 ? 
_exptl_crystal.preparation           ? 
# 
_exptl_crystal_grow.method          'VAPOR DIFFUSION, SITTING DROP' 
_exptl_crystal_grow.pH              6.0 
_exptl_crystal_grow.temp            273 
_exptl_crystal_grow.pdbx_details    
;1.0 ul protein 8.2 mg/ml
1.0 ul crystallization buffer 2.8 M Na Malonate, pH 6.0, VAPOR DIFFUSION, SITTING DROP, temperature 273K
;
_exptl_crystal_grow.crystal_id      1 
_exptl_crystal_grow.temp_details    ? 
_exptl_crystal_grow.pdbx_pH_range   . 
# 
_diffrn.id                     1 
_diffrn.ambient_temp           100.0 
_diffrn.ambient_temp_details   ? 
_diffrn.crystal_id             1 
# 
_diffrn_detector.diffrn_id              1 
_diffrn_detector.detector               CCD 
_diffrn_detector.type                   'ADSC QUANTUM 210' 
_diffrn_detector.pdbx_collection_date   2004-12-02 
_diffrn_detector.details                ? 
# 
_diffrn_radiation.diffrn_id                        1 
_diffrn_radiation.pdbx_diffrn_protocol             'SINGLE WAVELENGTH' 
_diffrn_radiation.monochromator                    ? 
_diffrn_radiation.wavelength_id                    1 
_diffrn_radiation.pdbx_monochromatic_or_laue_m_l   M 
_diffrn_radiation.pdbx_scattering_type             x-ray 
# 
_diffrn_radiation_wavelength.id           1 
_diffrn_radiation_wavelength.wavelength   0.976 
_diffrn_radiation_wavelength.wt           1.0 
# 
_diffrn_source.diffrn_id                   1 
_diffrn_source.source                      SYNCHROTRON 
_diffrn_source.type                        'SSRL BEAMLINE BL11-3' 
_diffrn_source.pdbx_wavelength_list        ? 
_diffrn_source.pdbx_synchrotron_site       SSRL 
_diffrn_source.pdbx_synchrotron_beamline   BL11-3 
_diffrn_source.pdbx_wavelength             0.976 
# 
_reflns.observed_criterion_sigma_F   0 
_reflns.observed_criterion_sigma_I   0 
_reflns.d_resolution_high            1.60 
_reflns.d_resolution_low             50.00 
_reflns.B_iso_Wilson_estimate        ? 
_reflns.pdbx_redundancy              2.900 
_reflns.pdbx_netI_over_sigmaI        10.068 
_reflns.pdbx_scaling_rejects         ? 
_reflns.number_obs                   18997 
_reflns.percent_possible_obs         95.300 
_reflns.pdbx_Rsym_value              ? 
_reflns.entry_id                     2AR1 
_reflns.pdbx_Rmerge_I_obs            0.041 
_reflns.pdbx_chi_squared             1.077 
_reflns.number_all                   19933 
_reflns.R_free_details               ? 
_reflns.limit_h_max                  ? 
_reflns.limit_h_min                  ? 
_reflns.limit_k_max                  ? 
_reflns.limit_k_min                  ? 
_reflns.limit_l_max                  ? 
_reflns.limit_l_min                  ? 
_reflns.observed_criterion_F_max     ? 
_reflns.observed_criterion_F_min     ? 
_reflns.pdbx_ordinal                 1 
_reflns.pdbx_diffrn_id               1 
# 
loop_
_reflns_shell.d_res_high 
_reflns_shell.d_res_low 
_reflns_shell.percent_possible_all 
_reflns_shell.Rmerge_I_obs 
_reflns_shell.meanI_over_sigI_obs 
_reflns_shell.pdbx_redundancy 
_reflns_shell.number_unique_all 
_reflns_shell.number_unique_obs 
_reflns_shell.percent_possible_obs 
_reflns_shell.pdbx_Rsym_value 
_reflns_shell.number_measured_obs 
_reflns_shell.pdbx_chi_squared 
_reflns_shell.number_measured_all 
_reflns_shell.pdbx_ordinal 
_reflns_shell.pdbx_diffrn_id 
1.60 1.65  . 0.693 1.603  . . ? 94.600 ? 1558 0.955 ? 1  1 
1.65 1.70  . 0.55  2.000  . . ? 95.100 ? 1528 0.902 ? 2  1 
1.70 1.76  . 0.405 2.791  . . ? 93.900 ? 1518 1.052 ? 3  1 
1.76 1.83  . 0.322 3.463  . . ? 93.800 ? 1564 1.069 ? 4  1 
1.83 1.91  . 0.229 4.771  . . ? 92.600 ? 1493 1.059 ? 5  1 
1.91 2.02  . 0.152 6.609  . . ? 92.400 ? 1500 1.076 ? 6  1 
2.02 2.14  . 0.099 9.203  . . ? 93.300 ? 1533 1.146 ? 7  1 
2.14 2.31  . 0.077 11.466 . . ? 96.300 ? 1602 1.261 ? 8  1 
2.31 2.54  . 0.06  13.958 . . ? 97.500 ? 1624 1.173 ? 9  1 
2.54 2.91  . 0.044 17.446 . . ? 98.700 ? 1654 1.110 ? 10 1 
2.91 3.66  . 0.03  22.918 . . ? 98.900 ? 1676 0.995 ? 11 1 
3.66 50.00 . 0.021 31.852 . . ? 96.200 ? 1747 1.122 ? 12 1 
# 
_refine.entry_id                                 2AR1 
_refine.ls_d_res_high                            1.602 
_refine.ls_d_res_low                             29.514 
_refine.pdbx_ls_sigma_F                          0.0 
_refine.pdbx_ls_sigma_I                          ? 
_refine.ls_number_reflns_all                     18995 
_refine.ls_number_reflns_obs                     18995 
_refine.ls_number_reflns_R_free                  974 
_refine.ls_R_factor_all                          0.187 
_refine.ls_R_factor_obs                          0.187 
_refine.ls_R_factor_R_work                       0.185 
_refine.ls_R_factor_R_free                       0.2294 
_refine.pdbx_method_to_determine_struct          'MOLECULAR REPLACEMENT' 
_refine.pdbx_starting_model                      'low resolution MAD structure' 
_refine.pdbx_ls_cross_valid_method               THROUGHOUT 
_refine.pdbx_R_Free_selection_details            random 
_refine.pdbx_stereochemistry_target_values       'Engh & Huber' 
_refine.pdbx_isotropic_thermal_model             isotropic 
_refine.B_iso_mean                               19.803 
_refine.aniso_B[1][1]                            0.517 
_refine.aniso_B[1][2]                            0.000 
_refine.aniso_B[1][3]                            0.000 
_refine.aniso_B[2][2]                            0.395 
_refine.aniso_B[2][3]                            0.000 
_refine.aniso_B[3][3]                            -0.912 
_refine.details                                  ? 
_refine.solvent_model_details                    ? 
_refine.pdbx_solvent_vdw_probe_radii             ? 
_refine.pdbx_solvent_ion_probe_radii             ? 
_refine.pdbx_solvent_shrinkage_radii             ? 
_refine.ls_wR_factor_R_work                      ? 
_refine.ls_wR_factor_R_free                      ? 
_refine.ls_percent_reflns_obs                    94.913 
_refine.ls_percent_reflns_R_free                 5.128 
_refine.correlation_coeff_Fo_to_Fc               0.967 
_refine.correlation_coeff_Fo_to_Fc_free          0.947 
_refine.pdbx_overall_ESU_R                       0.103 
_refine.pdbx_overall_ESU_R_Free                  0.106 
_refine.ls_redundancy_reflns_obs                 ? 
_refine.pdbx_data_cutoff_high_absF               ? 
_refine.pdbx_data_cutoff_low_absF                ? 
_refine.ls_number_parameters                     ? 
_refine.ls_number_restraints                     ? 
_refine.ls_R_factor_R_free_error                 ? 
_refine.ls_R_factor_R_free_error_details         ? 
_refine.pdbx_stereochem_target_val_spec_case     ? 
_refine.solvent_model_param_bsol                 ? 
_refine.solvent_model_param_ksol                 ? 
_refine.occupancy_max                            ? 
_refine.occupancy_min                            ? 
_refine.B_iso_min                                ? 
_refine.B_iso_max                                ? 
_refine.overall_SU_R_Cruickshank_DPI             0.103 
_refine.overall_SU_R_free                        0.106 
_refine.overall_SU_ML                            0.107 
_refine.overall_SU_B                             6.425 
_refine.pdbx_data_cutoff_high_rms_absF           ? 
_refine.overall_FOM_free_R_set                   ? 
_refine.overall_FOM_work_R_set                   ? 
_refine.pdbx_refine_id                           'X-RAY DIFFRACTION' 
_refine.pdbx_TLS_residual_ADP_flag               'LIKELY RESIDUAL' 
_refine.pdbx_diffrn_id                           1 
_refine.pdbx_overall_phase_error                 ? 
_refine.pdbx_overall_SU_R_free_Cruickshank_DPI   ? 
_refine.pdbx_overall_SU_R_Blow_DPI               ? 
_refine.pdbx_overall_SU_R_free_Blow_DPI          ? 
# 
_refine_hist.pdbx_refine_id                   'X-RAY DIFFRACTION' 
_refine_hist.cycle_id                         LAST 
_refine_hist.pdbx_number_atoms_protein        1297 
_refine_hist.pdbx_number_atoms_nucleic_acid   0 
_refine_hist.pdbx_number_atoms_ligand         6 
_refine_hist.number_atoms_solvent             99 
_refine_hist.number_atoms_total               1402 
_refine_hist.d_res_high                       1.602 
_refine_hist.d_res_low                        29.514 
# 
loop_
_refine_ls_restr.type 
_refine_ls_restr.dev_ideal 
_refine_ls_restr.number 
_refine_ls_restr.dev_ideal_target 
_refine_ls_restr.weight 
_refine_ls_restr.pdbx_refine_id 
_refine_ls_restr.pdbx_restraint_function 
r_bond_refined_d         0.021  1332 0.022  ? 'X-RAY DIFFRACTION' ? 
r_bond_other_d           0.005  1200 0.020  ? 'X-RAY DIFFRACTION' ? 
r_angle_refined_deg      1.927  1796 1.948  ? 'X-RAY DIFFRACTION' ? 
r_angle_other_deg        0.917  2791 3.000  ? 'X-RAY DIFFRACTION' ? 
r_dihedral_angle_1_deg   6.669  156  5.000  ? 'X-RAY DIFFRACTION' ? 
r_dihedral_angle_2_deg   33.257 67   23.284 ? 'X-RAY DIFFRACTION' ? 
r_dihedral_angle_3_deg   14.551 243  15.000 ? 'X-RAY DIFFRACTION' ? 
r_dihedral_angle_4_deg   16.553 12   15.000 ? 'X-RAY DIFFRACTION' ? 
r_chiral_restr           0.118  190  0.200  ? 'X-RAY DIFFRACTION' ? 
r_gen_planes_refined     0.010  1456 0.020  ? 'X-RAY DIFFRACTION' ? 
r_gen_planes_other       0.001  284  0.020  ? 'X-RAY DIFFRACTION' ? 
r_nbd_refined            0.220  270  0.200  ? 'X-RAY DIFFRACTION' ? 
r_nbd_other              0.209  1232 0.200  ? 'X-RAY DIFFRACTION' ? 
r_nbtor_refined          0.184  640  0.200  ? 'X-RAY DIFFRACTION' ? 
r_nbtor_other            0.088  765  0.200  ? 'X-RAY DIFFRACTION' ? 
r_xyhbond_nbd_refined    0.154  75   0.200  ? 'X-RAY DIFFRACTION' ? 
r_symmetry_vdw_refined   0.201  21   0.200  ? 'X-RAY DIFFRACTION' ? 
r_symmetry_vdw_other     0.273  64   0.200  ? 'X-RAY DIFFRACTION' ? 
r_symmetry_hbond_refined 0.314  22   0.200  ? 'X-RAY DIFFRACTION' ? 
r_mcbond_it              2.559  1006 2.000  ? 'X-RAY DIFFRACTION' ? 
r_mcbond_other           0.581  314  2.000  ? 'X-RAY DIFFRACTION' ? 
r_mcangle_it             2.506  1268 3.000  ? 'X-RAY DIFFRACTION' ? 
r_mcangle_other          1.228  1087 3.000  ? 'X-RAY DIFFRACTION' ? 
r_scbond_it              3.936  655  4.000  ? 'X-RAY DIFFRACTION' ? 
r_scbond_other           1.770  1147 4.000  ? 'X-RAY DIFFRACTION' ? 
r_scangle_it             5.175  528  6.000  ? 'X-RAY DIFFRACTION' ? 
r_scangle_other          2.573  1704 6.000  ? 'X-RAY DIFFRACTION' ? 
# 
loop_
_refine_ls_shell.d_res_high 
_refine_ls_shell.d_res_low 
_refine_ls_shell.number_reflns_obs 
_refine_ls_shell.number_reflns_R_free 
_refine_ls_shell.R_factor_R_work 
_refine_ls_shell.R_factor_R_free 
_refine_ls_shell.R_factor_R_free_error 
_refine_ls_shell.percent_reflns_obs 
_refine_ls_shell.pdbx_total_number_of_bins_used 
_refine_ls_shell.number_reflns_all 
_refine_ls_shell.number_reflns_R_work 
_refine_ls_shell.percent_reflns_R_free 
_refine_ls_shell.redundancy_reflns_obs 
_refine_ls_shell.pdbx_refine_id 
_refine_ls_shell.R_factor_all 
1.602 1.644  . 66 0.266 0.333 . 88.950 20 1466 1238 . . 'X-RAY DIFFRACTION' . 
1.644 1.689  . 53 0.258 0.351 . 94.536 20 1391 1262 . . 'X-RAY DIFFRACTION' . 
1.689 1.738  . 65 0.246 0.284 . 93.972 20 1377 1229 . . 'X-RAY DIFFRACTION' . 
1.738 1.791  . 72 0.228 0.287 . 94.219 20 1332 1183 . . 'X-RAY DIFFRACTION' . 
1.791 1.849  . 70 0.228 0.261 . 93.477 20 1303 1148 . . 'X-RAY DIFFRACTION' . 
1.849 1.914  . 64 0.214 0.31  . 92.401 20 1237 1079 . . 'X-RAY DIFFRACTION' . 
1.914 1.986  . 56 0.203 0.277 . 92.535 20 1219 1072 . . 'X-RAY DIFFRACTION' . 
1.986 2.067  . 61 0.196 0.253 . 93.718 20 1178 1043 . . 'X-RAY DIFFRACTION' . 
2.067 2.158  . 50 0.185 0.271 . 93.268 20 1114 989  . . 'X-RAY DIFFRACTION' . 
2.158 2.263  . 60 0.191 0.267 . 96.225 20 1086 985  . . 'X-RAY DIFFRACTION' . 
2.263 2.384  . 48 0.184 0.221 . 96.884 20 1027 947  . . 'X-RAY DIFFRACTION' . 
2.384 2.528  . 56 0.188 0.265 . 97.544 20 977  897  . . 'X-RAY DIFFRACTION' . 
2.528 2.701  . 41 0.199 0.191 . 97.861 20 935  874  . . 'X-RAY DIFFRACTION' . 
2.701 2.915  . 43 0.185 0.205 . 99.769 20 865  820  . . 'X-RAY DIFFRACTION' . 
2.915 3.191  . 35 0.171 0.203 . 99.248 20 798  757  . . 'X-RAY DIFFRACTION' . 
3.191 3.562  . 39 0.164 0.235 . 99.038 20 728  682  . . 'X-RAY DIFFRACTION' . 
3.562 4.103  . 39 0.161 0.165 . 98.326 20 657  607  . . 'X-RAY DIFFRACTION' . 
4.103 5.001  . 24 0.145 0.193 . 98.424 20 571  538  . . 'X-RAY DIFFRACTION' . 
5.001 6.973  . 20 0.185 0.268 . 98.451 20 452  425  . . 'X-RAY DIFFRACTION' . 
6.973 29.514 . 12 0.192 0.163 . 86.000 20 300  246  . . 'X-RAY DIFFRACTION' . 
# 
_struct.entry_id                  2AR1 
_struct.title                     'Structure of Hypothetical protein from Leishmania major' 
_struct.pdbx_model_details        ? 
_struct.pdbx_CASP_flag            ? 
_struct.pdbx_model_type_details   ? 
# 
_struct_keywords.entry_id        2AR1 
_struct_keywords.text            
;STRUCTURAL GENOMICS, PSI, Protein Structure Initiative, Structural Genomics of Pathogenic Protozoa Consortium, SGPP, UNKNOWN FUNCTION
;
_struct_keywords.pdbx_keywords   'STRUCTURAL GENOMICS, UNKNOWN FUNCTION' 
# 
loop_
_struct_asym.id 
_struct_asym.pdbx_blank_PDB_chainid_flag 
_struct_asym.pdbx_modified 
_struct_asym.entity_id 
_struct_asym.details 
A N N 1 ? 
B N N 2 ? 
C N N 3 ? 
# 
_struct_ref.id                         1 
_struct_ref.db_name                    UNP 
_struct_ref.db_code                    Q4Q067_LEIMA 
_struct_ref.pdbx_db_accession          Q4Q067 
_struct_ref.entity_id                  1 
_struct_ref.pdbx_seq_one_letter_code   
;MSRKRVRAEDIHYWLLKSEPHKFSIDDLAKQKTSPWDGVRNYAARNNMRAMSVGDKVLFYHSNTKEPGVAGLAEVVRLAY
DDFTALDKTSEYFDPKATKEKNPWKMVDVKFVARWDTVLTLHELKSRRELQKMALFTQSRLSVQPVSASEYAYILRMNEE
QQRK
;
_struct_ref.pdbx_align_begin           1 
_struct_ref.pdbx_db_isoform            ? 
# 
_struct_ref_seq.align_id                      1 
_struct_ref_seq.ref_id                        1 
_struct_ref_seq.pdbx_PDB_id_code              2AR1 
_struct_ref_seq.pdbx_strand_id                A 
_struct_ref_seq.seq_align_beg                 9 
_struct_ref_seq.pdbx_seq_align_beg_ins_code   ? 
_struct_ref_seq.seq_align_end                 172 
_struct_ref_seq.pdbx_seq_align_end_ins_code   ? 
_struct_ref_seq.pdbx_db_accession             Q4Q067 
_struct_ref_seq.db_align_beg                  1 
_struct_ref_seq.pdbx_db_align_beg_ins_code    ? 
_struct_ref_seq.db_align_end                  164 
_struct_ref_seq.pdbx_db_align_end_ins_code    ? 
_struct_ref_seq.pdbx_auth_seq_align_beg       1 
_struct_ref_seq.pdbx_auth_seq_align_end       164 
# 
loop_
_struct_ref_seq_dif.align_id 
_struct_ref_seq_dif.pdbx_pdb_id_code 
_struct_ref_seq_dif.mon_id 
_struct_ref_seq_dif.pdbx_pdb_strand_id 
_struct_ref_seq_dif.seq_num 
_struct_ref_seq_dif.pdbx_pdb_ins_code 
_struct_ref_seq_dif.pdbx_seq_db_name 
_struct_ref_seq_dif.pdbx_seq_db_accession_code 
_struct_ref_seq_dif.db_mon_id 
_struct_ref_seq_dif.pdbx_seq_db_seq_num 
_struct_ref_seq_dif.details 
_struct_ref_seq_dif.pdbx_auth_seq_num 
_struct_ref_seq_dif.pdbx_ordinal 
1 2AR1 MET A 1   ? UNP Q4Q067 ?   ?   'cloning artifact' -7  1 
1 2AR1 ALA A 2   ? UNP Q4Q067 ?   ?   'cloning artifact' -6  2 
1 2AR1 HIS A 3   ? UNP Q4Q067 ?   ?   'expression tag'   -5  3 
1 2AR1 HIS A 4   ? UNP Q4Q067 ?   ?   'expression tag'   -4  4 
1 2AR1 HIS A 5   ? UNP Q4Q067 ?   ?   'expression tag'   -3  5 
1 2AR1 HIS A 6   ? UNP Q4Q067 ?   ?   'expression tag'   -2  6 
1 2AR1 HIS A 7   ? UNP Q4Q067 ?   ?   'expression tag'   -1  7 
1 2AR1 HIS A 8   ? UNP Q4Q067 ?   ?   'expression tag'   0   8 
1 2AR1 ARG A 147 ? UNP Q4Q067 SER 139 'see remark 999'   139 9 
# 
_pdbx_struct_assembly.id                   1 
_pdbx_struct_assembly.details              author_defined_assembly 
_pdbx_struct_assembly.method_details       ? 
_pdbx_struct_assembly.oligomeric_details   monomeric 
_pdbx_struct_assembly.oligomeric_count     1 
# 
_pdbx_struct_assembly_gen.assembly_id       1 
_pdbx_struct_assembly_gen.oper_expression   1 
_pdbx_struct_assembly_gen.asym_id_list      A,B,C 
# 
_pdbx_struct_oper_list.id                   1 
_pdbx_struct_oper_list.type                 'identity operation' 
_pdbx_struct_oper_list.name                 1_555 
_pdbx_struct_oper_list.symmetry_operation   x,y,z 
_pdbx_struct_oper_list.matrix[1][1]         1.0000000000 
_pdbx_struct_oper_list.matrix[1][2]         0.0000000000 
_pdbx_struct_oper_list.matrix[1][3]         0.0000000000 
_pdbx_struct_oper_list.vector[1]            0.0000000000 
_pdbx_struct_oper_list.matrix[2][1]         0.0000000000 
_pdbx_struct_oper_list.matrix[2][2]         1.0000000000 
_pdbx_struct_oper_list.matrix[2][3]         0.0000000000 
_pdbx_struct_oper_list.vector[2]            0.0000000000 
_pdbx_struct_oper_list.matrix[3][1]         0.0000000000 
_pdbx_struct_oper_list.matrix[3][2]         0.0000000000 
_pdbx_struct_oper_list.matrix[3][3]         1.0000000000 
_pdbx_struct_oper_list.vector[3]            0.0000000000 
# 
_struct_biol.id   1 
# 
loop_
_struct_conf.conf_type_id 
_struct_conf.id 
_struct_conf.pdbx_PDB_helix_id 
_struct_conf.beg_label_comp_id 
_struct_conf.beg_label_asym_id 
_struct_conf.beg_label_seq_id 
_struct_conf.pdbx_beg_PDB_ins_code 
_struct_conf.end_label_comp_id 
_struct_conf.end_label_asym_id 
_struct_conf.end_label_seq_id 
_struct_conf.pdbx_end_PDB_ins_code 
_struct_conf.beg_auth_comp_id 
_struct_conf.beg_auth_asym_id 
_struct_conf.beg_auth_seq_id 
_struct_conf.end_auth_comp_id 
_struct_conf.end_auth_asym_id 
_struct_conf.end_auth_seq_id 
_struct_conf.pdbx_PDB_helix_class 
_struct_conf.details 
_struct_conf.pdbx_PDB_helix_length 
HELX_P HELX_P1 1 SER A 32  ? LYS A 40  ? SER A 24  LYS A 32  1 ? 9  
HELX_P HELX_P2 2 ASN A 49  ? MET A 59  ? ASN A 41  MET A 51  1 ? 11 
HELX_P HELX_P3 3 PHE A 91  ? ASP A 95  ? PHE A 83  ASP A 87  5 ? 5  
HELX_P HELX_P4 4 LEU A 129 ? LYS A 133 ? LEU A 121 LYS A 125 1 ? 5  
HELX_P HELX_P5 5 SER A 134 ? GLN A 139 ? SER A 126 GLN A 131 5 ? 6  
HELX_P HELX_P6 6 MET A 141 ? GLN A 146 ? MET A 133 GLN A 138 1 ? 6  
HELX_P HELX_P7 7 SER A 155 ? GLN A 170 ? SER A 147 GLN A 162 1 ? 16 
# 
_struct_conf_type.id          HELX_P 
_struct_conf_type.criteria    ? 
_struct_conf_type.reference   ? 
# 
_struct_sheet.id               A 
_struct_sheet.type             ? 
_struct_sheet.number_strands   6 
_struct_sheet.details          ? 
# 
loop_
_struct_sheet_order.sheet_id 
_struct_sheet_order.range_id_1 
_struct_sheet_order.range_id_2 
_struct_sheet_order.offset 
_struct_sheet_order.sense 
A 1 2 ? anti-parallel 
A 2 3 ? anti-parallel 
A 3 4 ? anti-parallel 
A 4 5 ? parallel      
A 5 6 ? anti-parallel 
# 
loop_
_struct_sheet_range.sheet_id 
_struct_sheet_range.id 
_struct_sheet_range.beg_label_comp_id 
_struct_sheet_range.beg_label_asym_id 
_struct_sheet_range.beg_label_seq_id 
_struct_sheet_range.pdbx_beg_PDB_ins_code 
_struct_sheet_range.end_label_comp_id 
_struct_sheet_range.end_label_asym_id 
_struct_sheet_range.end_label_seq_id 
_struct_sheet_range.pdbx_end_PDB_ins_code 
_struct_sheet_range.beg_auth_comp_id 
_struct_sheet_range.beg_auth_asym_id 
_struct_sheet_range.beg_auth_seq_id 
_struct_sheet_range.end_auth_comp_id 
_struct_sheet_range.end_auth_asym_id 
_struct_sheet_range.end_auth_seq_id 
A 1 THR A 41  ? PRO A 43  ? THR A 33  PRO A 35  
A 2 LYS A 113 ? THR A 128 ? LYS A 105 THR A 120 
A 3 GLY A 76  ? ASP A 89  ? GLY A 68  ASP A 81  
A 4 LYS A 64  ? HIS A 69  ? LYS A 56  HIS A 61  
A 5 TYR A 21  ? SER A 26  ? TYR A 13  SER A 18  
A 6 VAL A 151 ? VAL A 154 ? VAL A 143 VAL A 146 
# 
loop_
_pdbx_struct_sheet_hbond.sheet_id 
_pdbx_struct_sheet_hbond.range_id_1 
_pdbx_struct_sheet_hbond.range_id_2 
_pdbx_struct_sheet_hbond.range_1_label_atom_id 
_pdbx_struct_sheet_hbond.range_1_label_comp_id 
_pdbx_struct_sheet_hbond.range_1_label_asym_id 
_pdbx_struct_sheet_hbond.range_1_label_seq_id 
_pdbx_struct_sheet_hbond.range_1_PDB_ins_code 
_pdbx_struct_sheet_hbond.range_1_auth_atom_id 
_pdbx_struct_sheet_hbond.range_1_auth_comp_id 
_pdbx_struct_sheet_hbond.range_1_auth_asym_id 
_pdbx_struct_sheet_hbond.range_1_auth_seq_id 
_pdbx_struct_sheet_hbond.range_2_label_atom_id 
_pdbx_struct_sheet_hbond.range_2_label_comp_id 
_pdbx_struct_sheet_hbond.range_2_label_asym_id 
_pdbx_struct_sheet_hbond.range_2_label_seq_id 
_pdbx_struct_sheet_hbond.range_2_PDB_ins_code 
_pdbx_struct_sheet_hbond.range_2_auth_atom_id 
_pdbx_struct_sheet_hbond.range_2_auth_comp_id 
_pdbx_struct_sheet_hbond.range_2_auth_asym_id 
_pdbx_struct_sheet_hbond.range_2_auth_seq_id 
A 1 2 N SER A 42  ? N SER A 34  O VAL A 117 ? O VAL A 109 
A 2 3 O LEU A 127 ? O LEU A 119 N VAL A 77  ? N VAL A 69  
A 3 4 O ALA A 78  ? O ALA A 70  N PHE A 67  ? N PHE A 59  
A 4 5 O LEU A 66  ? O LEU A 58  N TRP A 22  ? N TRP A 14  
A 5 6 N LEU A 23  ? N LEU A 15  O GLN A 152 ? O GLN A 144 
# 
_struct_site.id                   AC1 
_struct_site.pdbx_evidence_code   Software 
_struct_site.pdbx_auth_asym_id    A 
_struct_site.pdbx_auth_comp_id    GOL 
_struct_site.pdbx_auth_seq_id     301 
_struct_site.pdbx_auth_ins_code   ? 
_struct_site.pdbx_num_residues    5 
_struct_site.details              'BINDING SITE FOR RESIDUE GOL A 301' 
# 
loop_
_struct_site_gen.id 
_struct_site_gen.site_id 
_struct_site_gen.pdbx_num_res 
_struct_site_gen.label_comp_id 
_struct_site_gen.label_asym_id 
_struct_site_gen.label_seq_id 
_struct_site_gen.pdbx_auth_ins_code 
_struct_site_gen.auth_comp_id 
_struct_site_gen.auth_asym_id 
_struct_site_gen.auth_seq_id 
_struct_site_gen.label_atom_id 
_struct_site_gen.label_alt_id 
_struct_site_gen.symmetry 
_struct_site_gen.details 
1 AC1 5 SER A 26  ? SER A 18 . ? 1_555 ? 
2 AC1 5 PRO A 43  ? PRO A 35 . ? 1_555 ? 
3 AC1 5 TRP A 44  ? TRP A 36 . ? 1_555 ? 
4 AC1 5 ASP A 45  ? ASP A 37 . ? 1_555 ? 
5 AC1 5 TYR A 100 ? TYR A 92 . ? 1_555 ? 
# 
loop_
_pdbx_validate_rmsd_angle.id 
_pdbx_validate_rmsd_angle.PDB_model_num 
_pdbx_validate_rmsd_angle.auth_atom_id_1 
_pdbx_validate_rmsd_angle.auth_asym_id_1 
_pdbx_validate_rmsd_angle.auth_comp_id_1 
_pdbx_validate_rmsd_angle.auth_seq_id_1 
_pdbx_validate_rmsd_angle.PDB_ins_code_1 
_pdbx_validate_rmsd_angle.label_alt_id_1 
_pdbx_validate_rmsd_angle.auth_atom_id_2 
_pdbx_validate_rmsd_angle.auth_asym_id_2 
_pdbx_validate_rmsd_angle.auth_comp_id_2 
_pdbx_validate_rmsd_angle.auth_seq_id_2 
_pdbx_validate_rmsd_angle.PDB_ins_code_2 
_pdbx_validate_rmsd_angle.label_alt_id_2 
_pdbx_validate_rmsd_angle.auth_atom_id_3 
_pdbx_validate_rmsd_angle.auth_asym_id_3 
_pdbx_validate_rmsd_angle.auth_comp_id_3 
_pdbx_validate_rmsd_angle.auth_seq_id_3 
_pdbx_validate_rmsd_angle.PDB_ins_code_3 
_pdbx_validate_rmsd_angle.label_alt_id_3 
_pdbx_validate_rmsd_angle.angle_value 
_pdbx_validate_rmsd_angle.angle_target_value 
_pdbx_validate_rmsd_angle.angle_deviation 
_pdbx_validate_rmsd_angle.angle_standard_deviation 
_pdbx_validate_rmsd_angle.linker_flag 
1 1 CB A ASP 116 ? ? CG A ASP 116 ? ? OD1 A ASP 116 ? ? 123.74 118.30 5.44  0.90 N 
2 1 CB A ASP 116 ? ? CG A ASP 116 ? ? OD2 A ASP 116 ? ? 111.92 118.30 -6.38 0.90 N 
# 
_pdbx_validate_torsion.id              1 
_pdbx_validate_torsion.PDB_model_num   1 
_pdbx_validate_torsion.auth_comp_id    LYS 
_pdbx_validate_torsion.auth_asym_id    A 
_pdbx_validate_torsion.auth_seq_id     32 
_pdbx_validate_torsion.PDB_ins_code    ? 
_pdbx_validate_torsion.label_alt_id    ? 
_pdbx_validate_torsion.phi             72.58 
_pdbx_validate_torsion.psi             -51.65 
# 
_pdbx_SG_project.project_name          'PSI, Protein Structure Initiative' 
_pdbx_SG_project.full_name_of_center   'Structural Genomics of Pathogenic Protozoa Consortium' 
_pdbx_SG_project.id                    1 
_pdbx_SG_project.initial_of_center     SGPP 
# 
loop_
_pdbx_struct_special_symmetry.id 
_pdbx_struct_special_symmetry.PDB_model_num 
_pdbx_struct_special_symmetry.auth_asym_id 
_pdbx_struct_special_symmetry.auth_comp_id 
_pdbx_struct_special_symmetry.auth_seq_id 
_pdbx_struct_special_symmetry.PDB_ins_code 
_pdbx_struct_special_symmetry.label_asym_id 
_pdbx_struct_special_symmetry.label_comp_id 
_pdbx_struct_special_symmetry.label_seq_id 
1 1 A HOH 304 ? C HOH . 
2 1 A HOH 325 ? C HOH . 
# 
loop_
_pdbx_refine_tls.id 
_pdbx_refine_tls.details 
_pdbx_refine_tls.method 
_pdbx_refine_tls.origin_x 
_pdbx_refine_tls.origin_y 
_pdbx_refine_tls.origin_z 
_pdbx_refine_tls.T[1][1] 
_pdbx_refine_tls.T[2][2] 
_pdbx_refine_tls.T[3][3] 
_pdbx_refine_tls.T[1][2] 
_pdbx_refine_tls.T[1][3] 
_pdbx_refine_tls.T[2][3] 
_pdbx_refine_tls.L[1][1] 
_pdbx_refine_tls.L[2][2] 
_pdbx_refine_tls.L[3][3] 
_pdbx_refine_tls.L[1][2] 
_pdbx_refine_tls.L[1][3] 
_pdbx_refine_tls.L[2][3] 
_pdbx_refine_tls.S[1][1] 
_pdbx_refine_tls.S[2][2] 
_pdbx_refine_tls.S[3][3] 
_pdbx_refine_tls.S[1][2] 
_pdbx_refine_tls.S[1][3] 
_pdbx_refine_tls.S[2][3] 
_pdbx_refine_tls.S[2][1] 
_pdbx_refine_tls.S[3][1] 
_pdbx_refine_tls.S[3][2] 
_pdbx_refine_tls.pdbx_refine_id 
1 . refined 4.4557 -0.9449 -2.1617 0.0459 0.0500 -0.1100 -0.1561 -0.0573 0.0384 2.0649 2.7382 1.4278 -0.0133 -0.4114 -0.1066 0.0444  0.0850 -0.1293 0.0254  0.1659 0.2025  0.0548 0.0006  0.1321 'X-RAY DIFFRACTION' 
2 . refined 8.8736 -2.6692 -1.9830 0.0698 0.0668 -0.1257 -0.1608 -0.0788 0.0173 1.2743 1.3446 1.0840 -0.2848 -0.3757 -0.1284 0.0390  0.0204 -0.0594 -0.0398 0.0744 0.0237  0.0447 0.0192  0.1680 'X-RAY DIFFRACTION' 
3 . refined 8.4816 -6.9819 -2.6693 0.0922 0.0905 -0.1422 -0.1575 -0.0946 0.0143 2.3667 3.5960 2.1354 -1.2916 -1.7787 0.5188  -0.0100 0.0410 -0.0310 -0.0493 0.0661 -0.0046 0.1375 -0.0045 0.1269 'X-RAY DIFFRACTION' 
# 
loop_
_pdbx_refine_tls_group.id 
_pdbx_refine_tls_group.refine_tls_id 
_pdbx_refine_tls_group.beg_label_asym_id 
_pdbx_refine_tls_group.beg_label_seq_id 
_pdbx_refine_tls_group.end_label_asym_id 
_pdbx_refine_tls_group.end_label_seq_id 
_pdbx_refine_tls_group.selection 
_pdbx_refine_tls_group.beg_auth_asym_id 
_pdbx_refine_tls_group.beg_auth_seq_id 
_pdbx_refine_tls_group.end_auth_asym_id 
_pdbx_refine_tls_group.end_auth_seq_id 
_pdbx_refine_tls_group.pdbx_refine_id 
_pdbx_refine_tls_group.selection_details 
1 1 A 15  A 45  ALL A 7   A 37  'X-RAY DIFFRACTION' ? 
2 2 A 46  A 135 ALL A 38  A 127 'X-RAY DIFFRACTION' ? 
3 3 A 136 A 171 ALL A 128 A 163 'X-RAY DIFFRACTION' ? 
# 
_pdbx_phasing_MR.entry_id                     2AR1 
_pdbx_phasing_MR.method_rotation              ? 
_pdbx_phasing_MR.method_translation           ? 
_pdbx_phasing_MR.model_details                ? 
_pdbx_phasing_MR.R_factor                     0.505 
_pdbx_phasing_MR.R_rigid_body                 ? 
_pdbx_phasing_MR.correlation_coeff_Fo_to_Fc   0.373 
_pdbx_phasing_MR.correlation_coeff_Io_to_Ic   ? 
_pdbx_phasing_MR.d_res_high_rotation          3.000 
_pdbx_phasing_MR.d_res_low_rotation           29.510 
_pdbx_phasing_MR.d_res_high_translation       3.000 
_pdbx_phasing_MR.d_res_low_translation        29.510 
_pdbx_phasing_MR.packing                      ? 
_pdbx_phasing_MR.reflns_percent_rotation      ? 
_pdbx_phasing_MR.reflns_percent_translation   ? 
_pdbx_phasing_MR.sigma_F_rotation             ? 
_pdbx_phasing_MR.sigma_F_translation          ? 
_pdbx_phasing_MR.sigma_I_rotation             ? 
_pdbx_phasing_MR.sigma_I_translation          ? 
# 
_pdbx_database_remark.id     999 
_pdbx_database_remark.text   
;SEQUENCE
Author states that residue 139 is indeed an ARG. There is a sequence error at Genbank database, gi:68130356. 
;
# 
loop_
_pdbx_unobs_or_zero_occ_residues.id 
_pdbx_unobs_or_zero_occ_residues.PDB_model_num 
_pdbx_unobs_or_zero_occ_residues.polymer_flag 
_pdbx_unobs_or_zero_occ_residues.occupancy_flag 
_pdbx_unobs_or_zero_occ_residues.auth_asym_id 
_pdbx_unobs_or_zero_occ_residues.auth_comp_id 
_pdbx_unobs_or_zero_occ_residues.auth_seq_id 
_pdbx_unobs_or_zero_occ_residues.PDB_ins_code 
_pdbx_unobs_or_zero_occ_residues.label_asym_id 
_pdbx_unobs_or_zero_occ_residues.label_comp_id 
_pdbx_unobs_or_zero_occ_residues.label_seq_id 
1  1 Y 1 A MET -7  ? A MET 1   
2  1 Y 1 A ALA -6  ? A ALA 2   
3  1 Y 1 A HIS -5  ? A HIS 3   
4  1 Y 1 A HIS -4  ? A HIS 4   
5  1 Y 1 A HIS -3  ? A HIS 5   
6  1 Y 1 A HIS -2  ? A HIS 6   
7  1 Y 1 A HIS -1  ? A HIS 7   
8  1 Y 1 A HIS 0   ? A HIS 8   
9  1 Y 1 A MET 1   ? A MET 9   
10 1 Y 1 A SER 2   ? A SER 10  
11 1 Y 1 A ARG 3   ? A ARG 11  
12 1 Y 1 A LYS 4   ? A LYS 12  
13 1 Y 1 A ARG 5   ? A ARG 13  
14 1 Y 1 A VAL 6   ? A VAL 14  
15 1 Y 1 A LYS 164 ? A LYS 172 
# 
loop_
_chem_comp_atom.comp_id 
_chem_comp_atom.atom_id 
_chem_comp_atom.type_symbol 
_chem_comp_atom.pdbx_aromatic_flag 
_chem_comp_atom.pdbx_stereo_config 
_chem_comp_atom.pdbx_ordinal 
ALA N    N N N 1   
ALA CA   C N S 2   
ALA C    C N N 3   
ALA O    O N N 4   
ALA CB   C N N 5   
ALA OXT  O N N 6   
ALA H    H N N 7   
ALA H2   H N N 8   
ALA HA   H N N 9   
ALA HB1  H N N 10  
ALA HB2  H N N 11  
ALA HB3  H N N 12  
ALA HXT  H N N 13  
ARG N    N N N 14  
ARG CA   C N S 15  
ARG C    C N N 16  
ARG O    O N N 17  
ARG CB   C N N 18  
ARG CG   C N N 19  
ARG CD   C N N 20  
ARG NE   N N N 21  
ARG CZ   C N N 22  
ARG NH1  N N N 23  
ARG NH2  N N N 24  
ARG OXT  O N N 25  
ARG H    H N N 26  
ARG H2   H N N 27  
ARG HA   H N N 28  
ARG HB2  H N N 29  
ARG HB3  H N N 30  
ARG HG2  H N N 31  
ARG HG3  H N N 32  
ARG HD2  H N N 33  
ARG HD3  H N N 34  
ARG HE   H N N 35  
ARG HH11 H N N 36  
ARG HH12 H N N 37  
ARG HH21 H N N 38  
ARG HH22 H N N 39  
ARG HXT  H N N 40  
ASN N    N N N 41  
ASN CA   C N S 42  
ASN C    C N N 43  
ASN O    O N N 44  
ASN CB   C N N 45  
ASN CG   C N N 46  
ASN OD1  O N N 47  
ASN ND2  N N N 48  
ASN OXT  O N N 49  
ASN H    H N N 50  
ASN H2   H N N 51  
ASN HA   H N N 52  
ASN HB2  H N N 53  
ASN HB3  H N N 54  
ASN HD21 H N N 55  
ASN HD22 H N N 56  
ASN HXT  H N N 57  
ASP N    N N N 58  
ASP CA   C N S 59  
ASP C    C N N 60  
ASP O    O N N 61  
ASP CB   C N N 62  
ASP CG   C N N 63  
ASP OD1  O N N 64  
ASP OD2  O N N 65  
ASP OXT  O N N 66  
ASP H    H N N 67  
ASP H2   H N N 68  
ASP HA   H N N 69  
ASP HB2  H N N 70  
ASP HB3  H N N 71  
ASP HD2  H N N 72  
ASP HXT  H N N 73  
GLN N    N N N 74  
GLN CA   C N S 75  
GLN C    C N N 76  
GLN O    O N N 77  
GLN CB   C N N 78  
GLN CG   C N N 79  
GLN CD   C N N 80  
GLN OE1  O N N 81  
GLN NE2  N N N 82  
GLN OXT  O N N 83  
GLN H    H N N 84  
GLN H2   H N N 85  
GLN HA   H N N 86  
GLN HB2  H N N 87  
GLN HB3  H N N 88  
GLN HG2  H N N 89  
GLN HG3  H N N 90  
GLN HE21 H N N 91  
GLN HE22 H N N 92  
GLN HXT  H N N 93  
GLU N    N N N 94  
GLU CA   C N S 95  
GLU C    C N N 96  
GLU O    O N N 97  
GLU CB   C N N 98  
GLU CG   C N N 99  
GLU CD   C N N 100 
GLU OE1  O N N 101 
GLU OE2  O N N 102 
GLU OXT  O N N 103 
GLU H    H N N 104 
GLU H2   H N N 105 
GLU HA   H N N 106 
GLU HB2  H N N 107 
GLU HB3  H N N 108 
GLU HG2  H N N 109 
GLU HG3  H N N 110 
GLU HE2  H N N 111 
GLU HXT  H N N 112 
GLY N    N N N 113 
GLY CA   C N N 114 
GLY C    C N N 115 
GLY O    O N N 116 
GLY OXT  O N N 117 
GLY H    H N N 118 
GLY H2   H N N 119 
GLY HA2  H N N 120 
GLY HA3  H N N 121 
GLY HXT  H N N 122 
GOL C1   C N N 123 
GOL O1   O N N 124 
GOL C2   C N N 125 
GOL O2   O N N 126 
GOL C3   C N N 127 
GOL O3   O N N 128 
GOL H11  H N N 129 
GOL H12  H N N 130 
GOL HO1  H N N 131 
GOL H2   H N N 132 
GOL HO2  H N N 133 
GOL H31  H N N 134 
GOL H32  H N N 135 
GOL HO3  H N N 136 
HIS N    N N N 137 
HIS CA   C N S 138 
HIS C    C N N 139 
HIS O    O N N 140 
HIS CB   C N N 141 
HIS CG   C Y N 142 
HIS ND1  N Y N 143 
HIS CD2  C Y N 144 
HIS CE1  C Y N 145 
HIS NE2  N Y N 146 
HIS OXT  O N N 147 
HIS H    H N N 148 
HIS H2   H N N 149 
HIS HA   H N N 150 
HIS HB2  H N N 151 
HIS HB3  H N N 152 
HIS HD1  H N N 153 
HIS HD2  H N N 154 
HIS HE1  H N N 155 
HIS HE2  H N N 156 
HIS HXT  H N N 157 
HOH O    O N N 158 
HOH H1   H N N 159 
HOH H2   H N N 160 
ILE N    N N N 161 
ILE CA   C N S 162 
ILE C    C N N 163 
ILE O    O N N 164 
ILE CB   C N S 165 
ILE CG1  C N N 166 
ILE CG2  C N N 167 
ILE CD1  C N N 168 
ILE OXT  O N N 169 
ILE H    H N N 170 
ILE H2   H N N 171 
ILE HA   H N N 172 
ILE HB   H N N 173 
ILE HG12 H N N 174 
ILE HG13 H N N 175 
ILE HG21 H N N 176 
ILE HG22 H N N 177 
ILE HG23 H N N 178 
ILE HD11 H N N 179 
ILE HD12 H N N 180 
ILE HD13 H N N 181 
ILE HXT  H N N 182 
LEU N    N N N 183 
LEU CA   C N S 184 
LEU C    C N N 185 
LEU O    O N N 186 
LEU CB   C N N 187 
LEU CG   C N N 188 
LEU CD1  C N N 189 
LEU CD2  C N N 190 
LEU OXT  O N N 191 
LEU H    H N N 192 
LEU H2   H N N 193 
LEU HA   H N N 194 
LEU HB2  H N N 195 
LEU HB3  H N N 196 
LEU HG   H N N 197 
LEU HD11 H N N 198 
LEU HD12 H N N 199 
LEU HD13 H N N 200 
LEU HD21 H N N 201 
LEU HD22 H N N 202 
LEU HD23 H N N 203 
LEU HXT  H N N 204 
LYS N    N N N 205 
LYS CA   C N S 206 
LYS C    C N N 207 
LYS O    O N N 208 
LYS CB   C N N 209 
LYS CG   C N N 210 
LYS CD   C N N 211 
LYS CE   C N N 212 
LYS NZ   N N N 213 
LYS OXT  O N N 214 
LYS H    H N N 215 
LYS H2   H N N 216 
LYS HA   H N N 217 
LYS HB2  H N N 218 
LYS HB3  H N N 219 
LYS HG2  H N N 220 
LYS HG3  H N N 221 
LYS HD2  H N N 222 
LYS HD3  H N N 223 
LYS HE2  H N N 224 
LYS HE3  H N N 225 
LYS HZ1  H N N 226 
LYS HZ2  H N N 227 
LYS HZ3  H N N 228 
LYS HXT  H N N 229 
MET N    N N N 230 
MET CA   C N S 231 
MET C    C N N 232 
MET O    O N N 233 
MET CB   C N N 234 
MET CG   C N N 235 
MET SD   S N N 236 
MET CE   C N N 237 
MET OXT  O N N 238 
MET H    H N N 239 
MET H2   H N N 240 
MET HA   H N N 241 
MET HB2  H N N 242 
MET HB3  H N N 243 
MET HG2  H N N 244 
MET HG3  H N N 245 
MET HE1  H N N 246 
MET HE2  H N N 247 
MET HE3  H N N 248 
MET HXT  H N N 249 
PHE N    N N N 250 
PHE CA   C N S 251 
PHE C    C N N 252 
PHE O    O N N 253 
PHE CB   C N N 254 
PHE CG   C Y N 255 
PHE CD1  C Y N 256 
PHE CD2  C Y N 257 
PHE CE1  C Y N 258 
PHE CE2  C Y N 259 
PHE CZ   C Y N 260 
PHE OXT  O N N 261 
PHE H    H N N 262 
PHE H2   H N N 263 
PHE HA   H N N 264 
PHE HB2  H N N 265 
PHE HB3  H N N 266 
PHE HD1  H N N 267 
PHE HD2  H N N 268 
PHE HE1  H N N 269 
PHE HE2  H N N 270 
PHE HZ   H N N 271 
PHE HXT  H N N 272 
PRO N    N N N 273 
PRO CA   C N S 274 
PRO C    C N N 275 
PRO O    O N N 276 
PRO CB   C N N 277 
PRO CG   C N N 278 
PRO CD   C N N 279 
PRO OXT  O N N 280 
PRO H    H N N 281 
PRO HA   H N N 282 
PRO HB2  H N N 283 
PRO HB3  H N N 284 
PRO HG2  H N N 285 
PRO HG3  H N N 286 
PRO HD2  H N N 287 
PRO HD3  H N N 288 
PRO HXT  H N N 289 
SER N    N N N 290 
SER CA   C N S 291 
SER C    C N N 292 
SER O    O N N 293 
SER CB   C N N 294 
SER OG   O N N 295 
SER OXT  O N N 296 
SER H    H N N 297 
SER H2   H N N 298 
SER HA   H N N 299 
SER HB2  H N N 300 
SER HB3  H N N 301 
SER HG   H N N 302 
SER HXT  H N N 303 
THR N    N N N 304 
THR CA   C N S 305 
THR C    C N N 306 
THR O    O N N 307 
THR CB   C N R 308 
THR OG1  O N N 309 
THR CG2  C N N 310 
THR OXT  O N N 311 
THR H    H N N 312 
THR H2   H N N 313 
THR HA   H N N 314 
THR HB   H N N 315 
THR HG1  H N N 316 
THR HG21 H N N 317 
THR HG22 H N N 318 
THR HG23 H N N 319 
THR HXT  H N N 320 
TRP N    N N N 321 
TRP CA   C N S 322 
TRP C    C N N 323 
TRP O    O N N 324 
TRP CB   C N N 325 
TRP CG   C Y N 326 
TRP CD1  C Y N 327 
TRP CD2  C Y N 328 
TRP NE1  N Y N 329 
TRP CE2  C Y N 330 
TRP CE3  C Y N 331 
TRP CZ2  C Y N 332 
TRP CZ3  C Y N 333 
TRP CH2  C Y N 334 
TRP OXT  O N N 335 
TRP H    H N N 336 
TRP H2   H N N 337 
TRP HA   H N N 338 
TRP HB2  H N N 339 
TRP HB3  H N N 340 
TRP HD1  H N N 341 
TRP HE1  H N N 342 
TRP HE3  H N N 343 
TRP HZ2  H N N 344 
TRP HZ3  H N N 345 
TRP HH2  H N N 346 
TRP HXT  H N N 347 
TYR N    N N N 348 
TYR CA   C N S 349 
TYR C    C N N 350 
TYR O    O N N 351 
TYR CB   C N N 352 
TYR CG   C Y N 353 
TYR CD1  C Y N 354 
TYR CD2  C Y N 355 
TYR CE1  C Y N 356 
TYR CE2  C Y N 357 
TYR CZ   C Y N 358 
TYR OH   O N N 359 
TYR OXT  O N N 360 
TYR H    H N N 361 
TYR H2   H N N 362 
TYR HA   H N N 363 
TYR HB2  H N N 364 
TYR HB3  H N N 365 
TYR HD1  H N N 366 
TYR HD2  H N N 367 
TYR HE1  H N N 368 
TYR HE2  H N N 369 
TYR HH   H N N 370 
TYR HXT  H N N 371 
VAL N    N N N 372 
VAL CA   C N S 373 
VAL C    C N N 374 
VAL O    O N N 375 
VAL CB   C N N 376 
VAL CG1  C N N 377 
VAL CG2  C N N 378 
VAL OXT  O N N 379 
VAL H    H N N 380 
VAL H2   H N N 381 
VAL HA   H N N 382 
VAL HB   H N N 383 
VAL HG11 H N N 384 
VAL HG12 H N N 385 
VAL HG13 H N N 386 
VAL HG21 H N N 387 
VAL HG22 H N N 388 
VAL HG23 H N N 389 
VAL HXT  H N N 390 
# 
loop_
_chem_comp_bond.comp_id 
_chem_comp_bond.atom_id_1 
_chem_comp_bond.atom_id_2 
_chem_comp_bond.value_order 
_chem_comp_bond.pdbx_aromatic_flag 
_chem_comp_bond.pdbx_stereo_config 
_chem_comp_bond.pdbx_ordinal 
ALA N   CA   sing N N 1   
ALA N   H    sing N N 2   
ALA N   H2   sing N N 3   
ALA CA  C    sing N N 4   
ALA CA  CB   sing N N 5   
ALA CA  HA   sing N N 6   
ALA C   O    doub N N 7   
ALA C   OXT  sing N N 8   
ALA CB  HB1  sing N N 9   
ALA CB  HB2  sing N N 10  
ALA CB  HB3  sing N N 11  
ALA OXT HXT  sing N N 12  
ARG N   CA   sing N N 13  
ARG N   H    sing N N 14  
ARG N   H2   sing N N 15  
ARG CA  C    sing N N 16  
ARG CA  CB   sing N N 17  
ARG CA  HA   sing N N 18  
ARG C   O    doub N N 19  
ARG C   OXT  sing N N 20  
ARG CB  CG   sing N N 21  
ARG CB  HB2  sing N N 22  
ARG CB  HB3  sing N N 23  
ARG CG  CD   sing N N 24  
ARG CG  HG2  sing N N 25  
ARG CG  HG3  sing N N 26  
ARG CD  NE   sing N N 27  
ARG CD  HD2  sing N N 28  
ARG CD  HD3  sing N N 29  
ARG NE  CZ   sing N N 30  
ARG NE  HE   sing N N 31  
ARG CZ  NH1  sing N N 32  
ARG CZ  NH2  doub N N 33  
ARG NH1 HH11 sing N N 34  
ARG NH1 HH12 sing N N 35  
ARG NH2 HH21 sing N N 36  
ARG NH2 HH22 sing N N 37  
ARG OXT HXT  sing N N 38  
ASN N   CA   sing N N 39  
ASN N   H    sing N N 40  
ASN N   H2   sing N N 41  
ASN CA  C    sing N N 42  
ASN CA  CB   sing N N 43  
ASN CA  HA   sing N N 44  
ASN C   O    doub N N 45  
ASN C   OXT  sing N N 46  
ASN CB  CG   sing N N 47  
ASN CB  HB2  sing N N 48  
ASN CB  HB3  sing N N 49  
ASN CG  OD1  doub N N 50  
ASN CG  ND2  sing N N 51  
ASN ND2 HD21 sing N N 52  
ASN ND2 HD22 sing N N 53  
ASN OXT HXT  sing N N 54  
ASP N   CA   sing N N 55  
ASP N   H    sing N N 56  
ASP N   H2   sing N N 57  
ASP CA  C    sing N N 58  
ASP CA  CB   sing N N 59  
ASP CA  HA   sing N N 60  
ASP C   O    doub N N 61  
ASP C   OXT  sing N N 62  
ASP CB  CG   sing N N 63  
ASP CB  HB2  sing N N 64  
ASP CB  HB3  sing N N 65  
ASP CG  OD1  doub N N 66  
ASP CG  OD2  sing N N 67  
ASP OD2 HD2  sing N N 68  
ASP OXT HXT  sing N N 69  
GLN N   CA   sing N N 70  
GLN N   H    sing N N 71  
GLN N   H2   sing N N 72  
GLN CA  C    sing N N 73  
GLN CA  CB   sing N N 74  
GLN CA  HA   sing N N 75  
GLN C   O    doub N N 76  
GLN C   OXT  sing N N 77  
GLN CB  CG   sing N N 78  
GLN CB  HB2  sing N N 79  
GLN CB  HB3  sing N N 80  
GLN CG  CD   sing N N 81  
GLN CG  HG2  sing N N 82  
GLN CG  HG3  sing N N 83  
GLN CD  OE1  doub N N 84  
GLN CD  NE2  sing N N 85  
GLN NE2 HE21 sing N N 86  
GLN NE2 HE22 sing N N 87  
GLN OXT HXT  sing N N 88  
GLU N   CA   sing N N 89  
GLU N   H    sing N N 90  
GLU N   H2   sing N N 91  
GLU CA  C    sing N N 92  
GLU CA  CB   sing N N 93  
GLU CA  HA   sing N N 94  
GLU C   O    doub N N 95  
GLU C   OXT  sing N N 96  
GLU CB  CG   sing N N 97  
GLU CB  HB2  sing N N 98  
GLU CB  HB3  sing N N 99  
GLU CG  CD   sing N N 100 
GLU CG  HG2  sing N N 101 
GLU CG  HG3  sing N N 102 
GLU CD  OE1  doub N N 103 
GLU CD  OE2  sing N N 104 
GLU OE2 HE2  sing N N 105 
GLU OXT HXT  sing N N 106 
GLY N   CA   sing N N 107 
GLY N   H    sing N N 108 
GLY N   H2   sing N N 109 
GLY CA  C    sing N N 110 
GLY CA  HA2  sing N N 111 
GLY CA  HA3  sing N N 112 
GLY C   O    doub N N 113 
GLY C   OXT  sing N N 114 
GLY OXT HXT  sing N N 115 
GOL C1  O1   sing N N 116 
GOL C1  C2   sing N N 117 
GOL C1  H11  sing N N 118 
GOL C1  H12  sing N N 119 
GOL O1  HO1  sing N N 120 
GOL C2  O2   sing N N 121 
GOL C2  C3   sing N N 122 
GOL C2  H2   sing N N 123 
GOL O2  HO2  sing N N 124 
GOL C3  O3   sing N N 125 
GOL C3  H31  sing N N 126 
GOL C3  H32  sing N N 127 
GOL O3  HO3  sing N N 128 
HIS N   CA   sing N N 129 
HIS N   H    sing N N 130 
HIS N   H2   sing N N 131 
HIS CA  C    sing N N 132 
HIS CA  CB   sing N N 133 
HIS CA  HA   sing N N 134 
HIS C   O    doub N N 135 
HIS C   OXT  sing N N 136 
HIS CB  CG   sing N N 137 
HIS CB  HB2  sing N N 138 
HIS CB  HB3  sing N N 139 
HIS CG  ND1  sing Y N 140 
HIS CG  CD2  doub Y N 141 
HIS ND1 CE1  doub Y N 142 
HIS ND1 HD1  sing N N 143 
HIS CD2 NE2  sing Y N 144 
HIS CD2 HD2  sing N N 145 
HIS CE1 NE2  sing Y N 146 
HIS CE1 HE1  sing N N 147 
HIS NE2 HE2  sing N N 148 
HIS OXT HXT  sing N N 149 
HOH O   H1   sing N N 150 
HOH O   H2   sing N N 151 
ILE N   CA   sing N N 152 
ILE N   H    sing N N 153 
ILE N   H2   sing N N 154 
ILE CA  C    sing N N 155 
ILE CA  CB   sing N N 156 
ILE CA  HA   sing N N 157 
ILE C   O    doub N N 158 
ILE C   OXT  sing N N 159 
ILE CB  CG1  sing N N 160 
ILE CB  CG2  sing N N 161 
ILE CB  HB   sing N N 162 
ILE CG1 CD1  sing N N 163 
ILE CG1 HG12 sing N N 164 
ILE CG1 HG13 sing N N 165 
ILE CG2 HG21 sing N N 166 
ILE CG2 HG22 sing N N 167 
ILE CG2 HG23 sing N N 168 
ILE CD1 HD11 sing N N 169 
ILE CD1 HD12 sing N N 170 
ILE CD1 HD13 sing N N 171 
ILE OXT HXT  sing N N 172 
LEU N   CA   sing N N 173 
LEU N   H    sing N N 174 
LEU N   H2   sing N N 175 
LEU CA  C    sing N N 176 
LEU CA  CB   sing N N 177 
LEU CA  HA   sing N N 178 
LEU C   O    doub N N 179 
LEU C   OXT  sing N N 180 
LEU CB  CG   sing N N 181 
LEU CB  HB2  sing N N 182 
LEU CB  HB3  sing N N 183 
LEU CG  CD1  sing N N 184 
LEU CG  CD2  sing N N 185 
LEU CG  HG   sing N N 186 
LEU CD1 HD11 sing N N 187 
LEU CD1 HD12 sing N N 188 
LEU CD1 HD13 sing N N 189 
LEU CD2 HD21 sing N N 190 
LEU CD2 HD22 sing N N 191 
LEU CD2 HD23 sing N N 192 
LEU OXT HXT  sing N N 193 
LYS N   CA   sing N N 194 
LYS N   H    sing N N 195 
LYS N   H2   sing N N 196 
LYS CA  C    sing N N 197 
LYS CA  CB   sing N N 198 
LYS CA  HA   sing N N 199 
LYS C   O    doub N N 200 
LYS C   OXT  sing N N 201 
LYS CB  CG   sing N N 202 
LYS CB  HB2  sing N N 203 
LYS CB  HB3  sing N N 204 
LYS CG  CD   sing N N 205 
LYS CG  HG2  sing N N 206 
LYS CG  HG3  sing N N 207 
LYS CD  CE   sing N N 208 
LYS CD  HD2  sing N N 209 
LYS CD  HD3  sing N N 210 
LYS CE  NZ   sing N N 211 
LYS CE  HE2  sing N N 212 
LYS CE  HE3  sing N N 213 
LYS NZ  HZ1  sing N N 214 
LYS NZ  HZ2  sing N N 215 
LYS NZ  HZ3  sing N N 216 
LYS OXT HXT  sing N N 217 
MET N   CA   sing N N 218 
MET N   H    sing N N 219 
MET N   H2   sing N N 220 
MET CA  C    sing N N 221 
MET CA  CB   sing N N 222 
MET CA  HA   sing N N 223 
MET C   O    doub N N 224 
MET C   OXT  sing N N 225 
MET CB  CG   sing N N 226 
MET CB  HB2  sing N N 227 
MET CB  HB3  sing N N 228 
MET CG  SD   sing N N 229 
MET CG  HG2  sing N N 230 
MET CG  HG3  sing N N 231 
MET SD  CE   sing N N 232 
MET CE  HE1  sing N N 233 
MET CE  HE2  sing N N 234 
MET CE  HE3  sing N N 235 
MET OXT HXT  sing N N 236 
PHE N   CA   sing N N 237 
PHE N   H    sing N N 238 
PHE N   H2   sing N N 239 
PHE CA  C    sing N N 240 
PHE CA  CB   sing N N 241 
PHE CA  HA   sing N N 242 
PHE C   O    doub N N 243 
PHE C   OXT  sing N N 244 
PHE CB  CG   sing N N 245 
PHE CB  HB2  sing N N 246 
PHE CB  HB3  sing N N 247 
PHE CG  CD1  doub Y N 248 
PHE CG  CD2  sing Y N 249 
PHE CD1 CE1  sing Y N 250 
PHE CD1 HD1  sing N N 251 
PHE CD2 CE2  doub Y N 252 
PHE CD2 HD2  sing N N 253 
PHE CE1 CZ   doub Y N 254 
PHE CE1 HE1  sing N N 255 
PHE CE2 CZ   sing Y N 256 
PHE CE2 HE2  sing N N 257 
PHE CZ  HZ   sing N N 258 
PHE OXT HXT  sing N N 259 
PRO N   CA   sing N N 260 
PRO N   CD   sing N N 261 
PRO N   H    sing N N 262 
PRO CA  C    sing N N 263 
PRO CA  CB   sing N N 264 
PRO CA  HA   sing N N 265 
PRO C   O    doub N N 266 
PRO C   OXT  sing N N 267 
PRO CB  CG   sing N N 268 
PRO CB  HB2  sing N N 269 
PRO CB  HB3  sing N N 270 
PRO CG  CD   sing N N 271 
PRO CG  HG2  sing N N 272 
PRO CG  HG3  sing N N 273 
PRO CD  HD2  sing N N 274 
PRO CD  HD3  sing N N 275 
PRO OXT HXT  sing N N 276 
SER N   CA   sing N N 277 
SER N   H    sing N N 278 
SER N   H2   sing N N 279 
SER CA  C    sing N N 280 
SER CA  CB   sing N N 281 
SER CA  HA   sing N N 282 
SER C   O    doub N N 283 
SER C   OXT  sing N N 284 
SER CB  OG   sing N N 285 
SER CB  HB2  sing N N 286 
SER CB  HB3  sing N N 287 
SER OG  HG   sing N N 288 
SER OXT HXT  sing N N 289 
THR N   CA   sing N N 290 
THR N   H    sing N N 291 
THR N   H2   sing N N 292 
THR CA  C    sing N N 293 
THR CA  CB   sing N N 294 
THR CA  HA   sing N N 295 
THR C   O    doub N N 296 
THR C   OXT  sing N N 297 
THR CB  OG1  sing N N 298 
THR CB  CG2  sing N N 299 
THR CB  HB   sing N N 300 
THR OG1 HG1  sing N N 301 
THR CG2 HG21 sing N N 302 
THR CG2 HG22 sing N N 303 
THR CG2 HG23 sing N N 304 
THR OXT HXT  sing N N 305 
TRP N   CA   sing N N 306 
TRP N   H    sing N N 307 
TRP N   H2   sing N N 308 
TRP CA  C    sing N N 309 
TRP CA  CB   sing N N 310 
TRP CA  HA   sing N N 311 
TRP C   O    doub N N 312 
TRP C   OXT  sing N N 313 
TRP CB  CG   sing N N 314 
TRP CB  HB2  sing N N 315 
TRP CB  HB3  sing N N 316 
TRP CG  CD1  doub Y N 317 
TRP CG  CD2  sing Y N 318 
TRP CD1 NE1  sing Y N 319 
TRP CD1 HD1  sing N N 320 
TRP CD2 CE2  doub Y N 321 
TRP CD2 CE3  sing Y N 322 
TRP NE1 CE2  sing Y N 323 
TRP NE1 HE1  sing N N 324 
TRP CE2 CZ2  sing Y N 325 
TRP CE3 CZ3  doub Y N 326 
TRP CE3 HE3  sing N N 327 
TRP CZ2 CH2  doub Y N 328 
TRP CZ2 HZ2  sing N N 329 
TRP CZ3 CH2  sing Y N 330 
TRP CZ3 HZ3  sing N N 331 
TRP CH2 HH2  sing N N 332 
TRP OXT HXT  sing N N 333 
TYR N   CA   sing N N 334 
TYR N   H    sing N N 335 
TYR N   H2   sing N N 336 
TYR CA  C    sing N N 337 
TYR CA  CB   sing N N 338 
TYR CA  HA   sing N N 339 
TYR C   O    doub N N 340 
TYR C   OXT  sing N N 341 
TYR CB  CG   sing N N 342 
TYR CB  HB2  sing N N 343 
TYR CB  HB3  sing N N 344 
TYR CG  CD1  doub Y N 345 
TYR CG  CD2  sing Y N 346 
TYR CD1 CE1  sing Y N 347 
TYR CD1 HD1  sing N N 348 
TYR CD2 CE2  doub Y N 349 
TYR CD2 HD2  sing N N 350 
TYR CE1 CZ   doub Y N 351 
TYR CE1 HE1  sing N N 352 
TYR CE2 CZ   sing Y N 353 
TYR CE2 HE2  sing N N 354 
TYR CZ  OH   sing N N 355 
TYR OH  HH   sing N N 356 
TYR OXT HXT  sing N N 357 
VAL N   CA   sing N N 358 
VAL N   H    sing N N 359 
VAL N   H2   sing N N 360 
VAL CA  C    sing N N 361 
VAL CA  CB   sing N N 362 
VAL CA  HA   sing N N 363 
VAL C   O    doub N N 364 
VAL C   OXT  sing N N 365 
VAL CB  CG1  sing N N 366 
VAL CB  CG2  sing N N 367 
VAL CB  HB   sing N N 368 
VAL CG1 HG11 sing N N 369 
VAL CG1 HG12 sing N N 370 
VAL CG1 HG13 sing N N 371 
VAL CG2 HG21 sing N N 372 
VAL CG2 HG22 sing N N 373 
VAL CG2 HG23 sing N N 374 
VAL OXT HXT  sing N N 375 
# 
_pdbx_initial_refinement_model.accession_code   ? 
_pdbx_initial_refinement_model.id               1 
_pdbx_initial_refinement_model.entity_id_list   ? 
_pdbx_initial_refinement_model.type             'experimental model' 
_pdbx_initial_refinement_model.source_name      Other 
_pdbx_initial_refinement_model.details          'low resolution MAD structure' 
# 
_atom_sites.entry_id                    2AR1 
_atom_sites.fract_transf_matrix[1][1]   0.01136859 
_atom_sites.fract_transf_matrix[1][2]   0.00340013 
_atom_sites.fract_transf_matrix[1][3]   0.02977457 
_atom_sites.fract_transf_matrix[2][1]   0.00897003 
_atom_sites.fract_transf_matrix[2][2]   0.01168159 
_atom_sites.fract_transf_matrix[2][3]   -0.00475894 
_atom_sites.fract_transf_matrix[3][1]   -0.01011202 
_atom_sites.fract_transf_matrix[3][2]   0.00892262 
_atom_sites.fract_transf_matrix[3][3]   0.00284207 
_atom_sites.fract_transf_vector[1]      -0.013176 
_atom_sites.fract_transf_vector[2]      0.247730 
_atom_sites.fract_transf_vector[3]      0.253750 
# 
loop_
_atom_type.symbol 
C 
N 
O 
S 
# 
loop_
_atom_site.group_PDB 
_atom_site.id 
_atom_site.type_symbol 
_atom_site.label_atom_id 
_atom_site.label_alt_id 
_atom_site.label_comp_id 
_atom_site.label_asym_id 
_atom_site.label_entity_id 
_atom_site.label_seq_id 
_atom_site.pdbx_PDB_ins_code 
_atom_site.Cartn_x 
_atom_site.Cartn_y 
_atom_site.Cartn_z 
_atom_site.occupancy 
_atom_site.B_iso_or_equiv 
_atom_site.pdbx_formal_charge 
_atom_site.auth_seq_id 
_atom_site.auth_comp_id 
_atom_site.auth_asym_id 
_atom_site.auth_atom_id 
_atom_site.pdbx_PDB_model_num 
ATOM   1    N N   . ARG A 1 15  ? 6.382   -14.112 14.175  1.00 33.69 ? 7   ARG A N   1 
ATOM   2    C CA  . ARG A 1 15  ? 5.578   -13.036 13.533  1.00 31.68 ? 7   ARG A CA  1 
ATOM   3    C C   . ARG A 1 15  ? 6.210   -11.648 13.629  1.00 29.02 ? 7   ARG A C   1 
ATOM   4    O O   . ARG A 1 15  ? 6.985   -11.303 12.725  1.00 25.71 ? 7   ARG A O   1 
ATOM   5    C CB  . ARG A 1 15  ? 4.132   -13.022 14.031  1.00 33.23 ? 7   ARG A CB  1 
ATOM   6    C CG  . ARG A 1 15  ? 3.228   -12.175 13.156  1.00 36.21 ? 7   ARG A CG  1 
ATOM   7    C CD  . ARG A 1 15  ? 1.824   -12.121 13.738  1.00 38.40 ? 7   ARG A CD  1 
ATOM   8    N NE  . ARG A 1 15  ? 1.276   -13.464 13.929  1.00 44.02 ? 7   ARG A NE  1 
ATOM   9    C CZ  . ARG A 1 15  ? 0.855   -14.253 12.940  1.00 48.07 ? 7   ARG A CZ  1 
ATOM   10   N NH1 . ARG A 1 15  ? 0.916   -13.839 11.677  1.00 52.88 ? 7   ARG A NH1 1 
ATOM   11   N NH2 . ARG A 1 15  ? 0.359   -15.456 13.212  1.00 50.56 ? 7   ARG A NH2 1 
ATOM   12   N N   . ALA A 1 16  ? 5.903   -10.842 14.661  1.00 26.65 ? 8   ALA A N   1 
ATOM   13   C CA  . ALA A 1 16  ? 6.236   -9.394  14.586  1.00 26.55 ? 8   ALA A CA  1 
ATOM   14   C C   . ALA A 1 16  ? 7.738   -9.154  14.763  1.00 24.42 ? 8   ALA A C   1 
ATOM   15   O O   . ALA A 1 16  ? 8.235   -8.057  14.517  1.00 25.03 ? 8   ALA A O   1 
ATOM   16   C CB  . ALA A 1 16  ? 5.428   -8.571  15.553  1.00 27.04 ? 8   ALA A CB  1 
ATOM   17   N N   . GLU A 1 17  ? 8.455   -10.208 15.139  1.00 24.74 ? 9   GLU A N   1 
ATOM   18   C CA  . GLU A 1 17  ? 9.894   -10.125 15.361  1.00 24.53 ? 9   GLU A CA  1 
ATOM   19   C C   . GLU A 1 17  ? 10.592  -10.135 14.004  1.00 23.95 ? 9   GLU A C   1 
ATOM   20   O O   . GLU A 1 17  ? 11.731  -9.733  13.923  1.00 24.04 ? 9   GLU A O   1 
ATOM   21   C CB  . GLU A 1 17  ? 10.396  -11.269 16.253  1.00 24.16 ? 9   GLU A CB  1 
ATOM   22   C CG  . GLU A 1 17  ? 10.317  -12.671 15.637  1.00 28.89 ? 9   GLU A CG  1 
ATOM   23   C CD  . GLU A 1 17  ? 9.051   -13.430 15.983  1.00 31.68 ? 9   GLU A CD  1 
ATOM   24   O OE1 . GLU A 1 17  ? 7.955   -12.826 16.051  1.00 33.21 ? 9   GLU A OE1 1 
ATOM   25   O OE2 . GLU A 1 17  ? 9.163   -14.656 16.178  1.00 37.35 ? 9   GLU A OE2 1 
ATOM   26   N N   . ASP A 1 18  ? 9.871   -10.540 12.950  1.00 21.13 ? 10  ASP A N   1 
ATOM   27   C CA  . ASP A 1 18  ? 10.393  -10.599 11.606  1.00 23.04 ? 10  ASP A CA  1 
ATOM   28   C C   . ASP A 1 18  ? 9.695   -9.528  10.768  1.00 21.41 ? 10  ASP A C   1 
ATOM   29   O O   . ASP A 1 18  ? 8.528   -9.279  11.010  1.00 21.10 ? 10  ASP A O   1 
ATOM   30   C CB  . ASP A 1 18  ? 10.058  -11.944 10.949  1.00 20.85 ? 10  ASP A CB  1 
ATOM   31   C CG  . ASP A 1 18  ? 10.879  -13.093 11.541  1.00 24.49 ? 10  ASP A CG  1 
ATOM   32   O OD1 . ASP A 1 18  ? 12.037  -12.828 11.931  1.00 29.87 ? 10  ASP A OD1 1 
ATOM   33   O OD2 . ASP A 1 18  ? 10.356  -14.238 11.540  1.00 26.12 ? 10  ASP A OD2 1 
ATOM   34   N N   . ILE A 1 19  ? 10.456  -8.878  9.879   1.00 22.44 ? 11  ILE A N   1 
ATOM   35   C CA  . ILE A 1 19  ? 9.958   -7.843  9.003   1.00 20.33 ? 11  ILE A CA  1 
ATOM   36   C C   . ILE A 1 19  ? 9.114   -8.546  7.938   1.00 21.28 ? 11  ILE A C   1 
ATOM   37   O O   . ILE A 1 19  ? 9.523   -9.537  7.399   1.00 21.33 ? 11  ILE A O   1 
ATOM   38   C CB  . ILE A 1 19  ? 11.173  -7.093  8.302   1.00 21.76 ? 11  ILE A CB  1 
ATOM   39   C CG1 . ILE A 1 19  ? 12.080  -6.319  9.299   1.00 19.99 ? 11  ILE A CG1 1 
ATOM   40   C CG2 . ILE A 1 19  ? 10.728  -6.151  7.201   1.00 19.56 ? 11  ILE A CG2 1 
ATOM   41   C CD1 . ILE A 1 19  ? 11.376  -5.287  9.983   1.00 23.77 ? 11  ILE A CD1 1 
ATOM   42   N N   . HIS A 1 20  ? 7.917   -8.031  7.689   1.00 17.83 ? 12  HIS A N   1 
ATOM   43   C CA  . HIS A 1 20  ? 7.019   -8.517  6.634   1.00 19.61 ? 12  HIS A CA  1 
ATOM   44   C C   . HIS A 1 20  ? 6.805   -7.485  5.536   1.00 18.00 ? 12  HIS A C   1 
ATOM   45   O O   . HIS A 1 20  ? 7.232   -6.321  5.653   1.00 19.40 ? 12  HIS A O   1 
ATOM   46   C CB  . HIS A 1 20  ? 5.734   -9.005  7.246   1.00 17.97 ? 12  HIS A CB  1 
ATOM   47   C CG  . HIS A 1 20  ? 5.962   -10.085 8.245   1.00 24.37 ? 12  HIS A CG  1 
ATOM   48   N ND1 . HIS A 1 20  ? 6.632   -11.251 7.940   1.00 22.75 ? 12  HIS A ND1 1 
ATOM   49   C CD2 . HIS A 1 20  ? 5.771   -10.099 9.585   1.00 25.01 ? 12  HIS A CD2 1 
ATOM   50   C CE1 . HIS A 1 20  ? 6.765   -11.979 9.046   1.00 24.21 ? 12  HIS A CE1 1 
ATOM   51   N NE2 . HIS A 1 20  ? 6.263   -11.295 10.060  1.00 29.14 ? 12  HIS A NE2 1 
ATOM   52   N N   . TYR A 1 21  ? 6.170   -7.892  4.458   1.00 16.25 ? 13  TYR A N   1 
ATOM   53   C CA  . TYR A 1 21  ? 6.171   -7.096  3.239   1.00 15.24 ? 13  TYR A CA  1 
ATOM   54   C C   . TYR A 1 21  ? 4.775   -6.992  2.746   1.00 16.41 ? 13  TYR A C   1 
ATOM   55   O O   . TYR A 1 21  ? 4.008   -8.001  2.816   1.00 14.77 ? 13  TYR A O   1 
ATOM   56   C CB  . TYR A 1 21  ? 7.049   -7.738  2.112   1.00 16.39 ? 13  TYR A CB  1 
ATOM   57   C CG  . TYR A 1 21  ? 8.402   -8.199  2.702   1.00 16.33 ? 13  TYR A CG  1 
ATOM   58   C CD1 . TYR A 1 21  ? 8.555   -9.453  3.234   1.00 13.77 ? 13  TYR A CD1 1 
ATOM   59   C CD2 . TYR A 1 21  ? 9.563   -7.388  2.633   1.00 16.27 ? 13  TYR A CD2 1 
ATOM   60   C CE1 . TYR A 1 21  ? 9.742   -9.927  3.766   1.00 10.81 ? 13  TYR A CE1 1 
ATOM   61   C CE2 . TYR A 1 21  ? 10.717  -7.852  3.138   1.00 18.71 ? 13  TYR A CE2 1 
ATOM   62   C CZ  . TYR A 1 21  ? 10.847  -9.094  3.735   1.00 12.26 ? 13  TYR A CZ  1 
ATOM   63   O OH  . TYR A 1 21  ? 12.068  -9.506  4.293   1.00 16.20 ? 13  TYR A OH  1 
ATOM   64   N N   . TRP A 1 22  ? 4.440   -5.847  2.164   1.00 17.54 ? 14  TRP A N   1 
ATOM   65   C CA  . TRP A 1 22  ? 3.062   -5.566  1.668   1.00 16.93 ? 14  TRP A CA  1 
ATOM   66   C C   . TRP A 1 22  ? 3.066   -4.683  0.455   1.00 16.48 ? 14  TRP A C   1 
ATOM   67   O O   . TRP A 1 22  ? 4.049   -3.971  0.193   1.00 19.15 ? 14  TRP A O   1 
ATOM   68   C CB  . TRP A 1 22  ? 2.269   -4.827  2.749   1.00 19.61 ? 14  TRP A CB  1 
ATOM   69   C CG  . TRP A 1 22  ? 2.328   -5.512  4.109   1.00 15.28 ? 14  TRP A CG  1 
ATOM   70   C CD1 . TRP A 1 22  ? 3.254   -5.304  5.083   1.00 14.60 ? 14  TRP A CD1 1 
ATOM   71   C CD2 . TRP A 1 22  ? 1.418   -6.514  4.633   1.00 16.09 ? 14  TRP A CD2 1 
ATOM   72   N NE1 . TRP A 1 22  ? 2.972   -6.098  6.188   1.00 16.83 ? 14  TRP A NE1 1 
ATOM   73   C CE2 . TRP A 1 22  ? 1.851   -6.837  5.926   1.00 17.95 ? 14  TRP A CE2 1 
ATOM   74   C CE3 . TRP A 1 22  ? 0.266   -7.133  4.121   1.00 17.45 ? 14  TRP A CE3 1 
ATOM   75   C CZ2 . TRP A 1 22  ? 1.208   -7.767  6.702   1.00 17.44 ? 14  TRP A CZ2 1 
ATOM   76   C CZ3 . TRP A 1 22  ? -0.363  -8.027  4.877   1.00 14.39 ? 14  TRP A CZ3 1 
ATOM   77   C CH2 . TRP A 1 22  ? 0.089   -8.348  6.178   1.00 14.72 ? 14  TRP A CH2 1 
ATOM   78   N N   . LEU A 1 23  ? 1.919   -4.707  -0.209  1.00 18.13 ? 15  LEU A N   1 
ATOM   79   C CA  . LEU A 1 23  ? 1.698   -3.758  -1.272  1.00 15.91 ? 15  LEU A CA  1 
ATOM   80   C C   . LEU A 1 23  ? 0.443   -2.933  -0.948  1.00 17.08 ? 15  LEU A C   1 
ATOM   81   O O   . LEU A 1 23  ? -0.651  -3.510  -0.689  1.00 18.40 ? 15  LEU A O   1 
ATOM   82   C CB  . LEU A 1 23  ? 1.565   -4.525  -2.607  1.00 16.79 ? 15  LEU A CB  1 
ATOM   83   C CG  . LEU A 1 23  ? 1.317   -3.773  -3.888  1.00 17.80 ? 15  LEU A CG  1 
ATOM   84   C CD1 . LEU A 1 23  ? 1.830   -4.482  -5.134  1.00 21.87 ? 15  LEU A CD1 1 
ATOM   85   C CD2 . LEU A 1 23  ? -0.129  -3.326  -4.119  1.00 20.22 ? 15  LEU A CD2 1 
ATOM   86   N N   . LEU A 1 24  ? 0.539   -1.634  -1.122  1.00 17.83 ? 16  LEU A N   1 
ATOM   87   C CA  . LEU A 1 24  ? -0.562  -0.731  -0.873  1.00 19.29 ? 16  LEU A CA  1 
ATOM   88   C C   . LEU A 1 24  ? -0.864  -0.014  -2.182  1.00 17.12 ? 16  LEU A C   1 
ATOM   89   O O   . LEU A 1 24  ? 0.029   0.626   -2.782  1.00 16.69 ? 16  LEU A O   1 
ATOM   90   C CB  . LEU A 1 24  ? -0.185  0.259   0.242   1.00 21.54 ? 16  LEU A CB  1 
ATOM   91   C CG  . LEU A 1 24  ? -0.434  -0.294  1.649   1.00 23.11 ? 16  LEU A CG  1 
ATOM   92   C CD1 . LEU A 1 24  ? 0.201   -1.649  1.820   1.00 27.01 ? 16  LEU A CD1 1 
ATOM   93   C CD2 . LEU A 1 24  ? 0.128   0.684   2.674   1.00 24.44 ? 16  LEU A CD2 1 
ATOM   94   N N   . LYS A 1 25  ? -2.104  -0.054  -2.621  1.00 18.83 ? 17  LYS A N   1 
ATOM   95   C CA  . LYS A 1 25  ? -2.542  0.612   -3.849  1.00 17.65 ? 17  LYS A CA  1 
ATOM   96   C C   . LYS A 1 25  ? -3.034  2.024   -3.525  1.00 19.25 ? 17  LYS A C   1 
ATOM   97   O O   . LYS A 1 25  ? -3.698  2.239   -2.492  1.00 19.34 ? 17  LYS A O   1 
ATOM   98   C CB  . LYS A 1 25  ? -3.691  -0.176  -4.487  1.00 20.06 ? 17  LYS A CB  1 
ATOM   99   C CG  . LYS A 1 25  ? -3.282  -1.481  -5.046  1.00 20.91 ? 17  LYS A CG  1 
ATOM   100  C CD  . LYS A 1 25  ? -4.386  -1.990  -5.907  1.00 25.20 ? 17  LYS A CD  1 
ATOM   101  C CE  . LYS A 1 25  ? -4.510  -3.445  -5.873  1.00 31.02 ? 17  LYS A CE  1 
ATOM   102  N NZ  . LYS A 1 25  ? -5.599  -3.739  -6.915  1.00 26.46 ? 17  LYS A NZ  1 
ATOM   103  N N   . SER A 1 26  ? -2.700  2.985   -4.404  1.00 20.84 ? 18  SER A N   1 
ATOM   104  C CA  . SER A 1 26  ? -3.172  4.358   -4.244  1.00 18.03 ? 18  SER A CA  1 
ATOM   105  C C   . SER A 1 26  ? -3.361  4.924   -5.611  1.00 18.28 ? 18  SER A C   1 
ATOM   106  O O   . SER A 1 26  ? -2.528  4.659   -6.474  1.00 20.74 ? 18  SER A O   1 
ATOM   107  C CB  . SER A 1 26  ? -2.206  5.207   -3.401  1.00 20.80 ? 18  SER A CB  1 
ATOM   108  O OG  . SER A 1 26  ? -2.839  6.414   -3.037  1.00 21.77 ? 18  SER A OG  1 
ATOM   109  N N   . GLU A 1 27  ? -4.416  5.701   -5.835  1.00 18.02 ? 19  GLU A N   1 
ATOM   110  C CA  . GLU A 1 27  ? -4.582  6.310   -7.172  1.00 17.76 ? 19  GLU A CA  1 
ATOM   111  C C   . GLU A 1 27  ? -3.771  7.611   -7.179  1.00 16.77 ? 19  GLU A C   1 
ATOM   112  O O   . GLU A 1 27  ? -4.029  8.504   -6.349  1.00 19.12 ? 19  GLU A O   1 
ATOM   113  C CB  . GLU A 1 27  ? -6.015  6.563   -7.488  1.00 16.93 ? 19  GLU A CB  1 
ATOM   114  C CG  . GLU A 1 27  ? -6.838  5.198   -7.536  1.00 19.91 ? 19  GLU A CG  1 
ATOM   115  C CD  . GLU A 1 27  ? -8.318  5.367   -7.856  1.00 24.82 ? 19  GLU A CD  1 
ATOM   116  O OE1 . GLU A 1 27  ? -8.794  6.501   -8.056  1.00 23.49 ? 19  GLU A OE1 1 
ATOM   117  O OE2 . GLU A 1 27  ? -9.007  4.321   -7.908  1.00 32.61 ? 19  GLU A OE2 1 
ATOM   118  N N   . PRO A 1 28  ? -2.775  7.713   -8.071  1.00 18.86 ? 20  PRO A N   1 
ATOM   119  C CA  . PRO A 1 28  ? -1.880  8.877   -7.905  1.00 18.10 ? 20  PRO A CA  1 
ATOM   120  C C   . PRO A 1 28  ? -2.435  10.282  -8.110  1.00 19.86 ? 20  PRO A C   1 
ATOM   121  O O   . PRO A 1 28  ? -1.801  11.238  -7.720  1.00 19.68 ? 20  PRO A O   1 
ATOM   122  C CB  . PRO A 1 28  ? -0.785  8.667   -8.969  1.00 20.24 ? 20  PRO A CB  1 
ATOM   123  C CG  . PRO A 1 28  ? -1.327  7.731   -9.914  1.00 17.99 ? 20  PRO A CG  1 
ATOM   124  C CD  . PRO A 1 28  ? -2.344  6.872   -9.194  1.00 16.47 ? 20  PRO A CD  1 
ATOM   125  N N   . HIS A 1 29  ? -3.582  10.431  -8.728  1.00 20.63 ? 21  HIS A N   1 
ATOM   126  C CA  . HIS A 1 29  ? -4.189  11.744  -8.852  1.00 20.05 ? 21  HIS A CA  1 
ATOM   127  C C   . HIS A 1 29  ? -4.834  12.166  -7.519  1.00 21.22 ? 21  HIS A C   1 
ATOM   128  O O   . HIS A 1 29  ? -5.167  13.327  -7.317  1.00 22.74 ? 21  HIS A O   1 
ATOM   129  C CB  . HIS A 1 29  ? -5.213  11.769  -9.980  1.00 19.74 ? 21  HIS A CB  1 
ATOM   130  C CG  . HIS A 1 29  ? -6.464  11.017  -9.664  1.00 18.86 ? 21  HIS A CG  1 
ATOM   131  N ND1 . HIS A 1 29  ? -6.464  9.671   -9.409  1.00 22.10 ? 21  HIS A ND1 1 
ATOM   132  C CD2 . HIS A 1 29  ? -7.751  11.424  -9.586  1.00 16.47 ? 21  HIS A CD2 1 
ATOM   133  C CE1 . HIS A 1 29  ? -7.706  9.280   -9.192  1.00 17.33 ? 21  HIS A CE1 1 
ATOM   134  N NE2 . HIS A 1 29  ? -8.503  10.324  -9.278  1.00 17.52 ? 21  HIS A NE2 1 
ATOM   135  N N   . LYS A 1 30  ? -4.975  11.214  -6.609  1.00 20.21 ? 22  LYS A N   1 
ATOM   136  C CA  . LYS A 1 30  ? -5.468  11.451  -5.249  1.00 20.66 ? 22  LYS A CA  1 
ATOM   137  C C   . LYS A 1 30  ? -4.313  11.520  -4.295  1.00 21.50 ? 22  LYS A C   1 
ATOM   138  O O   . LYS A 1 30  ? -4.200  12.489  -3.544  1.00 19.86 ? 22  LYS A O   1 
ATOM   139  C CB  . LYS A 1 30  ? -6.404  10.326  -4.793  1.00 20.82 ? 22  LYS A CB  1 
ATOM   140  C CG  . LYS A 1 30  ? -7.816  10.408  -5.340  1.00 19.11 ? 22  LYS A CG  1 
ATOM   141  C CD  . LYS A 1 30  ? -8.657  9.235   -4.882  1.00 20.19 ? 22  LYS A CD  1 
ATOM   142  C CE  . LYS A 1 30  ? -9.873  9.067   -5.761  1.00 20.21 ? 22  LYS A CE  1 
ATOM   143  N NZ  . LYS A 1 30  ? -10.773 7.936   -5.238  1.00 18.41 ? 22  LYS A NZ  1 
ATOM   144  N N   . PHE A 1 31  ? -3.446  10.507  -4.333  1.00 21.44 ? 23  PHE A N   1 
ATOM   145  C CA  . PHE A 1 31  ? -2.311  10.457  -3.431  1.00 19.51 ? 23  PHE A CA  1 
ATOM   146  C C   . PHE A 1 31  ? -1.239  9.587   -4.044  1.00 17.77 ? 23  PHE A C   1 
ATOM   147  O O   . PHE A 1 31  ? -1.404  8.369   -4.195  1.00 18.99 ? 23  PHE A O   1 
ATOM   148  C CB  . PHE A 1 31  ? -2.787  9.926   -2.080  1.00 19.47 ? 23  PHE A CB  1 
ATOM   149  C CG  . PHE A 1 31  ? -1.740  9.940   -0.986  1.00 18.12 ? 23  PHE A CG  1 
ATOM   150  C CD1 . PHE A 1 31  ? -1.563  11.065  -0.200  1.00 21.39 ? 23  PHE A CD1 1 
ATOM   151  C CD2 . PHE A 1 31  ? -0.946  8.850   -0.754  1.00 17.04 ? 23  PHE A CD2 1 
ATOM   152  C CE1 . PHE A 1 31  ? -0.610  11.106  0.789   1.00 23.20 ? 23  PHE A CE1 1 
ATOM   153  C CE2 . PHE A 1 31  ? -0.014  8.861   0.288   1.00 19.46 ? 23  PHE A CE2 1 
ATOM   154  C CZ  . PHE A 1 31  ? 0.169   10.006  1.040   1.00 25.10 ? 23  PHE A CZ  1 
ATOM   155  N N   . SER A 1 32  ? -0.147  10.234  -4.457  1.00 17.37 ? 24  SER A N   1 
ATOM   156  C CA  . SER A 1 32  ? 0.937   9.546   -5.117  1.00 16.09 ? 24  SER A CA  1 
ATOM   157  C C   . SER A 1 32  ? 2.124   9.337   -4.211  1.00 16.99 ? 24  SER A C   1 
ATOM   158  O O   . SER A 1 32  ? 2.206   9.867   -3.105  1.00 20.10 ? 24  SER A O   1 
ATOM   159  C CB  . SER A 1 32  ? 1.357   10.349  -6.333  1.00 16.68 ? 24  SER A CB  1 
ATOM   160  O OG  . SER A 1 32  ? 2.066   11.508  -5.913  1.00 16.99 ? 24  SER A OG  1 
ATOM   161  N N   . ILE A 1 33  ? 3.112   8.621   -4.726  1.00 18.58 ? 25  ILE A N   1 
ATOM   162  C CA  . ILE A 1 33  ? 4.365   8.478   -3.979  1.00 17.89 ? 25  ILE A CA  1 
ATOM   163  C C   . ILE A 1 33  ? 4.997   9.871   -3.642  1.00 17.64 ? 25  ILE A C   1 
ATOM   164  O O   . ILE A 1 33  ? 5.596   10.026  -2.621  1.00 18.02 ? 25  ILE A O   1 
ATOM   165  C CB  . ILE A 1 33  ? 5.366   7.605   -4.761  1.00 18.12 ? 25  ILE A CB  1 
ATOM   166  C CG1 . ILE A 1 33  ? 6.628   7.316   -3.920  1.00 19.89 ? 25  ILE A CG1 1 
ATOM   167  C CG2 . ILE A 1 33  ? 5.813   8.309   -6.085  1.00 21.84 ? 25  ILE A CG2 1 
ATOM   168  C CD1 . ILE A 1 33  ? 6.413   6.551   -2.577  1.00 17.64 ? 25  ILE A CD1 1 
ATOM   169  N N   . ASP A 1 34  ? 4.771   10.873  -4.481  1.00 18.13 ? 26  ASP A N   1 
ATOM   170  C CA  . ASP A 1 34  ? 5.339   12.222  -4.253  1.00 16.72 ? 26  ASP A CA  1 
ATOM   171  C C   . ASP A 1 34  ? 4.627   12.977  -3.127  1.00 17.86 ? 26  ASP A C   1 
ATOM   172  O O   . ASP A 1 34  ? 5.223   13.809  -2.464  1.00 20.97 ? 26  ASP A O   1 
ATOM   173  C CB  . ASP A 1 34  ? 5.238   12.966  -5.567  1.00 15.18 ? 26  ASP A CB  1 
ATOM   174  C CG  . ASP A 1 34  ? 6.091   12.335  -6.638  1.00 13.86 ? 26  ASP A CG  1 
ATOM   175  O OD1 . ASP A 1 34  ? 7.212   11.860  -6.284  1.00 16.81 ? 26  ASP A OD1 1 
ATOM   176  O OD2 . ASP A 1 34  ? 5.692   12.336  -7.844  1.00 14.25 ? 26  ASP A OD2 1 
ATOM   177  N N   . ASP A 1 35  ? 3.327   12.701  -2.964  1.00 17.69 ? 27  ASP A N   1 
ATOM   178  C CA  . ASP A 1 35  ? 2.557   13.184  -1.801  1.00 18.46 ? 27  ASP A CA  1 
ATOM   179  C C   . ASP A 1 35  ? 3.124   12.593  -0.512  1.00 20.11 ? 27  ASP A C   1 
ATOM   180  O O   . ASP A 1 35  ? 3.247   13.309  0.470   1.00 17.99 ? 27  ASP A O   1 
ATOM   181  C CB  . ASP A 1 35  ? 1.050   12.827  -1.938  1.00 17.86 ? 27  ASP A CB  1 
ATOM   182  C CG  . ASP A 1 35  ? 0.417   13.591  -3.053  1.00 21.51 ? 27  ASP A CG  1 
ATOM   183  O OD1 . ASP A 1 35  ? 0.620   14.843  -3.114  1.00 22.11 ? 27  ASP A OD1 1 
ATOM   184  O OD2 . ASP A 1 35  ? -0.156  12.946  -3.936  1.00 17.44 ? 27  ASP A OD2 1 
ATOM   185  N N   . LEU A 1 36  ? 3.381   11.271  -0.495  1.00 19.79 ? 28  LEU A N   1 
ATOM   186  C CA  . LEU A 1 36  ? 4.004   10.674  0.726   1.00 19.88 ? 28  LEU A CA  1 
ATOM   187  C C   . LEU A 1 36  ? 5.366   11.273  1.032   1.00 19.65 ? 28  LEU A C   1 
ATOM   188  O O   . LEU A 1 36  ? 5.688   11.624  2.178   1.00 19.62 ? 28  LEU A O   1 
ATOM   189  C CB  . LEU A 1 36  ? 4.100   9.147   0.580   1.00 20.00 ? 28  LEU A CB  1 
ATOM   190  C CG  . LEU A 1 36  ? 4.697   8.383   1.748   1.00 16.28 ? 28  LEU A CG  1 
ATOM   191  C CD1 . LEU A 1 36  ? 3.936   8.762   3.032   1.00 22.02 ? 28  LEU A CD1 1 
ATOM   192  C CD2 . LEU A 1 36  ? 4.625   6.860   1.481   1.00 19.26 ? 28  LEU A CD2 1 
ATOM   193  N N   . ALA A 1 37  ? 6.159   11.409  -0.042  1.00 19.90 ? 29  ALA A N   1 
ATOM   194  C CA  . ALA A 1 37  ? 7.486   12.014  0.043   1.00 19.05 ? 29  ALA A CA  1 
ATOM   195  C C   . ALA A 1 37  ? 7.384   13.389  0.662   1.00 18.84 ? 29  ALA A C   1 
ATOM   196  O O   . ALA A 1 37  ? 8.166   13.729  1.560   1.00 16.56 ? 29  ALA A O   1 
ATOM   197  C CB  . ALA A 1 37  ? 8.163   12.046  -1.360  1.00 18.18 ? 29  ALA A CB  1 
ATOM   198  N N   . LYS A 1 38  ? 6.411   14.171  0.205   1.00 19.97 ? 30  LYS A N   1 
ATOM   199  C CA  . LYS A 1 38  ? 6.276   15.563  0.675   1.00 21.27 ? 30  LYS A CA  1 
ATOM   200  C C   . LYS A 1 38  ? 5.848   15.580  2.134   1.00 20.45 ? 30  LYS A C   1 
ATOM   201  O O   . LYS A 1 38  ? 6.412   16.351  2.915   1.00 18.64 ? 30  LYS A O   1 
ATOM   202  C CB  . LYS A 1 38  ? 5.268   16.319  -0.172  1.00 23.14 ? 30  LYS A CB  1 
ATOM   203  C CG  . LYS A 1 38  ? 5.461   17.761  -0.310  1.00 30.77 ? 30  LYS A CG  1 
ATOM   204  C CD  . LYS A 1 38  ? 4.459   18.262  -1.336  1.00 35.32 ? 30  LYS A CD  1 
ATOM   205  C CE  . LYS A 1 38  ? 3.956   19.635  -1.023  1.00 38.58 ? 30  LYS A CE  1 
ATOM   206  N NZ  . LYS A 1 38  ? 3.458   20.258  -2.298  1.00 41.29 ? 30  LYS A NZ  1 
ATOM   207  N N   . GLN A 1 39  ? 4.894   14.707  2.495   1.00 20.92 ? 31  GLN A N   1 
ATOM   208  C CA  . GLN A 1 39  ? 4.381   14.582  3.876   1.00 21.46 ? 31  GLN A CA  1 
ATOM   209  C C   . GLN A 1 39  ? 5.349   13.860  4.842   1.00 19.70 ? 31  GLN A C   1 
ATOM   210  O O   . GLN A 1 39  ? 5.264   14.060  6.043   1.00 18.20 ? 31  GLN A O   1 
ATOM   211  C CB  . GLN A 1 39  ? 3.020   13.901  3.899   1.00 24.90 ? 31  GLN A CB  1 
ATOM   212  C CG  . GLN A 1 39  ? 1.920   14.612  3.103   1.00 27.35 ? 31  GLN A CG  1 
ATOM   213  C CD  . GLN A 1 39  ? 0.591   13.912  3.215   1.00 33.20 ? 31  GLN A CD  1 
ATOM   214  O OE1 . GLN A 1 39  ? 0.414   13.000  4.048   1.00 34.33 ? 31  GLN A OE1 1 
ATOM   215  N NE2 . GLN A 1 39  ? -0.368  14.325  2.383   1.00 33.70 ? 31  GLN A NE2 1 
ATOM   216  N N   . LYS A 1 40  ? 6.260   13.050  4.298   1.00 19.46 ? 32  LYS A N   1 
ATOM   217  C CA  . LYS A 1 40  ? 7.225   12.235  5.027   1.00 17.82 ? 32  LYS A CA  1 
ATOM   218  C C   . LYS A 1 40  ? 6.580   11.024  5.728   1.00 17.30 ? 32  LYS A C   1 
ATOM   219  O O   . LYS A 1 40  ? 7.029   9.912   5.526   1.00 18.71 ? 32  LYS A O   1 
ATOM   220  C CB  . LYS A 1 40  ? 8.054   13.077  6.015   1.00 21.13 ? 32  LYS A CB  1 
ATOM   221  C CG  . LYS A 1 40  ? 8.809   14.276  5.422   1.00 24.61 ? 32  LYS A CG  1 
ATOM   222  C CD  . LYS A 1 40  ? 9.579   15.016  6.541   1.00 31.54 ? 32  LYS A CD  1 
ATOM   223  C CE  . LYS A 1 40  ? 10.637  16.010  5.988   1.00 32.19 ? 32  LYS A CE  1 
ATOM   224  N NZ  . LYS A 1 40  ? 11.427  16.843  7.006   1.00 35.43 ? 32  LYS A NZ  1 
ATOM   225  N N   . THR A 1 41  ? 5.527   11.267  6.508   1.00 17.30 ? 33  THR A N   1 
ATOM   226  C CA  . THR A 1 41  ? 4.646   10.202  6.993   1.00 18.27 ? 33  THR A CA  1 
ATOM   227  C C   . THR A 1 41  ? 3.177   10.553  6.703   1.00 18.13 ? 33  THR A C   1 
ATOM   228  O O   . THR A 1 41  ? 2.791   11.741  6.661   1.00 18.91 ? 33  THR A O   1 
ATOM   229  C CB  . THR A 1 41  ? 4.791   9.907   8.519   1.00 18.86 ? 33  THR A CB  1 
ATOM   230  O OG1 . THR A 1 41  ? 4.281   11.013  9.275   1.00 20.40 ? 33  THR A OG1 1 
ATOM   231  C CG2 . THR A 1 41  ? 6.263   9.679   8.935   1.00 21.95 ? 33  THR A CG2 1 
ATOM   232  N N   . SER A 1 42  ? 2.341   9.523   6.613   1.00 19.85 ? 34  SER A N   1 
ATOM   233  C CA  . SER A 1 42  ? 0.930   9.733   6.395   1.00 18.66 ? 34  SER A CA  1 
ATOM   234  C C   . SER A 1 42  ? 0.154   8.550   6.973   1.00 18.29 ? 34  SER A C   1 
ATOM   235  O O   . SER A 1 42  ? 0.618   7.424   6.888   1.00 22.09 ? 34  SER A O   1 
ATOM   236  C CB  . SER A 1 42  ? 0.646   9.865   4.920   1.00 20.58 ? 34  SER A CB  1 
ATOM   237  O OG  . SER A 1 42  ? -0.765  9.858   4.621   1.00 21.82 ? 34  SER A OG  1 
ATOM   238  N N   . PRO A 1 43  ? -1.030  8.814   7.540   1.00 18.05 ? 35  PRO A N   1 
ATOM   239  C CA  . PRO A 1 43  ? -1.927  7.672   7.844   1.00 18.78 ? 35  PRO A CA  1 
ATOM   240  C C   . PRO A 1 43  ? -2.361  7.063   6.513   1.00 18.55 ? 35  PRO A C   1 
ATOM   241  O O   . PRO A 1 43  ? -2.458  7.776   5.554   1.00 19.61 ? 35  PRO A O   1 
ATOM   242  C CB  . PRO A 1 43  ? -3.107  8.335   8.538   1.00 20.18 ? 35  PRO A CB  1 
ATOM   243  C CG  . PRO A 1 43  ? -3.012  9.777   8.203   1.00 20.18 ? 35  PRO A CG  1 
ATOM   244  C CD  . PRO A 1 43  ? -1.617  10.115  7.876   1.00 19.63 ? 35  PRO A CD  1 
ATOM   245  N N   . TRP A 1 44  ? -2.666  5.768   6.474   1.00 18.99 ? 36  TRP A N   1 
ATOM   246  C CA  . TRP A 1 44  ? -3.175  5.163   5.259   1.00 18.59 ? 36  TRP A CA  1 
ATOM   247  C C   . TRP A 1 44  ? -4.706  5.113   5.295   1.00 19.38 ? 36  TRP A C   1 
ATOM   248  O O   . TRP A 1 44  ? -5.307  4.051   5.536   1.00 17.43 ? 36  TRP A O   1 
ATOM   249  C CB  . TRP A 1 44  ? -2.542  3.796   5.060   1.00 18.57 ? 36  TRP A CB  1 
ATOM   250  C CG  . TRP A 1 44  ? -2.604  3.377   3.642   1.00 15.72 ? 36  TRP A CG  1 
ATOM   251  C CD1 . TRP A 1 44  ? -3.415  2.462   3.110   1.00 17.09 ? 36  TRP A CD1 1 
ATOM   252  C CD2 . TRP A 1 44  ? -1.840  3.918   2.565   1.00 17.19 ? 36  TRP A CD2 1 
ATOM   253  N NE1 . TRP A 1 44  ? -3.216  2.355   1.759   1.00 21.25 ? 36  TRP A NE1 1 
ATOM   254  C CE2 . TRP A 1 44  ? -2.226  3.253   1.412   1.00 20.52 ? 36  TRP A CE2 1 
ATOM   255  C CE3 . TRP A 1 44  ? -0.833  4.902   2.496   1.00 20.60 ? 36  TRP A CE3 1 
ATOM   256  C CZ2 . TRP A 1 44  ? -1.650  3.522   0.202   1.00 20.49 ? 36  TRP A CZ2 1 
ATOM   257  C CZ3 . TRP A 1 44  ? -0.285  5.162   1.316   1.00 23.25 ? 36  TRP A CZ3 1 
ATOM   258  C CH2 . TRP A 1 44  ? -0.674  4.470   0.182   1.00 18.52 ? 36  TRP A CH2 1 
ATOM   259  N N   . ASP A 1 45  ? -5.321  6.284   5.077   1.00 18.02 ? 37  ASP A N   1 
ATOM   260  C CA  . ASP A 1 45  ? -6.759  6.429   5.224   1.00 18.23 ? 37  ASP A CA  1 
ATOM   261  C C   . ASP A 1 45  ? -7.496  5.977   3.974   1.00 15.57 ? 37  ASP A C   1 
ATOM   262  O O   . ASP A 1 45  ? -6.921  5.826   2.918   1.00 17.84 ? 37  ASP A O   1 
ATOM   263  C CB  . ASP A 1 45  ? -7.154  7.868   5.549   1.00 16.82 ? 37  ASP A CB  1 
ATOM   264  C CG  . ASP A 1 45  ? -6.752  8.806   4.498   1.00 22.11 ? 37  ASP A CG  1 
ATOM   265  O OD1 . ASP A 1 45  ? -7.353  8.841   3.419   1.00 23.73 ? 37  ASP A OD1 1 
ATOM   266  O OD2 . ASP A 1 45  ? -5.827  9.526   4.797   1.00 22.70 ? 37  ASP A OD2 1 
ATOM   267  N N   . GLY A 1 46  ? -8.777  5.707   4.156   1.00 17.66 ? 38  GLY A N   1 
ATOM   268  C CA  . GLY A 1 46  ? -9.708  5.501   3.059   1.00 15.27 ? 38  GLY A CA  1 
ATOM   269  C C   . GLY A 1 46  ? -9.852  4.110   2.498   1.00 15.67 ? 38  GLY A C   1 
ATOM   270  O O   . GLY A 1 46  ? -10.477 3.953   1.446   1.00 17.03 ? 38  GLY A O   1 
ATOM   271  N N   . VAL A 1 47  ? -9.264  3.107   3.152   1.00 17.40 ? 39  VAL A N   1 
ATOM   272  C CA  . VAL A 1 47  ? -9.430  1.709   2.775   1.00 17.40 ? 39  VAL A CA  1 
ATOM   273  C C   . VAL A 1 47  ? -10.790 1.231   3.262   1.00 18.36 ? 39  VAL A C   1 
ATOM   274  O O   . VAL A 1 47  ? -11.077 1.331   4.431   1.00 17.47 ? 39  VAL A O   1 
ATOM   275  C CB  . VAL A 1 47  ? -8.294  0.821   3.281   1.00 17.12 ? 39  VAL A CB  1 
ATOM   276  C CG1 . VAL A 1 47  ? -8.598  -0.666  3.035   1.00 19.15 ? 39  VAL A CG1 1 
ATOM   277  C CG2 . VAL A 1 47  ? -6.965  1.216   2.604   1.00 18.01 ? 39  VAL A CG2 1 
ATOM   278  N N   . ARG A 1 48  ? -11.632 0.795   2.344   1.00 17.33 ? 40  ARG A N   1 
ATOM   279  C CA  . ARG A 1 48  ? -13.023 0.409   2.649   1.00 17.68 ? 40  ARG A CA  1 
ATOM   280  C C   . ARG A 1 48  ? -13.372 -0.986  2.161   1.00 17.82 ? 40  ARG A C   1 
ATOM   281  O O   . ARG A 1 48  ? -14.513 -1.277  1.837   1.00 17.34 ? 40  ARG A O   1 
ATOM   282  C CB  . ARG A 1 48  ? -14.025 1.422   2.101   1.00 18.96 ? 40  ARG A CB  1 
ATOM   283  C CG  . ARG A 1 48  ? -13.758 2.822   2.642   1.00 18.56 ? 40  ARG A CG  1 
ATOM   284  C CD  . ARG A 1 48  ? -14.248 2.934   4.064   1.00 16.00 ? 40  ARG A CD  1 
ATOM   285  N NE  . ARG A 1 48  ? -14.060 4.251   4.649   1.00 18.20 ? 40  ARG A NE  1 
ATOM   286  C CZ  . ARG A 1 48  ? -12.998 4.590   5.381   1.00 11.35 ? 40  ARG A CZ  1 
ATOM   287  N NH1 . ARG A 1 48  ? -11.982 3.762   5.486   1.00 14.52 ? 40  ARG A NH1 1 
ATOM   288  N NH2 . ARG A 1 48  ? -12.864 5.823   5.849   1.00 13.76 ? 40  ARG A NH2 1 
ATOM   289  N N   . ASN A 1 49  ? -12.363 -1.823  2.118   1.00 18.61 ? 41  ASN A N   1 
ATOM   290  C CA  . ASN A 1 49  ? -12.497 -3.249  1.840   1.00 16.30 ? 41  ASN A CA  1 
ATOM   291  C C   . ASN A 1 49  ? -12.062 -3.925  3.108   1.00 15.33 ? 41  ASN A C   1 
ATOM   292  O O   . ASN A 1 49  ? -11.009 -3.674  3.652   1.00 13.49 ? 41  ASN A O   1 
ATOM   293  C CB  . ASN A 1 49  ? -11.601 -3.640  0.674   1.00 18.98 ? 41  ASN A CB  1 
ATOM   294  C CG  . ASN A 1 49  ? -11.564 -5.109  0.393   1.00 14.73 ? 41  ASN A CG  1 
ATOM   295  O OD1 . ASN A 1 49  ? -10.638 -5.776  0.813   1.00 20.71 ? 41  ASN A OD1 1 
ATOM   296  N ND2 . ASN A 1 49  ? -12.494 -5.591  -0.384  1.00 20.93 ? 41  ASN A ND2 1 
ATOM   297  N N   . TYR A 1 50  ? -12.898 -4.855  3.593   1.00 15.31 ? 42  TYR A N   1 
ATOM   298  C CA  . TYR A 1 50  ? -12.624 -5.419  4.897   1.00 14.19 ? 42  TYR A CA  1 
ATOM   299  C C   . TYR A 1 50  ? -11.383 -6.365  4.965   1.00 14.12 ? 42  TYR A C   1 
ATOM   300  O O   . TYR A 1 50  ? -10.667 -6.449  5.968   1.00 12.90 ? 42  TYR A O   1 
ATOM   301  C CB  . TYR A 1 50  ? -13.864 -6.247  5.337   1.00 12.35 ? 42  TYR A CB  1 
ATOM   302  C CG  . TYR A 1 50  ? -15.146 -5.447  5.493   1.00 13.30 ? 42  TYR A CG  1 
ATOM   303  C CD1 . TYR A 1 50  ? -15.288 -4.522  6.501   1.00 14.10 ? 42  TYR A CD1 1 
ATOM   304  C CD2 . TYR A 1 50  ? -16.269 -5.665  4.606   1.00 21.72 ? 42  TYR A CD2 1 
ATOM   305  C CE1 . TYR A 1 50  ? -16.444 -3.793  6.652   1.00 14.18 ? 42  TYR A CE1 1 
ATOM   306  C CE2 . TYR A 1 50  ? -17.441 -4.910  4.732   1.00 17.38 ? 42  TYR A CE2 1 
ATOM   307  C CZ  . TYR A 1 50  ? -17.524 -3.978  5.774   1.00 20.16 ? 42  TYR A CZ  1 
ATOM   308  O OH  . TYR A 1 50  ? -18.681 -3.245  5.920   1.00 24.14 ? 42  TYR A OH  1 
ATOM   309  N N   . ALA A 1 51  ? -11.172 -7.130  3.914   1.00 19.31 ? 43  ALA A N   1 
ATOM   310  C CA  . ALA A 1 51  ? -9.961  -7.949  3.777   1.00 19.02 ? 43  ALA A CA  1 
ATOM   311  C C   . ALA A 1 51  ? -8.747  -7.064  3.820   1.00 16.76 ? 43  ALA A C   1 
ATOM   312  O O   . ALA A 1 51  ? -7.800  -7.367  4.559   1.00 16.30 ? 43  ALA A O   1 
ATOM   313  C CB  . ALA A 1 51  ? -9.982  -8.750  2.467   1.00 19.94 ? 43  ALA A CB  1 
ATOM   314  N N   . ALA A 1 52  ? -8.762  -5.939  3.092   1.00 16.11 ? 44  ALA A N   1 
ATOM   315  C CA  . ALA A 1 52  ? -7.628  -5.004  3.138   1.00 15.59 ? 44  ALA A CA  1 
ATOM   316  C C   . ALA A 1 52  ? -7.418  -4.400  4.531   1.00 15.29 ? 44  ALA A C   1 
ATOM   317  O O   . ALA A 1 52  ? -6.273  -4.190  5.017   1.00 16.72 ? 44  ALA A O   1 
ATOM   318  C CB  . ALA A 1 52  ? -7.870  -3.944  2.158   1.00 14.26 ? 44  ALA A CB  1 
ATOM   319  N N   . ARG A 1 53  ? -8.522  -4.018  5.145   1.00 14.18 ? 45  ARG A N   1 
ATOM   320  C CA  . ARG A 1 53  ? -8.522  -3.547  6.516   1.00 15.16 ? 45  ARG A CA  1 
ATOM   321  C C   . ARG A 1 53  ? -7.835  -4.554  7.472   1.00 16.65 ? 45  ARG A C   1 
ATOM   322  O O   . ARG A 1 53  ? -7.079  -4.184  8.390   1.00 14.77 ? 45  ARG A O   1 
ATOM   323  C CB  . ARG A 1 53  ? -9.965  -3.273  6.961   1.00 16.84 ? 45  ARG A CB  1 
ATOM   324  C CG  . ARG A 1 53  ? -10.025 -2.764  8.420   1.00 18.23 ? 45  ARG A CG  1 
ATOM   325  C CD  . ARG A 1 53  ? -11.240 -3.026  9.153   1.00 25.25 ? 45  ARG A CD  1 
ATOM   326  N NE  . ARG A 1 53  ? -11.264 -4.389  9.640   1.00 20.88 ? 45  ARG A NE  1 
ATOM   327  C CZ  . ARG A 1 53  ? -12.022 -4.839  10.638  1.00 20.92 ? 45  ARG A CZ  1 
ATOM   328  N NH1 . ARG A 1 53  ? -12.842 -4.050  11.315  1.00 21.42 ? 45  ARG A NH1 1 
ATOM   329  N NH2 . ARG A 1 53  ? -11.975 -6.113  10.938  1.00 18.12 ? 45  ARG A NH2 1 
ATOM   330  N N   . ASN A 1 54  ? -8.186  -5.836  7.296   1.00 15.63 ? 46  ASN A N   1 
ATOM   331  C CA  . ASN A 1 54  ? -7.634  -6.897  8.124   1.00 15.71 ? 46  ASN A CA  1 
ATOM   332  C C   . ASN A 1 54  ? -6.139  -7.086  7.874   1.00 18.31 ? 46  ASN A C   1 
ATOM   333  O O   . ASN A 1 54  ? -5.364  -7.291  8.835   1.00 17.96 ? 46  ASN A O   1 
ATOM   334  C CB  . ASN A 1 54  ? -8.440  -8.163  7.874   1.00 15.38 ? 46  ASN A CB  1 
ATOM   335  C CG  . ASN A 1 54  ? -9.719  -8.158  8.656   1.00 19.51 ? 46  ASN A CG  1 
ATOM   336  O OD1 . ASN A 1 54  ? -9.881  -7.296  9.514   1.00 18.44 ? 46  ASN A OD1 1 
ATOM   337  N ND2 . ASN A 1 54  ? -10.632 -9.103  8.394   1.00 15.56 ? 46  ASN A ND2 1 
ATOM   338  N N   . ASN A 1 55  ? -5.725  -6.979  6.615   1.00 17.61 ? 47  ASN A N   1 
ATOM   339  C CA  . ASN A 1 55  ? -4.275  -6.903  6.265   1.00 18.44 ? 47  ASN A CA  1 
ATOM   340  C C   . ASN A 1 55  ? -3.563  -5.735  7.006   1.00 18.46 ? 47  ASN A C   1 
ATOM   341  O O   . ASN A 1 55  ? -2.524  -5.931  7.691   1.00 18.36 ? 47  ASN A O   1 
ATOM   342  C CB  . ASN A 1 55  ? -4.042  -6.923  4.764   1.00 17.65 ? 47  ASN A CB  1 
ATOM   343  C CG  . ASN A 1 55  ? -4.271  -8.299  4.138   1.00 17.58 ? 47  ASN A CG  1 
ATOM   344  O OD1 . ASN A 1 55  ? -4.298  -9.329  4.895   1.00 23.16 ? 47  ASN A OD1 1 
ATOM   345  N ND2 . ASN A 1 55  ? -4.572  -8.347  2.831   1.00 18.04 ? 47  ASN A ND2 1 
ATOM   346  N N   . MET A 1 56  ? -4.197  -4.567  7.074   1.00 17.22 ? 48  MET A N   1 
ATOM   347  C CA  . MET A 1 56  ? -3.602  -3.487  7.860   1.00 16.61 ? 48  MET A CA  1 
ATOM   348  C C   . MET A 1 56  ? -3.507  -3.777  9.348   1.00 16.40 ? 48  MET A C   1 
ATOM   349  O O   . MET A 1 56  ? -2.529  -3.416  9.952   1.00 18.51 ? 48  MET A O   1 
ATOM   350  C CB  . MET A 1 56  ? -4.297  -2.153  7.625   1.00 17.67 ? 48  MET A CB  1 
ATOM   351  C CG  . MET A 1 56  ? -3.946  -1.552  6.297   1.00 24.17 ? 48  MET A CG  1 
ATOM   352  S SD  . MET A 1 56  ? -4.340  0.208   6.219   1.00 22.90 ? 48  MET A SD  1 
ATOM   353  C CE  . MET A 1 56  ? -6.108  0.014   6.076   1.00 23.15 ? 48  MET A CE  1 
ATOM   354  N N   . ARG A 1 57  ? -4.496  -4.468  9.898   1.00 15.58 ? 49  ARG A N   1 
ATOM   355  C CA  . ARG A 1 57  ? -4.441  -4.908  11.315  1.00 17.07 ? 49  ARG A CA  1 
ATOM   356  C C   . ARG A 1 57  ? -3.329  -5.939  11.526  1.00 17.10 ? 49  ARG A C   1 
ATOM   357  O O   . ARG A 1 57  ? -2.863  -6.102  12.619  1.00 17.94 ? 49  ARG A O   1 
ATOM   358  C CB  . ARG A 1 57  ? -5.789  -5.500  11.795  1.00 16.98 ? 49  ARG A CB  1 
ATOM   359  C CG  . ARG A 1 57  ? -6.904  -4.434  11.811  1.00 18.56 ? 49  ARG A CG  1 
ATOM   360  C CD  . ARG A 1 57  ? -8.325  -5.094  11.973  1.00 23.09 ? 49  ARG A CD  1 
ATOM   361  N NE  . ARG A 1 57  ? -8.327  -5.899  13.168  1.00 25.45 ? 49  ARG A NE  1 
ATOM   362  C CZ  . ARG A 1 57  ? -8.575  -7.208  13.242  1.00 27.69 ? 49  ARG A CZ  1 
ATOM   363  N NH1 . ARG A 1 57  ? -8.878  -7.947  12.188  1.00 28.37 ? 49  ARG A NH1 1 
ATOM   364  N NH2 . ARG A 1 57  ? -8.488  -7.794  14.419  1.00 31.92 ? 49  ARG A NH2 1 
ATOM   365  N N   . ALA A 1 58  ? -2.935  -6.625  10.459  1.00 17.06 ? 50  ALA A N   1 
ATOM   366  C CA  . ALA A 1 58  ? -1.841  -7.610  10.537  1.00 17.92 ? 50  ALA A CA  1 
ATOM   367  C C   . ALA A 1 58  ? -0.425  -6.986  10.336  1.00 19.12 ? 50  ALA A C   1 
ATOM   368  O O   . ALA A 1 58  ? 0.564   -7.693  10.443  1.00 22.77 ? 50  ALA A O   1 
ATOM   369  C CB  . ALA A 1 58  ? -2.047  -8.612  9.469   1.00 18.28 ? 50  ALA A CB  1 
ATOM   370  N N   . MET A 1 59  ? -0.349  -5.716  9.972   1.00 16.46 ? 51  MET A N   1 
ATOM   371  C CA  . MET A 1 59  ? 0.925   -5.095  9.695   1.00 15.57 ? 51  MET A CA  1 
ATOM   372  C C   . MET A 1 59  ? 1.556   -4.789  11.020  1.00 16.45 ? 51  MET A C   1 
ATOM   373  O O   . MET A 1 59  ? 0.852   -4.541  11.974  1.00 18.78 ? 51  MET A O   1 
ATOM   374  C CB  . MET A 1 59  ? 0.763   -3.813  8.954   1.00 17.46 ? 51  MET A CB  1 
ATOM   375  C CG  . MET A 1 59  ? 0.325   -3.999  7.547   1.00 17.56 ? 51  MET A CG  1 
ATOM   376  S SD  . MET A 1 59  ? -0.084  -2.500  6.708   1.00 21.15 ? 51  MET A SD  1 
ATOM   377  C CE  . MET A 1 59  ? -0.502  -3.216  5.208   1.00 23.72 ? 51  MET A CE  1 
ATOM   378  N N   . SER A 1 60  ? 2.893   -4.808  11.037  1.00 15.26 ? 52  SER A N   1 
ATOM   379  C CA  . SER A 1 60  ? 3.721   -4.417  12.178  1.00 12.28 ? 52  SER A CA  1 
ATOM   380  C C   . SER A 1 60  ? 4.655   -3.279  11.859  1.00 13.23 ? 52  SER A C   1 
ATOM   381  O O   . SER A 1 60  ? 5.108   -3.129  10.739  1.00 14.94 ? 52  SER A O   1 
ATOM   382  C CB  . SER A 1 60  ? 4.620   -5.568  12.609  1.00 14.44 ? 52  SER A CB  1 
ATOM   383  O OG  . SER A 1 60  ? 3.873   -6.644  13.211  1.00 20.79 ? 52  SER A OG  1 
ATOM   384  N N   . VAL A 1 61  ? 5.111   -2.594  12.924  1.00 14.37 ? 53  VAL A N   1 
ATOM   385  C CA  . VAL A 1 61  ? 6.025   -1.446  12.721  1.00 15.72 ? 53  VAL A CA  1 
ATOM   386  C C   . VAL A 1 61  ? 7.280   -2.006  12.093  1.00 16.90 ? 53  VAL A C   1 
ATOM   387  O O   . VAL A 1 61  ? 7.747   -3.068  12.464  1.00 15.92 ? 53  VAL A O   1 
ATOM   388  C CB  . VAL A 1 61  ? 6.273   -0.645  14.023  1.00 13.94 ? 53  VAL A CB  1 
ATOM   389  C CG1 . VAL A 1 61  ? 7.303   0.502   13.823  1.00 13.78 ? 53  VAL A CG1 1 
ATOM   390  C CG2 . VAL A 1 61  ? 4.989   -0.082  14.556  1.00 12.14 ? 53  VAL A CG2 1 
ATOM   391  N N   . GLY A 1 62  ? 7.801   -1.284  11.102  1.00 17.74 ? 54  GLY A N   1 
ATOM   392  C CA  . GLY A 1 62  ? 8.996   -1.724  10.390  1.00 19.63 ? 54  GLY A CA  1 
ATOM   393  C C   . GLY A 1 62  ? 8.720   -2.552  9.155   1.00 17.09 ? 54  GLY A C   1 
ATOM   394  O O   . GLY A 1 62  ? 9.601   -2.764  8.297   1.00 18.69 ? 54  GLY A O   1 
ATOM   395  N N   . ASP A 1 63  ? 7.507   -3.090  9.041   1.00 17.03 ? 55  ASP A N   1 
ATOM   396  C CA  . ASP A 1 63  ? 7.155   -3.733  7.778   1.00 17.46 ? 55  ASP A CA  1 
ATOM   397  C C   . ASP A 1 63  ? 7.332   -2.880  6.472   1.00 19.66 ? 55  ASP A C   1 
ATOM   398  O O   . ASP A 1 63  ? 7.108   -1.640  6.432   1.00 17.68 ? 55  ASP A O   1 
ATOM   399  C CB  . ASP A 1 63  ? 5.703   -4.236  7.848   1.00 19.58 ? 55  ASP A CB  1 
ATOM   400  C CG  . ASP A 1 63  ? 5.524   -5.502  8.648   1.00 16.53 ? 55  ASP A CG  1 
ATOM   401  O OD1 . ASP A 1 63  ? 6.483   -6.088  9.236   1.00 17.87 ? 55  ASP A OD1 1 
ATOM   402  O OD2 . ASP A 1 63  ? 4.333   -5.876  8.816   1.00 19.49 ? 55  ASP A OD2 1 
ATOM   403  N N   . LYS A 1 64  ? 7.741   -3.583  5.435   1.00 16.21 ? 56  LYS A N   1 
ATOM   404  C CA  . LYS A 1 64  ? 8.152   -2.893  4.184   1.00 18.96 ? 56  LYS A CA  1 
ATOM   405  C C   . LYS A 1 64  ? 6.934   -2.812  3.318   1.00 18.52 ? 56  LYS A C   1 
ATOM   406  O O   . LYS A 1 64  ? 6.114   -3.732  3.303   1.00 18.26 ? 56  LYS A O   1 
ATOM   407  C CB  . LYS A 1 64  ? 9.319   -3.647  3.534   1.00 22.13 ? 56  LYS A CB  1 
ATOM   408  C CG  . LYS A 1 64  ? 10.606  -3.694  4.273   1.00 30.34 ? 56  LYS A CG  1 
ATOM   409  C CD  . LYS A 1 64  ? 11.066  -2.297  4.604   1.00 32.60 ? 56  LYS A CD  1 
ATOM   410  C CE  . LYS A 1 64  ? 12.559  -2.059  4.583   1.00 42.73 ? 56  LYS A CE  1 
ATOM   411  N NZ  . LYS A 1 64  ? 12.775  -0.613  4.228   1.00 44.01 ? 56  LYS A NZ  1 
ATOM   412  N N   . VAL A 1 65  ? 6.830   -1.763  2.494   1.00 15.70 ? 57  VAL A N   1 
ATOM   413  C CA  . VAL A 1 65  ? 5.667   -1.502  1.684   1.00 16.32 ? 57  VAL A CA  1 
ATOM   414  C C   . VAL A 1 65  ? 6.059   -1.084  0.258   1.00 17.93 ? 57  VAL A C   1 
ATOM   415  O O   . VAL A 1 65  ? 6.836   -0.133  0.097   1.00 18.58 ? 57  VAL A O   1 
ATOM   416  C CB  . VAL A 1 65  ? 4.855   -0.361  2.319   1.00 17.36 ? 57  VAL A CB  1 
ATOM   417  C CG1 . VAL A 1 65  ? 3.818   0.129   1.364   1.00 17.97 ? 57  VAL A CG1 1 
ATOM   418  C CG2 . VAL A 1 65  ? 4.191   -0.800  3.541   1.00 17.27 ? 57  VAL A CG2 1 
ATOM   419  N N   . LEU A 1 66  ? 5.536   -1.784  -0.735  1.00 15.72 ? 58  LEU A N   1 
ATOM   420  C CA  . LEU A 1 66  ? 5.519   -1.368  -2.199  1.00 15.00 ? 58  LEU A CA  1 
ATOM   421  C C   . LEU A 1 66  ? 4.405   -0.390  -2.353  1.00 16.66 ? 58  LEU A C   1 
ATOM   422  O O   . LEU A 1 66  ? 3.248   -0.696  -2.087  1.00 18.09 ? 58  LEU A O   1 
ATOM   423  C CB  . LEU A 1 66  ? 5.371   -2.559  -3.117  1.00 16.25 ? 58  LEU A CB  1 
ATOM   424  C CG  . LEU A 1 66  ? 6.415   -3.641  -2.950  1.00 17.49 ? 58  LEU A CG  1 
ATOM   425  C CD1 . LEU A 1 66  ? 6.087   -4.921  -3.672  1.00 18.39 ? 58  LEU A CD1 1 
ATOM   426  C CD2 . LEU A 1 66  ? 7.783   -3.126  -3.299  1.00 19.03 ? 58  LEU A CD2 1 
ATOM   427  N N   . PHE A 1 67  ? 4.766   0.819   -2.843  1.00 15.83 ? 59  PHE A N   1 
ATOM   428  C CA  . PHE A 1 67  ? 3.787   1.853   -3.095  1.00 17.34 ? 59  PHE A CA  1 
ATOM   429  C C   . PHE A 1 67  ? 3.332   1.657   -4.570  1.00 17.54 ? 59  PHE A C   1 
ATOM   430  O O   . PHE A 1 67  ? 4.100   1.903   -5.498  1.00 18.51 ? 59  PHE A O   1 
ATOM   431  C CB  . PHE A 1 67  ? 4.403   3.223   -2.898  1.00 18.59 ? 59  PHE A CB  1 
ATOM   432  C CG  . PHE A 1 67  ? 3.392   4.318   -2.755  1.00 16.64 ? 59  PHE A CG  1 
ATOM   433  C CD1 . PHE A 1 67  ? 2.690   4.785   -3.805  1.00 16.63 ? 59  PHE A CD1 1 
ATOM   434  C CD2 . PHE A 1 67  ? 3.198   4.913   -1.501  1.00 21.07 ? 59  PHE A CD2 1 
ATOM   435  C CE1 . PHE A 1 67  ? 1.724   5.809   -3.650  1.00 18.61 ? 59  PHE A CE1 1 
ATOM   436  C CE2 . PHE A 1 67  ? 2.283   5.993   -1.323  1.00 19.95 ? 59  PHE A CE2 1 
ATOM   437  C CZ  . PHE A 1 67  ? 1.524   6.415   -2.389  1.00 20.81 ? 59  PHE A CZ  1 
ATOM   438  N N   . TYR A 1 68  ? 2.097   1.288   -4.768  1.00 18.73 ? 60  TYR A N   1 
ATOM   439  C CA  . TYR A 1 68  ? 1.598   0.922   -6.083  1.00 16.95 ? 60  TYR A CA  1 
ATOM   440  C C   . TYR A 1 68  ? 0.594   1.930   -6.540  1.00 19.77 ? 60  TYR A C   1 
ATOM   441  O O   . TYR A 1 68  ? -0.406  2.133   -5.878  1.00 19.05 ? 60  TYR A O   1 
ATOM   442  C CB  . TYR A 1 68  ? 0.950   -0.482  -6.053  1.00 17.28 ? 60  TYR A CB  1 
ATOM   443  C CG  . TYR A 1 68  ? 0.465   -1.014  -7.386  1.00 17.80 ? 60  TYR A CG  1 
ATOM   444  C CD1 . TYR A 1 68  ? -0.780  -0.683  -7.852  1.00 22.11 ? 60  TYR A CD1 1 
ATOM   445  C CD2 . TYR A 1 68  ? 1.276   -1.814  -8.176  1.00 19.40 ? 60  TYR A CD2 1 
ATOM   446  C CE1 . TYR A 1 68  ? -1.265  -1.193  -9.051  1.00 19.84 ? 60  TYR A CE1 1 
ATOM   447  C CE2 . TYR A 1 68  ? 0.822   -2.298  -9.398  1.00 18.66 ? 60  TYR A CE2 1 
ATOM   448  C CZ  . TYR A 1 68  ? -0.431  -1.946  -9.855  1.00 19.52 ? 60  TYR A CZ  1 
ATOM   449  O OH  . TYR A 1 68  ? -0.837  -2.438  -11.071 1.00 20.05 ? 60  TYR A OH  1 
ATOM   450  N N   . HIS A 1 69  ? 0.865   2.553   -7.717  1.00 18.42 ? 61  HIS A N   1 
ATOM   451  C CA  . HIS A 1 69  ? -0.100  3.415   -8.370  1.00 17.46 ? 61  HIS A CA  1 
ATOM   452  C C   . HIS A 1 69  ? -1.109  2.631   -9.200  1.00 21.21 ? 61  HIS A C   1 
ATOM   453  O O   . HIS A 1 69  ? -0.731  1.893   -10.133 1.00 18.32 ? 61  HIS A O   1 
ATOM   454  C CB  . HIS A 1 69  ? 0.622   4.401   -9.311  1.00 18.71 ? 61  HIS A CB  1 
ATOM   455  C CG  . HIS A 1 69  ? 1.381   5.452   -8.595  1.00 17.37 ? 61  HIS A CG  1 
ATOM   456  N ND1 . HIS A 1 69  ? 2.171   6.367   -9.277  1.00 19.67 ? 61  HIS A ND1 1 
ATOM   457  C CD2 . HIS A 1 69  ? 1.475   5.780   -7.287  1.00 21.78 ? 61  HIS A CD2 1 
ATOM   458  C CE1 . HIS A 1 69  ? 2.689   7.212   -8.412  1.00 22.89 ? 61  HIS A CE1 1 
ATOM   459  N NE2 . HIS A 1 69  ? 2.274   6.904   -7.205  1.00 21.72 ? 61  HIS A NE2 1 
ATOM   460  N N   . SER A 1 70  ? -2.391  2.785   -8.836  1.00 22.98 ? 62  SER A N   1 
ATOM   461  C CA  . SER A 1 70  ? -3.497  2.138   -9.492  1.00 25.45 ? 62  SER A CA  1 
ATOM   462  C C   . SER A 1 70  ? -4.378  3.114   -10.234 1.00 24.78 ? 62  SER A C   1 
ATOM   463  O O   . SER A 1 70  ? -4.310  4.346   -9.978  1.00 22.09 ? 62  SER A O   1 
ATOM   464  C CB  . SER A 1 70  ? -4.343  1.352   -8.451  1.00 25.58 ? 62  SER A CB  1 
ATOM   465  O OG  . SER A 1 70  ? -4.751  2.202   -7.385  1.00 27.32 ? 62  SER A OG  1 
ATOM   466  N N   . ASN A 1 71  ? -5.155  2.579   -11.191 1.00 27.15 ? 63  ASN A N   1 
ATOM   467  C CA  . ASN A 1 71  ? -6.210  3.341   -11.836 1.00 27.96 ? 63  ASN A CA  1 
ATOM   468  C C   . ASN A 1 71  ? -5.597  4.603   -12.470 1.00 27.09 ? 63  ASN A C   1 
ATOM   469  O O   . ASN A 1 71  ? -6.007  5.752   -12.232 1.00 26.25 ? 63  ASN A O   1 
ATOM   470  C CB  . ASN A 1 71  ? -7.294  3.683   -10.800 1.00 31.31 ? 63  ASN A CB  1 
ATOM   471  C CG  . ASN A 1 71  ? -8.557  4.273   -11.438 1.00 36.65 ? 63  ASN A CG  1 
ATOM   472  O OD1 . ASN A 1 71  ? -9.386  3.553   -11.986 1.00 41.11 ? 63  ASN A OD1 1 
ATOM   473  N ND2 . ASN A 1 71  ? -8.689  5.611   -11.372 1.00 43.80 ? 63  ASN A ND2 1 
ATOM   474  N N   . THR A 1 72  ? -4.592  4.367   -13.299 1.00 28.21 ? 64  THR A N   1 
ATOM   475  C CA  . THR A 1 72  ? -3.844  5.455   -13.917 1.00 26.12 ? 64  THR A CA  1 
ATOM   476  C C   . THR A 1 72  ? -3.254  4.979   -15.236 1.00 23.74 ? 64  THR A C   1 
ATOM   477  O O   . THR A 1 72  ? -3.263  3.780   -15.491 1.00 24.87 ? 64  THR A O   1 
ATOM   478  C CB  . THR A 1 72  ? -2.731  6.000   -12.908 1.00 25.71 ? 64  THR A CB  1 
ATOM   479  O OG1 . THR A 1 72  ? -2.115  7.172   -13.436 1.00 25.72 ? 64  THR A OG1 1 
ATOM   480  C CG2 . THR A 1 72  ? -1.645  4.950   -12.586 1.00 25.16 ? 64  THR A CG2 1 
ATOM   481  N N   . LYS A 1 73  ? -2.687  5.896   -16.023 1.00 23.12 ? 65  LYS A N   1 
ATOM   482  C CA  . LYS A 1 73  ? -2.039  5.564   -17.284 1.00 24.20 ? 65  LYS A CA  1 
ATOM   483  C C   . LYS A 1 73  ? -0.879  4.587   -17.168 1.00 24.24 ? 65  LYS A C   1 
ATOM   484  O O   . LYS A 1 73  ? -0.673  3.771   -18.048 1.00 27.32 ? 65  LYS A O   1 
ATOM   485  C CB  . LYS A 1 73  ? -1.528  6.852   -17.966 1.00 24.46 ? 65  LYS A CB  1 
ATOM   486  C CG  . LYS A 1 73  ? -1.137  6.687   -19.459 1.00 29.31 ? 65  LYS A CG  1 
ATOM   487  C CD  . LYS A 1 73  ? -0.816  8.054   -20.016 1.00 33.98 ? 65  LYS A CD  1 
ATOM   488  C CE  . LYS A 1 73  ? 0.454   8.664   -19.417 1.00 40.59 ? 65  LYS A CE  1 
ATOM   489  N NZ  . LYS A 1 73  ? 0.994   9.741   -20.312 1.00 44.36 ? 65  LYS A NZ  1 
ATOM   490  N N   . GLU A 1 74  ? -0.077  4.714   -16.118 1.00 24.07 ? 66  GLU A N   1 
ATOM   491  C CA  . GLU A 1 74  ? 1.099   3.878   -15.954 1.00 24.02 ? 66  GLU A CA  1 
ATOM   492  C C   . GLU A 1 74  ? 1.010   3.190   -14.581 1.00 21.65 ? 66  GLU A C   1 
ATOM   493  O O   . GLU A 1 74  ? 1.673   3.601   -13.615 1.00 19.86 ? 66  GLU A O   1 
ATOM   494  C CB  . GLU A 1 74  ? 2.406   4.685   -16.117 1.00 25.62 ? 66  GLU A CB  1 
ATOM   495  C CG  . GLU A 1 74  ? 2.763   5.121   -17.518 1.00 32.83 ? 66  GLU A CG  1 
ATOM   496  C CD  . GLU A 1 74  ? 2.916   3.984   -18.541 1.00 38.64 ? 66  GLU A CD  1 
ATOM   497  O OE1 . GLU A 1 74  ? 3.460   2.906   -18.191 1.00 39.06 ? 66  GLU A OE1 1 
ATOM   498  O OE2 . GLU A 1 74  ? 2.472   4.187   -19.705 1.00 43.29 ? 66  GLU A OE2 1 
ATOM   499  N N   . PRO A 1 75  ? 0.142   2.198   -14.472 1.00 21.33 ? 67  PRO A N   1 
ATOM   500  C CA  . PRO A 1 75  ? 0.054   1.538   -13.183 1.00 19.73 ? 67  PRO A CA  1 
ATOM   501  C C   . PRO A 1 75  ? 1.344   0.787   -12.930 1.00 18.48 ? 67  PRO A C   1 
ATOM   502  O O   . PRO A 1 75  ? 1.932   0.247   -13.830 1.00 19.17 ? 67  PRO A O   1 
ATOM   503  C CB  . PRO A 1 75  ? -1.124  0.542   -13.337 1.00 21.95 ? 67  PRO A CB  1 
ATOM   504  C CG  . PRO A 1 75  ? -1.234  0.332   -14.731 1.00 24.38 ? 67  PRO A CG  1 
ATOM   505  C CD  . PRO A 1 75  ? -0.785  1.608   -15.445 1.00 22.81 ? 67  PRO A CD  1 
ATOM   506  N N   . GLY A 1 76  ? 1.717   0.684   -11.674 1.00 18.83 ? 68  GLY A N   1 
ATOM   507  C CA  . GLY A 1 76  ? 2.799   -0.162  -11.282 1.00 17.54 ? 68  GLY A CA  1 
ATOM   508  C C   . GLY A 1 76  ? 3.349   0.327   -9.946  1.00 16.32 ? 68  GLY A C   1 
ATOM   509  O O   . GLY A 1 76  ? 2.740   1.190   -9.274  1.00 16.85 ? 68  GLY A O   1 
ATOM   510  N N   . VAL A 1 77  ? 4.481   -0.238  -9.547  1.00 17.96 ? 69  VAL A N   1 
ATOM   511  C CA  . VAL A 1 77  ? 5.187   0.163   -8.300  1.00 16.24 ? 69  VAL A CA  1 
ATOM   512  C C   . VAL A 1 77  ? 6.002   1.467   -8.490  1.00 14.96 ? 69  VAL A C   1 
ATOM   513  O O   . VAL A 1 77  ? 6.925   1.522   -9.370  1.00 16.67 ? 69  VAL A O   1 
ATOM   514  C CB  . VAL A 1 77  ? 6.068   -0.942  -7.733  1.00 17.33 ? 69  VAL A CB  1 
ATOM   515  C CG1 . VAL A 1 77  ? 6.714   -0.575  -6.435  1.00 20.16 ? 69  VAL A CG1 1 
ATOM   516  C CG2 . VAL A 1 77  ? 5.165   -2.219  -7.459  1.00 16.57 ? 69  VAL A CG2 1 
ATOM   517  N N   . ALA A 1 78  ? 5.597   2.448   -7.723  1.00 17.37 ? 70  ALA A N   1 
ATOM   518  C CA  . ALA A 1 78  ? 6.201   3.829   -7.778  1.00 15.24 ? 70  ALA A CA  1 
ATOM   519  C C   . ALA A 1 78  ? 7.326   4.142   -6.782  1.00 17.76 ? 70  ALA A C   1 
ATOM   520  O O   . ALA A 1 78  ? 8.102   5.090   -6.940  1.00 16.93 ? 70  ALA A O   1 
ATOM   521  C CB  . ALA A 1 78  ? 5.103   4.777   -7.508  1.00 19.90 ? 70  ALA A CB  1 
ATOM   522  N N   . GLY A 1 79  ? 7.426   3.318   -5.790  1.00 15.42 ? 71  GLY A N   1 
ATOM   523  C CA  . GLY A 1 79  ? 8.375   3.559   -4.658  1.00 14.60 ? 71  GLY A CA  1 
ATOM   524  C C   . GLY A 1 79  ? 8.128   2.658   -3.509  1.00 16.74 ? 71  GLY A C   1 
ATOM   525  O O   . GLY A 1 79  ? 7.444   1.658   -3.602  1.00 15.67 ? 71  GLY A O   1 
ATOM   526  N N   . LEU A 1 80  ? 8.661   3.058   -2.404  1.00 16.88 ? 72  LEU A N   1 
ATOM   527  C CA  . LEU A 1 80  ? 8.733   2.263   -1.216  1.00 16.40 ? 72  LEU A CA  1 
ATOM   528  C C   . LEU A 1 80  ? 8.338   3.103   -0.004  1.00 18.74 ? 72  LEU A C   1 
ATOM   529  O O   . LEU A 1 80  ? 8.638   4.302   0.092   1.00 15.76 ? 72  LEU A O   1 
ATOM   530  C CB  . LEU A 1 80  ? 10.180  1.746   -1.003  1.00 17.30 ? 72  LEU A CB  1 
ATOM   531  C CG  . LEU A 1 80  ? 10.780  0.843   -2.088  1.00 14.08 ? 72  LEU A CG  1 
ATOM   532  C CD1 . LEU A 1 80  ? 12.087  0.343   -1.630  1.00 15.99 ? 72  LEU A CD1 1 
ATOM   533  C CD2 . LEU A 1 80  ? 9.841   -0.376  -2.291  1.00 20.76 ? 72  LEU A CD2 1 
ATOM   534  N N   . ALA A 1 81  ? 7.639   2.429   0.918   1.00 16.36 ? 73  ALA A N   1 
ATOM   535  C CA  . ALA A 1 81  ? 7.329   2.992   2.205   1.00 18.05 ? 73  ALA A CA  1 
ATOM   536  C C   . ALA A 1 81  ? 7.631   1.970   3.326   1.00 17.13 ? 73  ALA A C   1 
ATOM   537  O O   . ALA A 1 81  ? 8.067   0.829   3.080   1.00 15.56 ? 73  ALA A O   1 
ATOM   538  C CB  . ALA A 1 81  ? 5.883   3.432   2.276   1.00 18.67 ? 73  ALA A CB  1 
ATOM   539  N N   . GLU A 1 82  ? 7.357   2.401   4.528   1.00 20.74 ? 74  GLU A N   1 
ATOM   540  C CA  . GLU A 1 82  ? 7.621   1.554   5.729   1.00 19.53 ? 74  GLU A CA  1 
ATOM   541  C C   . GLU A 1 82  ? 6.556   1.820   6.773   1.00 18.71 ? 74  GLU A C   1 
ATOM   542  O O   . GLU A 1 82  ? 6.117   2.917   6.914   1.00 17.54 ? 74  GLU A O   1 
ATOM   543  C CB  . GLU A 1 82  ? 9.001   1.776   6.262   1.00 22.40 ? 74  GLU A CB  1 
ATOM   544  C CG  . GLU A 1 82  ? 9.284   1.023   7.482   1.00 22.21 ? 74  GLU A CG  1 
ATOM   545  C CD  . GLU A 1 82  ? 10.756  1.139   7.910   1.00 30.29 ? 74  GLU A CD  1 
ATOM   546  O OE1 . GLU A 1 82  ? 11.600  1.229   7.000   1.00 32.95 ? 74  GLU A OE1 1 
ATOM   547  O OE2 . GLU A 1 82  ? 11.069  1.088   9.152   1.00 30.88 ? 74  GLU A OE2 1 
ATOM   548  N N   . VAL A 1 83  ? 6.011   0.772   7.398   1.00 15.57 ? 75  VAL A N   1 
ATOM   549  C CA  . VAL A 1 83  ? 5.007   1.005   8.411   1.00 17.79 ? 75  VAL A CA  1 
ATOM   550  C C   . VAL A 1 83  ? 5.658   1.656   9.664   1.00 17.72 ? 75  VAL A C   1 
ATOM   551  O O   . VAL A 1 83  ? 6.677   1.160   10.226  1.00 18.93 ? 75  VAL A O   1 
ATOM   552  C CB  . VAL A 1 83  ? 4.304   -0.346  8.787   1.00 17.90 ? 75  VAL A CB  1 
ATOM   553  C CG1 . VAL A 1 83  ? 3.363   -0.186  9.989   1.00 17.57 ? 75  VAL A CG1 1 
ATOM   554  C CG2 . VAL A 1 83  ? 3.584   -0.884  7.537   1.00 18.84 ? 75  VAL A CG2 1 
ATOM   555  N N   . VAL A 1 84  ? 5.091   2.774   10.138  1.00 18.01 ? 76  VAL A N   1 
ATOM   556  C CA  . VAL A 1 84  ? 5.573   3.381   11.383  1.00 18.64 ? 76  VAL A CA  1 
ATOM   557  C C   . VAL A 1 84  ? 4.630   3.459   12.618  1.00 18.82 ? 76  VAL A C   1 
ATOM   558  O O   . VAL A 1 84  ? 5.063   3.793   13.690  1.00 18.89 ? 76  VAL A O   1 
ATOM   559  C CB  . VAL A 1 84  ? 6.221   4.778   11.166  1.00 18.88 ? 76  VAL A CB  1 
ATOM   560  C CG1 . VAL A 1 84  ? 7.418   4.640   10.210  1.00 22.92 ? 76  VAL A CG1 1 
ATOM   561  C CG2 . VAL A 1 84  ? 5.201   5.760   10.639  1.00 20.12 ? 76  VAL A CG2 1 
ATOM   562  N N   . ARG A 1 85  ? 3.362   3.115   12.445  1.00 21.08 ? 77  ARG A N   1 
ATOM   563  C CA  . ARG A 1 85  ? 2.482   2.950   13.575  1.00 19.52 ? 77  ARG A CA  1 
ATOM   564  C C   . ARG A 1 85  ? 1.481   1.838   13.277  1.00 18.18 ? 77  ARG A C   1 
ATOM   565  O O   . ARG A 1 85  ? 0.967   1.732   12.170  1.00 19.63 ? 77  ARG A O   1 
ATOM   566  C CB  . ARG A 1 85  ? 1.681   4.204   13.844  1.00 21.78 ? 77  ARG A CB  1 
ATOM   567  C CG  . ARG A 1 85  ? 1.091   4.158   15.274  1.00 24.62 ? 77  ARG A CG  1 
ATOM   568  C CD  . ARG A 1 85  ? -0.008  5.133   15.587  1.00 25.96 ? 77  ARG A CD  1 
ATOM   569  N NE  . ARG A 1 85  ? -0.330  5.124   17.037  1.00 25.07 ? 77  ARG A NE  1 
ATOM   570  C CZ  . ARG A 1 85  ? -1.064  4.185   17.664  1.00 27.83 ? 77  ARG A CZ  1 
ATOM   571  N NH1 . ARG A 1 85  ? -1.573  3.084   17.023  1.00 24.98 ? 77  ARG A NH1 1 
ATOM   572  N NH2 . ARG A 1 85  ? -1.297  4.348   18.968  1.00 28.78 ? 77  ARG A NH2 1 
ATOM   573  N N   . LEU A 1 86  ? 1.149   1.077   14.323  1.00 21.14 ? 78  LEU A N   1 
ATOM   574  C CA  . LEU A 1 86  ? 0.127   0.073   14.204  1.00 22.86 ? 78  LEU A CA  1 
ATOM   575  C C   . LEU A 1 86  ? -1.282  0.620   13.987  1.00 21.24 ? 78  LEU A C   1 
ATOM   576  O O   . LEU A 1 86  ? -1.574  1.731   14.348  1.00 21.07 ? 78  LEU A O   1 
ATOM   577  C CB  . LEU A 1 86  ? 0.108   -0.751  15.475  1.00 23.23 ? 78  LEU A CB  1 
ATOM   578  C CG  . LEU A 1 86  ? 1.305   -1.617  15.847  1.00 23.87 ? 78  LEU A CG  1 
ATOM   579  C CD1 . LEU A 1 86  ? 1.023   -2.264  17.148  1.00 26.35 ? 78  LEU A CD1 1 
ATOM   580  C CD2 . LEU A 1 86  ? 1.558   -2.663  14.809  1.00 22.79 ? 78  LEU A CD2 1 
ATOM   581  N N   . ALA A 1 87  ? -2.170  -0.246  13.487  1.00 21.33 ? 79  ALA A N   1 
ATOM   582  C CA  . ALA A 1 87  ? -3.503  0.148   13.075  1.00 19.34 ? 79  ALA A CA  1 
ATOM   583  C C   . ALA A 1 87  ? -4.343  0.815   14.182  1.00 16.19 ? 79  ALA A C   1 
ATOM   584  O O   . ALA A 1 87  ? -4.310  0.424   15.374  1.00 17.98 ? 79  ALA A O   1 
ATOM   585  C CB  . ALA A 1 87  ? -4.232  -1.046  12.466  1.00 20.23 ? 79  ALA A CB  1 
ATOM   586  N N   . TYR A 1 88  ? -4.991  1.915   13.818  1.00 16.06 ? 80  TYR A N   1 
ATOM   587  C CA  . TYR A 1 88  ? -5.859  2.632   14.691  1.00 18.25 ? 80  TYR A CA  1 
ATOM   588  C C   . TYR A 1 88  ? -7.066  3.061   13.894  1.00 17.31 ? 80  TYR A C   1 
ATOM   589  O O   . TYR A 1 88  ? -7.080  2.912   12.682  1.00 20.66 ? 80  TYR A O   1 
ATOM   590  C CB  . TYR A 1 88  ? -5.126  3.839   15.289  1.00 17.79 ? 80  TYR A CB  1 
ATOM   591  C CG  . TYR A 1 88  ? -4.563  4.874   14.321  1.00 17.02 ? 80  TYR A CG  1 
ATOM   592  C CD1 . TYR A 1 88  ? -3.363  4.666   13.671  1.00 20.76 ? 80  TYR A CD1 1 
ATOM   593  C CD2 . TYR A 1 88  ? -5.220  6.089   14.132  1.00 14.37 ? 80  TYR A CD2 1 
ATOM   594  C CE1 . TYR A 1 88  ? -2.839  5.632   12.801  1.00 17.28 ? 80  TYR A CE1 1 
ATOM   595  C CE2 . TYR A 1 88  ? -4.722  7.047   13.247  1.00 18.29 ? 80  TYR A CE2 1 
ATOM   596  C CZ  . TYR A 1 88  ? -3.519  6.807   12.614  1.00 19.33 ? 80  TYR A CZ  1 
ATOM   597  O OH  . TYR A 1 88  ? -2.992  7.795   11.752  1.00 22.67 ? 80  TYR A OH  1 
ATOM   598  N N   . ASP A 1 89  ? -8.064  3.617   14.561  1.00 18.38 ? 81  ASP A N   1 
ATOM   599  C CA  . ASP A 1 89  ? -9.337  3.936   13.903  1.00 18.45 ? 81  ASP A CA  1 
ATOM   600  C C   . ASP A 1 89  ? -9.155  4.934   12.787  1.00 17.30 ? 81  ASP A C   1 
ATOM   601  O O   . ASP A 1 89  ? -8.454  5.941   12.970  1.00 17.25 ? 81  ASP A O   1 
ATOM   602  C CB  . ASP A 1 89  ? -10.370 4.453   14.893  1.00 18.55 ? 81  ASP A CB  1 
ATOM   603  C CG  . ASP A 1 89  ? -11.069 3.334   15.652  1.00 20.79 ? 81  ASP A CG  1 
ATOM   604  O OD1 . ASP A 1 89  ? -10.554 2.178   15.780  1.00 18.25 ? 81  ASP A OD1 1 
ATOM   605  O OD2 . ASP A 1 89  ? -12.188 3.634   16.079  1.00 25.61 ? 81  ASP A OD2 1 
ATOM   606  N N   . ASP A 1 90  ? -9.716  4.625   11.620  1.00 16.61 ? 82  ASP A N   1 
ATOM   607  C CA  . ASP A 1 90  ? -9.663  5.540   10.478  1.00 15.21 ? 82  ASP A CA  1 
ATOM   608  C C   . ASP A 1 90  ? -10.750 6.589   10.621  1.00 16.84 ? 82  ASP A C   1 
ATOM   609  O O   . ASP A 1 90  ? -11.880 6.403   10.172  1.00 13.15 ? 82  ASP A O   1 
ATOM   610  C CB  . ASP A 1 90  ? -9.840  4.814   9.155   1.00 12.07 ? 82  ASP A CB  1 
ATOM   611  C CG  . ASP A 1 90  ? -9.751  5.740   7.993   1.00 18.71 ? 82  ASP A CG  1 
ATOM   612  O OD1 . ASP A 1 90  ? -9.698  6.946   8.235   1.00 17.29 ? 82  ASP A OD1 1 
ATOM   613  O OD2 . ASP A 1 90  ? -9.759  5.247   6.884   1.00 14.26 ? 82  ASP A OD2 1 
ATOM   614  N N   . PHE A 1 91  ? -10.392 7.736   11.196  1.00 15.49 ? 83  PHE A N   1 
ATOM   615  C CA  . PHE A 1 91  ? -11.336 8.826   11.411  1.00 17.39 ? 83  PHE A CA  1 
ATOM   616  C C   . PHE A 1 91  ? -11.933 9.478   10.148  1.00 14.71 ? 83  PHE A C   1 
ATOM   617  O O   . PHE A 1 91  ? -12.909 10.214  10.273  1.00 16.91 ? 83  PHE A O   1 
ATOM   618  C CB  . PHE A 1 91  ? -10.721 9.899   12.328  1.00 18.07 ? 83  PHE A CB  1 
ATOM   619  C CG  . PHE A 1 91  ? -9.403  10.380  11.845  1.00 18.56 ? 83  PHE A CG  1 
ATOM   620  C CD1 . PHE A 1 91  ? -9.321  11.123  10.670  1.00 20.86 ? 83  PHE A CD1 1 
ATOM   621  C CD2 . PHE A 1 91  ? -8.244  10.051  12.508  1.00 18.68 ? 83  PHE A CD2 1 
ATOM   622  C CE1 . PHE A 1 91  ? -8.100  11.569  10.167  1.00 19.38 ? 83  PHE A CE1 1 
ATOM   623  C CE2 . PHE A 1 91  ? -7.002  10.491  12.021  1.00 20.01 ? 83  PHE A CE2 1 
ATOM   624  C CZ  . PHE A 1 91  ? -6.935  11.234  10.813  1.00 22.41 ? 83  PHE A CZ  1 
ATOM   625  N N   . THR A 1 92  ? -11.386 9.225   8.952   1.00 16.54 ? 84  THR A N   1 
ATOM   626  C CA  . THR A 1 92  ? -12.012 9.722   7.753   1.00 17.46 ? 84  THR A CA  1 
ATOM   627  C C   . THR A 1 92  ? -13.384 9.091   7.544   1.00 16.21 ? 84  THR A C   1 
ATOM   628  O O   . THR A 1 92  ? -14.239 9.681   6.917   1.00 17.10 ? 84  THR A O   1 
ATOM   629  C CB  . THR A 1 92  ? -11.108 9.568   6.474   1.00 16.53 ? 84  THR A CB  1 
ATOM   630  O OG1 . THR A 1 92  ? -10.887 8.194   6.162   1.00 16.59 ? 84  THR A OG1 1 
ATOM   631  C CG2 . THR A 1 92  ? -9.758  10.189  6.703   1.00 21.01 ? 84  THR A CG2 1 
ATOM   632  N N   . ALA A 1 93  ? -13.637 7.942   8.142   1.00 17.41 ? 85  ALA A N   1 
ATOM   633  C CA  . ALA A 1 93  ? -14.951 7.337   8.022   1.00 17.10 ? 85  ALA A CA  1 
ATOM   634  C C   . ALA A 1 93  ? -16.039 8.241   8.621   1.00 19.14 ? 85  ALA A C   1 
ATOM   635  O O   . ALA A 1 93  ? -17.237 8.098   8.299   1.00 19.94 ? 85  ALA A O   1 
ATOM   636  C CB  . ALA A 1 93  ? -14.986 5.931   8.776   1.00 19.25 ? 85  ALA A CB  1 
ATOM   637  N N   . LEU A 1 94  ? -15.641 9.096   9.568   1.00 19.95 ? 86  LEU A N   1 
ATOM   638  C CA  . LEU A 1 94  ? -16.547 10.035  10.245  1.00 20.01 ? 86  LEU A CA  1 
ATOM   639  C C   . LEU A 1 94  ? -16.534 11.452  9.621   1.00 19.08 ? 86  LEU A C   1 
ATOM   640  O O   . LEU A 1 94  ? -17.284 12.339  10.057  1.00 18.47 ? 86  LEU A O   1 
ATOM   641  C CB  . LEU A 1 94  ? -16.162 10.146  11.725  1.00 21.26 ? 86  LEU A CB  1 
ATOM   642  C CG  . LEU A 1 94  ? -16.010 8.823   12.479  1.00 24.95 ? 86  LEU A CG  1 
ATOM   643  C CD1 . LEU A 1 94  ? -15.538 9.085   13.917  1.00 32.10 ? 86  LEU A CD1 1 
ATOM   644  C CD2 . LEU A 1 94  ? -17.279 8.057   12.468  1.00 26.94 ? 86  LEU A CD2 1 
ATOM   645  N N   . ASP A 1 95  ? -15.694 11.676  8.608   1.00 18.27 ? 87  ASP A N   1 
ATOM   646  C CA  . ASP A 1 95  ? -15.631 12.974  7.969   1.00 17.83 ? 87  ASP A CA  1 
ATOM   647  C C   . ASP A 1 95  ? -16.690 13.028  6.870   1.00 17.35 ? 87  ASP A C   1 
ATOM   648  O O   . ASP A 1 95  ? -16.540 12.432  5.803   1.00 16.08 ? 87  ASP A O   1 
ATOM   649  C CB  . ASP A 1 95  ? -14.238 13.181  7.415   1.00 17.29 ? 87  ASP A CB  1 
ATOM   650  C CG  . ASP A 1 95  ? -14.063 14.503  6.732   1.00 16.29 ? 87  ASP A CG  1 
ATOM   651  O OD1 . ASP A 1 95  ? -15.026 15.285  6.593   1.00 18.18 ? 87  ASP A OD1 1 
ATOM   652  O OD2 . ASP A 1 95  ? -12.917 14.723  6.366   1.00 22.09 ? 87  ASP A OD2 1 
ATOM   653  N N   . LYS A 1 96  ? -17.742 13.779  7.139   1.00 19.30 ? 88  LYS A N   1 
ATOM   654  C CA  . LYS A 1 96  ? -18.864 13.917  6.220   1.00 20.20 ? 88  LYS A CA  1 
ATOM   655  C C   . LYS A 1 96  ? -18.496 14.554  4.892   1.00 19.83 ? 88  LYS A C   1 
ATOM   656  O O   . LYS A 1 96  ? -19.249 14.402  3.956   1.00 22.57 ? 88  LYS A O   1 
ATOM   657  C CB  . LYS A 1 96  ? -20.001 14.695  6.865   1.00 20.22 ? 88  LYS A CB  1 
ATOM   658  C CG  . LYS A 1 96  ? -20.869 13.836  7.809   1.00 24.88 ? 88  LYS A CG  1 
ATOM   659  C CD  . LYS A 1 96  ? -22.404 14.043  7.615   1.00 30.03 ? 88  LYS A CD  1 
ATOM   660  C CE  . LYS A 1 96  ? -22.949 13.440  6.286   1.00 31.74 ? 88  LYS A CE  1 
ATOM   661  N NZ  . LYS A 1 96  ? -22.319 14.003  4.998   1.00 35.59 ? 88  LYS A NZ  1 
ATOM   662  N N   . THR A 1 97  ? -17.359 15.250  4.813   1.00 18.74 ? 89  THR A N   1 
ATOM   663  C CA  . THR A 1 97  ? -16.845 15.863  3.555   1.00 18.31 ? 89  THR A CA  1 
ATOM   664  C C   . THR A 1 97  ? -15.932 14.959  2.720   1.00 17.43 ? 89  THR A C   1 
ATOM   665  O O   . THR A 1 97  ? -15.538 15.331  1.584   1.00 19.53 ? 89  THR A O   1 
ATOM   666  C CB  . THR A 1 97  ? -16.037 17.142  3.856   1.00 18.00 ? 89  THR A CB  1 
ATOM   667  O OG1 . THR A 1 97  ? -14.763 16.814  4.432   1.00 19.43 ? 89  THR A OG1 1 
ATOM   668  C CG2 . THR A 1 97  ? -16.816 18.107  4.703   1.00 19.17 ? 89  THR A CG2 1 
ATOM   669  N N   . SER A 1 98  ? -15.583 13.800  3.283   1.00 18.81 ? 90  SER A N   1 
ATOM   670  C CA  . SER A 1 98  ? -14.700 12.826  2.672   1.00 18.21 ? 90  SER A CA  1 
ATOM   671  C C   . SER A 1 98  ? -15.447 11.897  1.741   1.00 19.34 ? 90  SER A C   1 
ATOM   672  O O   . SER A 1 98  ? -16.555 11.418  2.019   1.00 17.34 ? 90  SER A O   1 
ATOM   673  C CB  . SER A 1 98  ? -14.048 11.931  3.737   1.00 17.34 ? 90  SER A CB  1 
ATOM   674  O OG  . SER A 1 98  ? -13.174 10.927  3.139   1.00 19.36 ? 90  SER A OG  1 
ATOM   675  N N   . GLU A 1 99  ? -14.805 11.616  0.633   1.00 21.76 ? 91  GLU A N   1 
ATOM   676  C CA  . GLU A 1 99  ? -15.101 10.442  -0.213  1.00 21.55 ? 91  GLU A CA  1 
ATOM   677  C C   . GLU A 1 99  ? -15.169 9.140   0.544   1.00 20.49 ? 91  GLU A C   1 
ATOM   678  O O   . GLU A 1 99  ? -15.894 8.237   0.141   1.00 21.37 ? 91  GLU A O   1 
ATOM   679  C CB  . GLU A 1 99  ? -13.975 10.287  -1.243  1.00 24.23 ? 91  GLU A CB  1 
ATOM   680  C CG  . GLU A 1 99  ? -14.223 9.225   -2.283  1.00 28.59 ? 91  GLU A CG  1 
ATOM   681  C CD  . GLU A 1 99  ? -13.046 9.095   -3.210  1.00 35.19 ? 91  GLU A CD  1 
ATOM   682  O OE1 . GLU A 1 99  ? -12.084 9.861   -3.064  1.00 36.74 ? 91  GLU A OE1 1 
ATOM   683  O OE2 . GLU A 1 99  ? -13.100 8.231   -4.097  1.00 46.00 ? 91  GLU A OE2 1 
ATOM   684  N N   . TYR A 1 100 ? -14.385 9.029   1.601   1.00 20.04 ? 92  TYR A N   1 
ATOM   685  C CA  . TYR A 1 100 ? -14.327 7.800   2.377   1.00 20.16 ? 92  TYR A CA  1 
ATOM   686  C C   . TYR A 1 100 ? -15.299 7.796   3.580   1.00 18.97 ? 92  TYR A C   1 
ATOM   687  O O   . TYR A 1 100 ? -15.235 6.916   4.438   1.00 16.15 ? 92  TYR A O   1 
ATOM   688  C CB  . TYR A 1 100 ? -12.868 7.555   2.805   1.00 20.92 ? 92  TYR A CB  1 
ATOM   689  C CG  . TYR A 1 100 ? -11.890 7.775   1.686   1.00 21.60 ? 92  TYR A CG  1 
ATOM   690  C CD1 . TYR A 1 100 ? -12.058 7.147   0.460   1.00 24.11 ? 92  TYR A CD1 1 
ATOM   691  C CD2 . TYR A 1 100 ? -10.808 8.630   1.839   1.00 22.34 ? 92  TYR A CD2 1 
ATOM   692  C CE1 . TYR A 1 100 ? -11.178 7.376   -0.599  1.00 25.65 ? 92  TYR A CE1 1 
ATOM   693  C CE2 . TYR A 1 100 ? -9.919  8.834   0.798   1.00 24.12 ? 92  TYR A CE2 1 
ATOM   694  C CZ  . TYR A 1 100 ? -10.136 8.204   -0.417  1.00 25.32 ? 92  TYR A CZ  1 
ATOM   695  O OH  . TYR A 1 100 ? -9.262  8.419   -1.450  1.00 28.65 ? 92  TYR A OH  1 
ATOM   696  N N   . PHE A 1 101 ? -16.248 8.726   3.599   1.00 18.79 ? 93  PHE A N   1 
ATOM   697  C CA  . PHE A 1 101 ? -17.264 8.779   4.634   1.00 19.02 ? 93  PHE A CA  1 
ATOM   698  C C   . PHE A 1 101 ? -18.007 7.457   4.675   1.00 20.40 ? 93  PHE A C   1 
ATOM   699  O O   . PHE A 1 101 ? -18.309 6.891   3.648   1.00 20.43 ? 93  PHE A O   1 
ATOM   700  C CB  . PHE A 1 101 ? -18.275 9.897   4.372   1.00 19.53 ? 93  PHE A CB  1 
ATOM   701  C CG  . PHE A 1 101 ? -19.358 9.998   5.418   1.00 20.27 ? 93  PHE A CG  1 
ATOM   702  C CD1 . PHE A 1 101 ? -19.036 10.142  6.748   1.00 21.66 ? 93  PHE A CD1 1 
ATOM   703  C CD2 . PHE A 1 101 ? -20.719 9.940   5.057   1.00 23.58 ? 93  PHE A CD2 1 
ATOM   704  C CE1 . PHE A 1 101 ? -20.034 10.219  7.729   1.00 23.65 ? 93  PHE A CE1 1 
ATOM   705  C CE2 . PHE A 1 101 ? -21.716 10.048  6.000   1.00 22.03 ? 93  PHE A CE2 1 
ATOM   706  C CZ  . PHE A 1 101 ? -21.377 10.167  7.357   1.00 26.34 ? 93  PHE A CZ  1 
ATOM   707  N N   . ASP A 1 102 ? -18.276 6.969   5.871   1.00 20.05 ? 94  ASP A N   1 
ATOM   708  C CA  . ASP A 1 102 ? -19.104 5.764   6.062   1.00 23.00 ? 94  ASP A CA  1 
ATOM   709  C C   . ASP A 1 102 ? -20.277 6.145   6.961   1.00 24.38 ? 94  ASP A C   1 
ATOM   710  O O   . ASP A 1 102 ? -20.070 6.350   8.160   1.00 23.61 ? 94  ASP A O   1 
ATOM   711  C CB  . ASP A 1 102 ? -18.281 4.655   6.717   1.00 21.67 ? 94  ASP A CB  1 
ATOM   712  C CG  . ASP A 1 102 ? -19.092 3.405   6.981   1.00 27.31 ? 94  ASP A CG  1 
ATOM   713  O OD1 . ASP A 1 102 ? -20.298 3.385   6.657   1.00 26.47 ? 94  ASP A OD1 1 
ATOM   714  O OD2 . ASP A 1 102 ? -18.512 2.425   7.473   1.00 28.51 ? 94  ASP A OD2 1 
ATOM   715  N N   . PRO A 1 103 ? -21.493 6.287   6.370   1.00 26.48 ? 95  PRO A N   1 
ATOM   716  C CA  . PRO A 1 103 ? -22.744 6.729   7.008   1.00 27.59 ? 95  PRO A CA  1 
ATOM   717  C C   . PRO A 1 103 ? -23.095 5.986   8.276   1.00 28.45 ? 95  PRO A C   1 
ATOM   718  O O   . PRO A 1 103 ? -23.885 6.477   9.089   1.00 28.53 ? 95  PRO A O   1 
ATOM   719  C CB  . PRO A 1 103 ? -23.817 6.417   5.954   1.00 27.05 ? 95  PRO A CB  1 
ATOM   720  C CG  . PRO A 1 103 ? -23.120 6.411   4.667   1.00 29.67 ? 95  PRO A CG  1 
ATOM   721  C CD  . PRO A 1 103 ? -21.673 6.038   4.930   1.00 26.86 ? 95  PRO A CD  1 
ATOM   722  N N   . LYS A 1 104 ? -22.511 4.809   8.438   1.00 29.37 ? 96  LYS A N   1 
ATOM   723  C CA  . LYS A 1 104 ? -22.868 3.938   9.524   1.00 30.85 ? 96  LYS A CA  1 
ATOM   724  C C   . LYS A 1 104 ? -21.758 3.686   10.531  1.00 30.82 ? 96  LYS A C   1 
ATOM   725  O O   . LYS A 1 104 ? -21.888 2.812   11.385  1.00 29.48 ? 96  LYS A O   1 
ATOM   726  C CB  . LYS A 1 104 ? -23.308 2.611   8.930   1.00 32.78 ? 96  LYS A CB  1 
ATOM   727  C CG  . LYS A 1 104 ? -22.192 1.745   8.390   1.00 36.72 ? 96  LYS A CG  1 
ATOM   728  C CD  . LYS A 1 104 ? -22.647 0.859   7.224   1.00 41.72 ? 96  LYS A CD  1 
ATOM   729  C CE  . LYS A 1 104 ? -21.517 -0.075  6.778   1.00 46.53 ? 96  LYS A CE  1 
ATOM   730  N NZ  . LYS A 1 104 ? -21.974 -1.038  5.729   1.00 48.46 ? 96  LYS A NZ  1 
ATOM   731  N N   . ALA A 1 105 ? -20.655 4.415   10.403  1.00 30.90 ? 97  ALA A N   1 
ATOM   732  C CA  . ALA A 1 105 ? -19.567 4.331   11.366  1.00 31.80 ? 97  ALA A CA  1 
ATOM   733  C C   . ALA A 1 105 ? -19.893 5.279   12.509  1.00 32.58 ? 97  ALA A C   1 
ATOM   734  O O   . ALA A 1 105 ? -20.549 6.306   12.303  1.00 32.21 ? 97  ALA A O   1 
ATOM   735  C CB  . ALA A 1 105 ? -18.213 4.723   10.713  1.00 32.00 ? 97  ALA A CB  1 
ATOM   736  N N   . THR A 1 106 ? -19.398 4.933   13.694  1.00 33.62 ? 98  THR A N   1 
ATOM   737  C CA  . THR A 1 106 ? -19.599 5.705   14.909  1.00 34.69 ? 98  THR A CA  1 
ATOM   738  C C   . THR A 1 106 ? -18.243 6.030   15.535  1.00 35.40 ? 98  THR A C   1 
ATOM   739  O O   . THR A 1 106 ? -17.261 5.356   15.258  1.00 34.22 ? 98  THR A O   1 
ATOM   740  C CB  . THR A 1 106 ? -20.456 4.880   15.928  1.00 35.06 ? 98  THR A CB  1 
ATOM   741  O OG1 . THR A 1 106 ? -21.553 4.262   15.245  1.00 32.94 ? 98  THR A OG1 1 
ATOM   742  C CG2 . THR A 1 106 ? -20.985 5.749   17.055  1.00 37.69 ? 98  THR A CG2 1 
ATOM   743  N N   . LYS A 1 107 ? -18.197 7.061   16.381  1.00 37.05 ? 99  LYS A N   1 
ATOM   744  C CA  . LYS A 1 107 ? -17.048 7.286   17.278  1.00 37.58 ? 99  LYS A CA  1 
ATOM   745  C C   . LYS A 1 107 ? -16.676 5.970   17.998  1.00 37.28 ? 99  LYS A C   1 
ATOM   746  O O   . LYS A 1 107 ? -15.499 5.589   18.051  1.00 37.63 ? 99  LYS A O   1 
ATOM   747  C CB  . LYS A 1 107 ? -17.362 8.404   18.312  1.00 38.14 ? 99  LYS A CB  1 
ATOM   748  C CG  . LYS A 1 107 ? -18.425 8.018   19.383  1.00 38.67 ? 99  LYS A CG  1 
ATOM   749  C CD  . LYS A 1 107 ? -19.121 9.170   20.126  1.00 38.22 ? 99  LYS A CD  1 
ATOM   750  C CE  . LYS A 1 107 ? -18.185 9.920   21.088  1.00 38.62 ? 99  LYS A CE  1 
ATOM   751  N NZ  . LYS A 1 107 ? -17.714 9.090   22.246  1.00 40.49 ? 99  LYS A NZ  1 
ATOM   752  N N   . GLU A 1 108 ? -17.692 5.261   18.491  1.00 36.29 ? 100 GLU A N   1 
ATOM   753  C CA  . GLU A 1 108 ? -17.521 4.067   19.342  1.00 35.84 ? 100 GLU A CA  1 
ATOM   754  C C   . GLU A 1 108 ? -17.502 2.743   18.585  1.00 33.64 ? 100 GLU A C   1 
ATOM   755  O O   . GLU A 1 108 ? -16.991 1.757   19.098  1.00 31.50 ? 100 GLU A O   1 
ATOM   756  C CB  . GLU A 1 108 ? -18.645 3.987   20.379  1.00 37.12 ? 100 GLU A CB  1 
ATOM   757  C CG  . GLU A 1 108 ? -18.991 5.293   21.035  1.00 39.65 ? 100 GLU A CG  1 
ATOM   758  C CD  . GLU A 1 108 ? -20.291 5.226   21.759  1.00 44.77 ? 100 GLU A CD  1 
ATOM   759  O OE1 . GLU A 1 108 ? -21.317 4.978   21.081  1.00 48.25 ? 100 GLU A OE1 1 
ATOM   760  O OE2 . GLU A 1 108 ? -20.292 5.419   22.998  1.00 48.57 ? 100 GLU A OE2 1 
ATOM   761  N N   . LYS A 1 109 ? -18.076 2.733   17.387  1.00 32.33 ? 101 LYS A N   1 
ATOM   762  C CA  . LYS A 1 109 ? -18.102 1.557   16.497  1.00 31.54 ? 101 LYS A CA  1 
ATOM   763  C C   . LYS A 1 109 ? -17.698 1.959   15.077  1.00 28.26 ? 101 LYS A C   1 
ATOM   764  O O   . LYS A 1 109 ? -18.544 2.144   14.181  1.00 28.18 ? 101 LYS A O   1 
ATOM   765  C CB  . LYS A 1 109 ? -19.488 0.891   16.489  1.00 33.45 ? 101 LYS A CB  1 
ATOM   766  C CG  . LYS A 1 109 ? -19.512 -0.521  15.860  1.00 37.33 ? 101 LYS A CG  1 
ATOM   767  C CD  . LYS A 1 109 ? -20.929 -1.195  15.955  1.00 40.32 ? 101 LYS A CD  1 
ATOM   768  C CE  . LYS A 1 109 ? -21.065 -2.410  15.001  1.00 43.13 ? 101 LYS A CE  1 
ATOM   769  N NZ  . LYS A 1 109 ? -22.445 -3.069  15.045  1.00 43.40 ? 101 LYS A NZ  1 
ATOM   770  N N   . ASN A 1 110 ? -16.391 2.128   14.906  1.00 24.33 ? 102 ASN A N   1 
ATOM   771  C CA  . ASN A 1 110 ? -15.782 2.425   13.605  1.00 22.75 ? 102 ASN A CA  1 
ATOM   772  C C   . ASN A 1 110 ? -15.055 1.174   13.108  1.00 20.92 ? 102 ASN A C   1 
ATOM   773  O O   . ASN A 1 110 ? -14.044 0.792   13.671  1.00 21.60 ? 102 ASN A O   1 
ATOM   774  C CB  . ASN A 1 110 ? -14.811 3.582   13.744  1.00 19.60 ? 102 ASN A CB  1 
ATOM   775  C CG  . ASN A 1 110 ? -14.274 4.032   12.427  1.00 20.28 ? 102 ASN A CG  1 
ATOM   776  O OD1 . ASN A 1 110 ? -14.489 3.372   11.404  1.00 13.71 ? 102 ASN A OD1 1 
ATOM   777  N ND2 . ASN A 1 110 ? -13.552 5.181   12.434  1.00 15.85 ? 102 ASN A ND2 1 
ATOM   778  N N   . PRO A 1 111 ? -15.570 0.516   12.055  1.00 20.71 ? 103 PRO A N   1 
ATOM   779  C CA  . PRO A 1 111 ? -14.914 -0.707  11.665  1.00 20.45 ? 103 PRO A CA  1 
ATOM   780  C C   . PRO A 1 111 ? -13.584 -0.466  10.952  1.00 21.86 ? 103 PRO A C   1 
ATOM   781  O O   . PRO A 1 111 ? -12.739 -1.350  10.892  1.00 22.22 ? 103 PRO A O   1 
ATOM   782  C CB  . PRO A 1 111 ? -15.919 -1.359  10.740  1.00 23.45 ? 103 PRO A CB  1 
ATOM   783  C CG  . PRO A 1 111 ? -16.838 -0.296  10.275  1.00 25.15 ? 103 PRO A CG  1 
ATOM   784  C CD  . PRO A 1 111 ? -16.706 0.867   11.192  1.00 23.04 ? 103 PRO A CD  1 
ATOM   785  N N   . TRP A 1 112 ? -13.400 0.757   10.453  1.00 18.17 ? 104 TRP A N   1 
ATOM   786  C CA  . TRP A 1 112 ? -12.261 1.055   9.595   1.00 17.53 ? 104 TRP A CA  1 
ATOM   787  C C   . TRP A 1 112 ? -11.021 1.403   10.418  1.00 15.08 ? 104 TRP A C   1 
ATOM   788  O O   . TRP A 1 112 ? -11.081 2.136   11.437  1.00 16.00 ? 104 TRP A O   1 
ATOM   789  C CB  . TRP A 1 112 ? -12.640 2.118   8.561   1.00 16.00 ? 104 TRP A CB  1 
ATOM   790  C CG  . TRP A 1 112 ? -13.826 1.704   7.777   1.00 14.46 ? 104 TRP A CG  1 
ATOM   791  C CD1 . TRP A 1 112 ? -15.025 2.302   7.779   1.00 17.74 ? 104 TRP A CD1 1 
ATOM   792  C CD2 . TRP A 1 112 ? -13.943 0.548   6.927   1.00 12.43 ? 104 TRP A CD2 1 
ATOM   793  N NE1 . TRP A 1 112 ? -15.907 1.606   6.953   1.00 17.57 ? 104 TRP A NE1 1 
ATOM   794  C CE2 . TRP A 1 112 ? -15.244 0.563   6.382   1.00 16.06 ? 104 TRP A CE2 1 
ATOM   795  C CE3 . TRP A 1 112 ? -13.046 -0.431  6.495   1.00 17.35 ? 104 TRP A CE3 1 
ATOM   796  C CZ2 . TRP A 1 112 ? -15.710 -0.416  5.455   1.00 14.57 ? 104 TRP A CZ2 1 
ATOM   797  C CZ3 . TRP A 1 112 ? -13.512 -1.417  5.600   1.00 17.34 ? 104 TRP A CZ3 1 
ATOM   798  C CH2 . TRP A 1 112 ? -14.834 -1.388  5.088   1.00 14.89 ? 104 TRP A CH2 1 
ATOM   799  N N   . LYS A 1 113 ? -9.905  0.826   9.992   1.00 16.63 ? 105 LYS A N   1 
ATOM   800  C CA  . LYS A 1 113 ? -8.625  0.943   10.698  1.00 19.45 ? 105 LYS A CA  1 
ATOM   801  C C   . LYS A 1 113 ? -7.530  1.324   9.723   1.00 20.73 ? 105 LYS A C   1 
ATOM   802  O O   . LYS A 1 113 ? -7.641  1.049   8.501   1.00 19.67 ? 105 LYS A O   1 
ATOM   803  C CB  . LYS A 1 113 ? -8.254  -0.376  11.387  1.00 21.23 ? 105 LYS A CB  1 
ATOM   804  C CG  . LYS A 1 113 ? -9.304  -0.927  12.240  1.00 23.22 ? 105 LYS A CG  1 
ATOM   805  C CD  . LYS A 1 113 ? -9.603  -0.066  13.434  1.00 23.68 ? 105 LYS A CD  1 
ATOM   806  C CE  . LYS A 1 113 ? -10.557 -0.836  14.313  1.00 26.35 ? 105 LYS A CE  1 
ATOM   807  N NZ  . LYS A 1 113 ? -11.692 -0.017  14.836  1.00 33.87 ? 105 LYS A NZ  1 
ATOM   808  N N   . MET A 1 114 ? -6.468  1.962   10.225  1.00 18.50 ? 106 MET A N   1 
ATOM   809  C CA  . MET A 1 114 ? -5.386  2.318   9.340   1.00 19.06 ? 106 MET A CA  1 
ATOM   810  C C   . MET A 1 114 ? -4.074  2.407   10.107  1.00 16.22 ? 106 MET A C   1 
ATOM   811  O O   . MET A 1 114 ? -4.045  2.764   11.276  1.00 19.10 ? 106 MET A O   1 
ATOM   812  C CB  . MET A 1 114 ? -5.658  3.650   8.685   1.00 18.08 ? 106 MET A CB  1 
ATOM   813  C CG  . MET A 1 114 ? -5.683  4.802   9.610   1.00 18.56 ? 106 MET A CG  1 
ATOM   814  S SD  . MET A 1 114 ? -6.325  6.311   8.930   1.00 21.01 ? 106 MET A SD  1 
ATOM   815  C CE  . MET A 1 114 ? -6.183  7.441   10.311  1.00 20.06 ? 106 MET A CE  1 
ATOM   816  N N   . VAL A 1 115 ? -3.009  2.086   9.379   1.00 19.39 ? 107 VAL A N   1 
ATOM   817  C CA  . VAL A 1 115 ? -1.634  2.317   9.827   1.00 18.81 ? 107 VAL A CA  1 
ATOM   818  C C   . VAL A 1 115 ? -1.120  3.660   9.353   1.00 19.50 ? 107 VAL A C   1 
ATOM   819  O O   . VAL A 1 115 ? -1.793  4.358   8.586   1.00 17.14 ? 107 VAL A O   1 
ATOM   820  C CB  . VAL A 1 115 ? -0.665  1.208   9.388   1.00 18.26 ? 107 VAL A CB  1 
ATOM   821  C CG1 . VAL A 1 115 ? -1.156  -0.174  9.900   1.00 21.04 ? 107 VAL A CG1 1 
ATOM   822  C CG2 . VAL A 1 115 ? -0.589  1.114   7.862   1.00 21.51 ? 107 VAL A CG2 1 
ATOM   823  N N   . ASP A 1 116 ? 0.003   4.065   9.956   1.00 18.46 ? 108 ASP A N   1 
ATOM   824  C CA  . ASP A 1 116 ? 0.838   5.189   9.411   1.00 20.16 ? 108 ASP A CA  1 
ATOM   825  C C   . ASP A 1 116 ? 2.000   4.606   8.673   1.00 20.87 ? 108 ASP A C   1 
ATOM   826  O O   . ASP A 1 116 ? 2.563   3.620   9.080   1.00 17.15 ? 108 ASP A O   1 
ATOM   827  C CB  . ASP A 1 116 ? 1.376   6.081   10.513  1.00 22.67 ? 108 ASP A CB  1 
ATOM   828  C CG  . ASP A 1 116 ? 0.321   7.013   11.123  1.00 25.34 ? 108 ASP A CG  1 
ATOM   829  O OD1 . ASP A 1 116 ? -0.853  7.023   10.642  1.00 26.20 ? 108 ASP A OD1 1 
ATOM   830  O OD2 . ASP A 1 116 ? 0.697   7.739   12.077  1.00 25.18 ? 108 ASP A OD2 1 
ATOM   831  N N   . VAL A 1 117 ? 2.385   5.264   7.559   1.00 21.29 ? 109 VAL A N   1 
ATOM   832  C CA  . VAL A 1 117 ? 3.557   4.804   6.805   1.00 20.33 ? 109 VAL A CA  1 
ATOM   833  C C   . VAL A 1 117 ? 4.479   5.974   6.609   1.00 17.46 ? 109 VAL A C   1 
ATOM   834  O O   . VAL A 1 117 ? 4.060   7.121   6.707   1.00 18.01 ? 109 VAL A O   1 
ATOM   835  C CB  . VAL A 1 117 ? 3.256   4.194   5.454   1.00 21.20 ? 109 VAL A CB  1 
ATOM   836  C CG1 . VAL A 1 117 ? 2.420   2.938   5.565   1.00 24.66 ? 109 VAL A CG1 1 
ATOM   837  C CG2 . VAL A 1 117 ? 2.566   5.165   4.507   1.00 22.41 ? 109 VAL A CG2 1 
ATOM   838  N N   . LYS A 1 118 ? 5.734   5.641   6.373   1.00 19.18 ? 110 LYS A N   1 
ATOM   839  C CA  . LYS A 1 118 ? 6.764   6.636   6.109   1.00 17.11 ? 110 LYS A CA  1 
ATOM   840  C C   . LYS A 1 118 ? 7.299   6.431   4.700   1.00 18.17 ? 110 LYS A C   1 
ATOM   841  O O   . LYS A 1 118 ? 7.331   5.314   4.183   1.00 17.41 ? 110 LYS A O   1 
ATOM   842  C CB  . LYS A 1 118 ? 7.898   6.641   7.161   1.00 19.77 ? 110 LYS A CB  1 
ATOM   843  C CG  . LYS A 1 118 ? 8.984   5.606   6.983   1.00 26.14 ? 110 LYS A CG  1 
ATOM   844  C CD  . LYS A 1 118 ? 10.201  6.005   7.833   1.00 32.31 ? 110 LYS A CD  1 
ATOM   845  C CE  . LYS A 1 118 ? 10.939  4.795   8.337   1.00 35.53 ? 110 LYS A CE  1 
ATOM   846  N NZ  . LYS A 1 118 ? 12.290  5.224   8.923   1.00 33.30 ? 110 LYS A NZ  1 
ATOM   847  N N   . PHE A 1 119 ? 7.621   7.526   4.017   1.00 18.15 ? 111 PHE A N   1 
ATOM   848  C CA  . PHE A 1 119 ? 8.282   7.480   2.766   1.00 15.95 ? 111 PHE A CA  1 
ATOM   849  C C   . PHE A 1 119 ? 9.639   6.816   2.898   1.00 16.51 ? 111 PHE A C   1 
ATOM   850  O O   . PHE A 1 119 ? 10.379  7.156   3.833   1.00 17.32 ? 111 PHE A O   1 
ATOM   851  C CB  . PHE A 1 119 ? 8.618   8.934   2.336   1.00 15.65 ? 111 PHE A CB  1 
ATOM   852  C CG  . PHE A 1 119 ? 9.410   8.985   1.079   1.00 17.24 ? 111 PHE A CG  1 
ATOM   853  C CD1 . PHE A 1 119 ? 8.809   8.747   -0.160  1.00 14.93 ? 111 PHE A CD1 1 
ATOM   854  C CD2 . PHE A 1 119 ? 10.762  9.285   1.132   1.00 14.65 ? 111 PHE A CD2 1 
ATOM   855  C CE1 . PHE A 1 119 ? 9.574   8.781   -1.315  1.00 16.27 ? 111 PHE A CE1 1 
ATOM   856  C CE2 . PHE A 1 119 ? 11.525  9.297   -0.026  1.00 15.99 ? 111 PHE A CE2 1 
ATOM   857  C CZ  . PHE A 1 119 ? 10.945  9.094   -1.211  1.00 15.24 ? 111 PHE A CZ  1 
ATOM   858  N N   . VAL A 1 120 ? 10.025  6.014   1.916   1.00 14.53 ? 112 VAL A N   1 
ATOM   859  C CA  . VAL A 1 120 ? 11.375  5.395   1.910   1.00 14.63 ? 112 VAL A CA  1 
ATOM   860  C C   . VAL A 1 120 ? 12.126  5.704   0.608   1.00 18.38 ? 112 VAL A C   1 
ATOM   861  O O   . VAL A 1 120 ? 13.288  6.090   0.655   1.00 16.93 ? 112 VAL A O   1 
ATOM   862  C CB  . VAL A 1 120 ? 11.282  3.856   2.109   1.00 18.55 ? 112 VAL A CB  1 
ATOM   863  C CG1 . VAL A 1 120 ? 12.612  3.216   1.915   1.00 17.22 ? 112 VAL A CG1 1 
ATOM   864  C CG2 . VAL A 1 120 ? 10.744  3.526   3.514   1.00 16.53 ? 112 VAL A CG2 1 
ATOM   865  N N   . ALA A 1 121 ? 11.427  5.502   -0.513  1.00 15.57 ? 113 ALA A N   1 
ATOM   866  C CA  . ALA A 1 121 ? 12.025  5.713   -1.850  1.00 14.74 ? 113 ALA A CA  1 
ATOM   867  C C   . ALA A 1 121 ? 11.004  6.067   -2.935  1.00 16.88 ? 113 ALA A C   1 
ATOM   868  O O   . ALA A 1 121 ? 9.883   5.610   -2.907  1.00 17.86 ? 113 ALA A O   1 
ATOM   869  C CB  . ALA A 1 121 ? 12.804  4.551   -2.256  1.00 13.77 ? 113 ALA A CB  1 
ATOM   870  N N   . ARG A 1 122 ? 11.457  6.940   -3.863  1.00 15.45 ? 114 ARG A N   1 
ATOM   871  C CA  . ARG A 1 122 ? 10.685  7.386   -4.979  1.00 16.38 ? 114 ARG A CA  1 
ATOM   872  C C   . ARG A 1 122 ? 11.474  6.895   -6.191  1.00 13.77 ? 114 ARG A C   1 
ATOM   873  O O   . ARG A 1 122 ? 12.621  7.314   -6.384  1.00 15.83 ? 114 ARG A O   1 
ATOM   874  C CB  . ARG A 1 122 ? 10.545  8.909   -4.987  1.00 18.09 ? 114 ARG A CB  1 
ATOM   875  C CG  . ARG A 1 122 ? 9.454   9.510   -5.911  1.00 19.51 ? 114 ARG A CG  1 
ATOM   876  C CD  . ARG A 1 122 ? 9.621   9.300   -7.374  1.00 21.72 ? 114 ARG A CD  1 
ATOM   877  N NE  . ARG A 1 122 ? 8.687   10.194  -8.027  1.00 18.08 ? 114 ARG A NE  1 
ATOM   878  C CZ  . ARG A 1 122 ? 8.523   10.271  -9.337  1.00 13.89 ? 114 ARG A CZ  1 
ATOM   879  N NH1 . ARG A 1 122 ? 9.233   9.490   -10.124 1.00 17.40 ? 114 ARG A NH1 1 
ATOM   880  N NH2 . ARG A 1 122 ? 7.683   11.141  -9.865  1.00 20.08 ? 114 ARG A NH2 1 
ATOM   881  N N   . TRP A 1 123 ? 10.923  5.991   -6.978  1.00 15.75 ? 115 TRP A N   1 
ATOM   882  C CA  . TRP A 1 123 ? 11.694  5.401   -8.015  1.00 12.95 ? 115 TRP A CA  1 
ATOM   883  C C   . TRP A 1 123 ? 11.627  6.334   -9.241  1.00 13.91 ? 115 TRP A C   1 
ATOM   884  O O   . TRP A 1 123 ? 10.580  6.985   -9.499  1.00 15.41 ? 115 TRP A O   1 
ATOM   885  C CB  . TRP A 1 123 ? 11.205  4.012   -8.362  1.00 15.87 ? 115 TRP A CB  1 
ATOM   886  C CG  . TRP A 1 123 ? 11.480  3.033   -7.309  1.00 13.01 ? 115 TRP A CG  1 
ATOM   887  C CD1 . TRP A 1 123 ? 12.276  3.230   -6.184  1.00 15.33 ? 115 TRP A CD1 1 
ATOM   888  C CD2 . TRP A 1 123 ? 10.996  1.660   -7.243  1.00 18.55 ? 115 TRP A CD2 1 
ATOM   889  N NE1 . TRP A 1 123 ? 12.282  2.055   -5.430  1.00 18.31 ? 115 TRP A NE1 1 
ATOM   890  C CE2 . TRP A 1 123 ? 11.538  1.090   -6.075  1.00 19.26 ? 115 TRP A CE2 1 
ATOM   891  C CE3 . TRP A 1 123 ? 10.197  0.850   -8.101  1.00 15.65 ? 115 TRP A CE3 1 
ATOM   892  C CZ2 . TRP A 1 123 ? 11.299  -0.273  -5.731  1.00 16.68 ? 115 TRP A CZ2 1 
ATOM   893  C CZ3 . TRP A 1 123 ? 9.922   -0.507  -7.715  1.00 14.82 ? 115 TRP A CZ3 1 
ATOM   894  C CH2 . TRP A 1 123 ? 10.502  -1.024  -6.554  1.00 18.22 ? 115 TRP A CH2 1 
ATOM   895  N N   . ASP A 1 124 ? 12.676  6.374   -10.050 1.00 18.19 ? 116 ASP A N   1 
ATOM   896  C CA  . ASP A 1 124 ? 12.736  7.342   -11.168 1.00 17.48 ? 116 ASP A CA  1 
ATOM   897  C C   . ASP A 1 124 ? 11.586  7.211   -12.186 1.00 17.23 ? 116 ASP A C   1 
ATOM   898  O O   . ASP A 1 124 ? 11.097  8.198   -12.745 1.00 18.20 ? 116 ASP A O   1 
ATOM   899  C CB  . ASP A 1 124 ? 14.068  7.248   -11.911 1.00 16.00 ? 116 ASP A CB  1 
ATOM   900  C CG  . ASP A 1 124 ? 15.308  7.606   -11.096 1.00 20.77 ? 116 ASP A CG  1 
ATOM   901  O OD1 . ASP A 1 124 ? 15.280  7.898   -9.873  1.00 15.36 ? 116 ASP A OD1 1 
ATOM   902  O OD2 . ASP A 1 124 ? 16.358  7.468   -11.759 1.00 22.67 ? 116 ASP A OD2 1 
ATOM   903  N N   . THR A 1 125 ? 11.190  5.967   -12.461 1.00 16.35 ? 117 THR A N   1 
ATOM   904  C CA  . THR A 1 125 ? 10.051  5.701   -13.310 1.00 19.60 ? 117 THR A CA  1 
ATOM   905  C C   . THR A 1 125 ? 9.349   4.546   -12.637 1.00 17.92 ? 117 THR A C   1 
ATOM   906  O O   . THR A 1 125 ? 9.964   3.786   -11.839 1.00 16.80 ? 117 THR A O   1 
ATOM   907  C CB  . THR A 1 125 ? 10.432  5.326   -14.727 1.00 23.57 ? 117 THR A CB  1 
ATOM   908  O OG1 . THR A 1 125 ? 11.225  4.136   -14.714 1.00 30.71 ? 117 THR A OG1 1 
ATOM   909  C CG2 . THR A 1 125 ? 11.224  6.457   -15.344 1.00 28.20 ? 117 THR A CG2 1 
ATOM   910  N N   . VAL A 1 126 ? 8.059   4.509   -12.838 1.00 16.75 ? 118 VAL A N   1 
ATOM   911  C CA  . VAL A 1 126 ? 7.242   3.449   -12.267 1.00 19.52 ? 118 VAL A CA  1 
ATOM   912  C C   . VAL A 1 126 ? 7.697   2.129   -12.870 1.00 20.44 ? 118 VAL A C   1 
ATOM   913  O O   . VAL A 1 126 ? 8.057   2.019   -14.034 1.00 18.34 ? 118 VAL A O   1 
ATOM   914  C CB  . VAL A 1 126 ? 5.763   3.680   -12.564 1.00 20.30 ? 118 VAL A CB  1 
ATOM   915  C CG1 . VAL A 1 126 ? 4.900   2.525   -12.054 1.00 24.99 ? 118 VAL A CG1 1 
ATOM   916  C CG2 . VAL A 1 126 ? 5.224   4.908   -11.921 1.00 25.72 ? 118 VAL A CG2 1 
ATOM   917  N N   . LEU A 1 127 ? 7.696   1.108   -12.055 1.00 19.92 ? 119 LEU A N   1 
ATOM   918  C CA  . LEU A 1 127 ? 7.909   -0.266  -12.541 1.00 20.77 ? 119 LEU A CA  1 
ATOM   919  C C   . LEU A 1 127 ? 6.553   -0.833  -12.984 1.00 18.76 ? 119 LEU A C   1 
ATOM   920  O O   . LEU A 1 127 ? 5.702   -1.105  -12.141 1.00 19.21 ? 119 LEU A O   1 
ATOM   921  C CB  . LEU A 1 127 ? 8.542   -1.078  -11.423 1.00 19.72 ? 119 LEU A CB  1 
ATOM   922  C CG  . LEU A 1 127 ? 8.905   -2.529  -11.717 1.00 21.80 ? 119 LEU A CG  1 
ATOM   923  C CD1 . LEU A 1 127 ? 9.969   -2.594  -12.851 1.00 20.89 ? 119 LEU A CD1 1 
ATOM   924  C CD2 . LEU A 1 127 ? 9.317   -3.326  -10.516 1.00 21.52 ? 119 LEU A CD2 1 
ATOM   925  N N   . THR A 1 128 ? 6.350   -0.975  -14.300 1.00 21.06 ? 120 THR A N   1 
ATOM   926  C CA  . THR A 1 128 ? 5.015   -1.103  -14.757 1.00 18.49 ? 120 THR A CA  1 
ATOM   927  C C   . THR A 1 128 ? 4.414   -2.452  -14.395 1.00 19.11 ? 120 THR A C   1 
ATOM   928  O O   . THR A 1 128 ? 5.144   -3.450  -14.211 1.00 17.65 ? 120 THR A O   1 
ATOM   929  C CB  . THR A 1 128 ? 4.919   -1.008  -16.284 1.00 19.54 ? 120 THR A CB  1 
ATOM   930  O OG1 . THR A 1 128 ? 5.780   -2.018  -16.892 1.00 19.25 ? 120 THR A OG1 1 
ATOM   931  C CG2 . THR A 1 128 ? 5.325   0.390   -16.706 1.00 20.17 ? 120 THR A CG2 1 
ATOM   932  N N   . LEU A 1 129 ? 3.083   -2.461  -14.397 1.00 19.44 ? 121 LEU A N   1 
ATOM   933  C CA  . LEU A 1 129 ? 2.294   -3.690  -14.182 1.00 18.33 ? 121 LEU A CA  1 
ATOM   934  C C   . LEU A 1 129 ? 2.649   -4.739  -15.236 1.00 18.92 ? 121 LEU A C   1 
ATOM   935  O O   . LEU A 1 129 ? 2.829   -5.931  -14.863 1.00 16.66 ? 121 LEU A O   1 
ATOM   936  C CB  . LEU A 1 129 ? 0.825   -3.390  -14.076 1.00 20.13 ? 121 LEU A CB  1 
ATOM   937  C CG  . LEU A 1 129 ? 0.073   -4.678  -13.833 1.00 26.83 ? 121 LEU A CG  1 
ATOM   938  C CD1 . LEU A 1 129 ? 0.052   -5.163  -12.458 1.00 28.06 ? 121 LEU A CD1 1 
ATOM   939  C CD2 . LEU A 1 129 ? -1.302  -4.497  -14.450 1.00 35.93 ? 121 LEU A CD2 1 
ATOM   940  N N   . HIS A 1 130 ? 2.802   -4.280  -16.488 1.00 17.84 ? 122 HIS A N   1 
ATOM   941  C CA  . HIS A 1 130 ? 3.147   -5.204  -17.616 1.00 19.36 ? 122 HIS A CA  1 
ATOM   942  C C   . HIS A 1 130 ? 4.429   -5.976  -17.239 1.00 21.78 ? 122 HIS A C   1 
ATOM   943  O O   . HIS A 1 130 ? 4.483   -7.207  -17.339 1.00 20.13 ? 122 HIS A O   1 
ATOM   944  C CB  . HIS A 1 130 ? 3.383   -4.425  -18.901 1.00 21.44 ? 122 HIS A CB  1 
ATOM   945  C CG  . HIS A 1 130 ? 4.011   -5.260  -19.973 1.00 23.99 ? 122 HIS A CG  1 
ATOM   946  N ND1 . HIS A 1 130 ? 3.285   -6.137  -20.759 1.00 34.51 ? 122 HIS A ND1 1 
ATOM   947  C CD2 . HIS A 1 130 ? 5.300   -5.386  -20.364 1.00 31.79 ? 122 HIS A CD2 1 
ATOM   948  C CE1 . HIS A 1 130 ? 4.092   -6.734  -21.622 1.00 33.35 ? 122 HIS A CE1 1 
ATOM   949  N NE2 . HIS A 1 130 ? 5.317   -6.273  -21.422 1.00 36.82 ? 122 HIS A NE2 1 
ATOM   950  N N   . GLU A 1 131 ? 5.456   -5.276  -16.730 1.00 19.41 ? 123 GLU A N   1 
ATOM   951  C CA  . GLU A 1 131 ? 6.668   -5.972  -16.355 1.00 17.17 ? 123 GLU A CA  1 
ATOM   952  C C   . GLU A 1 131 ? 6.446   -6.883  -15.173 1.00 17.63 ? 123 GLU A C   1 
ATOM   953  O O   . GLU A 1 131 ? 7.114   -7.918  -15.100 1.00 20.47 ? 123 GLU A O   1 
ATOM   954  C CB  . GLU A 1 131 ? 7.844   -5.048  -16.073 1.00 20.46 ? 123 GLU A CB  1 
ATOM   955  C CG  . GLU A 1 131 ? 8.397   -4.347  -17.289 1.00 28.10 ? 123 GLU A CG  1 
ATOM   956  C CD  . GLU A 1 131 ? 8.623   -5.290  -18.502 1.00 34.64 ? 123 GLU A CD  1 
ATOM   957  O OE1 . GLU A 1 131 ? 9.230   -6.387  -18.363 1.00 39.48 ? 123 GLU A OE1 1 
ATOM   958  O OE2 . GLU A 1 131 ? 8.209   -4.934  -19.626 1.00 43.61 ? 123 GLU A OE2 1 
ATOM   959  N N   . LEU A 1 132 ? 5.562   -6.487  -14.249 1.00 16.21 ? 124 LEU A N   1 
ATOM   960  C CA  . LEU A 1 132 ? 5.377   -7.301  -13.038 1.00 17.72 ? 124 LEU A CA  1 
ATOM   961  C C   . LEU A 1 132 ? 4.781   -8.652  -13.477 1.00 19.75 ? 124 LEU A C   1 
ATOM   962  O O   . LEU A 1 132 ? 5.067   -9.690  -12.846 1.00 19.74 ? 124 LEU A O   1 
ATOM   963  C CB  . LEU A 1 132 ? 4.472   -6.650  -12.011 1.00 18.83 ? 124 LEU A CB  1 
ATOM   964  C CG  . LEU A 1 132 ? 5.051   -5.370  -11.365 1.00 19.75 ? 124 LEU A CG  1 
ATOM   965  C CD1 . LEU A 1 132 ? 3.967   -4.603  -10.628 1.00 18.29 ? 124 LEU A CD1 1 
ATOM   966  C CD2 . LEU A 1 132 ? 6.290   -5.592  -10.471 1.00 19.80 ? 124 LEU A CD2 1 
ATOM   967  N N   . LYS A 1 133 ? 3.938   -8.582  -14.476 1.00 18.92 ? 125 LYS A N   1 
ATOM   968  C CA  . LYS A 1 133 ? 3.264   -9.800  -15.018 1.00 18.93 ? 125 LYS A CA  1 
ATOM   969  C C   . LYS A 1 133 ? 4.136   -10.658 -15.985 1.00 19.92 ? 125 LYS A C   1 
ATOM   970  O O   . LYS A 1 133 ? 3.672   -11.646 -16.568 1.00 17.46 ? 125 LYS A O   1 
ATOM   971  C CB  . LYS A 1 133 ? 1.934   -9.431  -15.736 1.00 20.72 ? 125 LYS A CB  1 
ATOM   972  C CG  . LYS A 1 133 ? 0.838   -9.031  -14.763 1.00 25.00 ? 125 LYS A CG  1 
ATOM   973  C CD  . LYS A 1 133 ? -0.532  -9.087  -15.397 1.00 24.52 ? 125 LYS A CD  1 
ATOM   974  C CE  . LYS A 1 133 ? -1.644  -8.563  -14.519 1.00 23.64 ? 125 LYS A CE  1 
ATOM   975  N NZ  . LYS A 1 133 ? -2.996  -8.538  -15.088 1.00 27.04 ? 125 LYS A NZ  1 
ATOM   976  N N   . SER A 1 134 ? 5.378   -10.227 -16.180 1.00 18.18 ? 126 SER A N   1 
ATOM   977  C CA  . SER A 1 134 ? 6.310   -10.847 -17.110 1.00 14.98 ? 126 SER A CA  1 
ATOM   978  C C   . SER A 1 134 ? 7.548   -11.377 -16.347 1.00 14.13 ? 126 SER A C   1 
ATOM   979  O O   . SER A 1 134 ? 8.655   -11.449 -16.885 1.00 16.05 ? 126 SER A O   1 
ATOM   980  C CB  . SER A 1 134 ? 6.737   -9.787  -18.167 1.00 18.24 ? 126 SER A CB  1 
ATOM   981  O OG  . SER A 1 134 ? 5.629   -9.323  -18.879 1.00 19.42 ? 126 SER A OG  1 
ATOM   982  N N   . ARG A 1 135 ? 7.363   -11.802 -15.095 1.00 14.64 ? 127 ARG A N   1 
ATOM   983  C CA  . ARG A 1 135 ? 8.460   -12.424 -14.354 1.00 15.48 ? 127 ARG A CA  1 
ATOM   984  C C   . ARG A 1 135 ? 7.908   -13.664 -13.684 1.00 16.16 ? 127 ARG A C   1 
ATOM   985  O O   . ARG A 1 135 ? 6.905   -13.622 -12.989 1.00 15.63 ? 127 ARG A O   1 
ATOM   986  C CB  . ARG A 1 135 ? 9.067   -11.507 -13.309 1.00 17.17 ? 127 ARG A CB  1 
ATOM   987  C CG  . ARG A 1 135 ? 9.637   -10.203 -13.917 1.00 17.77 ? 127 ARG A CG  1 
ATOM   988  C CD  . ARG A 1 135 ? 10.856  -10.541 -14.737 1.00 19.19 ? 127 ARG A CD  1 
ATOM   989  N NE  . ARG A 1 135 ? 11.484  -9.297  -15.180 1.00 19.24 ? 127 ARG A NE  1 
ATOM   990  C CZ  . ARG A 1 135 ? 11.034  -8.542  -16.176 1.00 18.84 ? 127 ARG A CZ  1 
ATOM   991  N NH1 . ARG A 1 135 ? 9.989   -8.870  -16.907 1.00 21.75 ? 127 ARG A NH1 1 
ATOM   992  N NH2 . ARG A 1 135 ? 11.674  -7.376  -16.424 1.00 17.51 ? 127 ARG A NH2 1 
ATOM   993  N N   . ARG A 1 136 ? 8.592   -14.762 -13.839 1.00 15.12 ? 128 ARG A N   1 
ATOM   994  C CA  . ARG A 1 136 ? 8.120   -16.037 -13.221 1.00 15.16 ? 128 ARG A CA  1 
ATOM   995  C C   . ARG A 1 136 ? 8.036   -15.910 -11.690 1.00 16.83 ? 128 ARG A C   1 
ATOM   996  O O   . ARG A 1 136 ? 7.111   -16.484 -11.051 1.00 15.75 ? 128 ARG A O   1 
ATOM   997  C CB  . ARG A 1 136 ? 9.135   -17.128 -13.507 1.00 14.47 ? 128 ARG A CB  1 
ATOM   998  C CG  . ARG A 1 136 ? 8.806   -18.508 -12.877 1.00 17.87 ? 128 ARG A CG  1 
ATOM   999  C CD  . ARG A 1 136 ? 7.428   -18.865 -13.226 1.00 16.75 ? 128 ARG A CD  1 
ATOM   1000 N NE  . ARG A 1 136 ? 7.127   -20.242 -12.871 1.00 26.33 ? 128 ARG A NE  1 
ATOM   1001 C CZ  . ARG A 1 136 ? 6.119   -20.936 -13.403 1.00 28.89 ? 128 ARG A CZ  1 
ATOM   1002 N NH1 . ARG A 1 136 ? 5.312   -20.384 -14.317 1.00 36.51 ? 128 ARG A NH1 1 
ATOM   1003 N NH2 . ARG A 1 136 ? 5.918   -22.178 -13.012 1.00 25.52 ? 128 ARG A NH2 1 
ATOM   1004 N N   . GLU A 1 137 ? 8.978   -15.165 -11.107 1.00 14.58 ? 129 GLU A N   1 
ATOM   1005 C CA  . GLU A 1 137 ? 9.153   -15.005 -9.667  1.00 15.26 ? 129 GLU A CA  1 
ATOM   1006 C C   . GLU A 1 137 ? 7.963   -14.308 -9.040  1.00 16.33 ? 129 GLU A C   1 
ATOM   1007 O O   . GLU A 1 137 ? 7.748   -14.415 -7.855  1.00 17.59 ? 129 GLU A O   1 
ATOM   1008 C CB  . GLU A 1 137 ? 10.440  -14.259 -9.424  1.00 13.79 ? 129 GLU A CB  1 
ATOM   1009 C CG  . GLU A 1 137 ? 11.623  -15.135 -9.768  1.00 12.74 ? 129 GLU A CG  1 
ATOM   1010 C CD  . GLU A 1 137 ? 12.153  -15.024 -11.178 1.00 16.91 ? 129 GLU A CD  1 
ATOM   1011 O OE1 . GLU A 1 137 ? 11.426  -14.523 -12.062 1.00 18.72 ? 129 GLU A OE1 1 
ATOM   1012 O OE2 . GLU A 1 137 ? 13.278  -15.546 -11.384 1.00 18.52 ? 129 GLU A OE2 1 
ATOM   1013 N N   . LEU A 1 138 ? 7.163   -13.637 -9.885  1.00 15.22 ? 130 LEU A N   1 
ATOM   1014 C CA  . LEU A 1 138 ? 6.061   -12.846 -9.368  1.00 18.33 ? 130 LEU A CA  1 
ATOM   1015 C C   . LEU A 1 138 ? 4.713   -13.485 -9.696  1.00 17.14 ? 130 LEU A C   1 
ATOM   1016 O O   . LEU A 1 138 ? 3.692   -12.885 -9.372  1.00 17.77 ? 130 LEU A O   1 
ATOM   1017 C CB  . LEU A 1 138 ? 6.146   -11.429 -9.919  1.00 18.56 ? 130 LEU A CB  1 
ATOM   1018 C CG  . LEU A 1 138 ? 7.446   -10.679 -9.647  1.00 17.95 ? 130 LEU A CG  1 
ATOM   1019 C CD1 . LEU A 1 138 ? 7.302   -9.277  -10.294 1.00 22.15 ? 130 LEU A CD1 1 
ATOM   1020 C CD2 . LEU A 1 138 ? 7.731   -10.712 -8.226  1.00 16.11 ? 130 LEU A CD2 1 
ATOM   1021 N N   . GLN A 1 139 ? 4.682   -14.664 -10.355 1.00 20.53 ? 131 GLN A N   1 
ATOM   1022 C CA  . GLN A 1 139 ? 3.465   -15.330 -10.855 1.00 19.35 ? 131 GLN A CA  1 
ATOM   1023 C C   . GLN A 1 139 ? 2.360   -15.483 -9.816  1.00 20.04 ? 131 GLN A C   1 
ATOM   1024 O O   . GLN A 1 139 ? 1.178   -15.483 -10.162 1.00 20.77 ? 131 GLN A O   1 
ATOM   1025 C CB  . GLN A 1 139 ? 3.830   -16.720 -11.465 1.00 18.96 ? 131 GLN A CB  1 
ATOM   1026 C CG  . GLN A 1 139 ? 2.835   -17.249 -12.454 1.00 28.12 ? 131 GLN A CG  1 
ATOM   1027 C CD  . GLN A 1 139 ? 2.769   -16.424 -13.729 1.00 27.91 ? 131 GLN A CD  1 
ATOM   1028 O OE1 . GLN A 1 139 ? 3.077   -15.249 -13.739 1.00 32.16 ? 131 GLN A OE1 1 
ATOM   1029 N NE2 . GLN A 1 139 ? 2.351   -17.046 -14.786 1.00 32.65 ? 131 GLN A NE2 1 
ATOM   1030 N N   . LYS A 1 140 ? 2.733   -15.646 -8.553  1.00 18.41 ? 132 LYS A N   1 
ATOM   1031 C CA  . LYS A 1 140 ? 1.760   -15.901 -7.437  1.00 18.93 ? 132 LYS A CA  1 
ATOM   1032 C C   . LYS A 1 140 ? 1.368   -14.658 -6.650  1.00 20.42 ? 132 LYS A C   1 
ATOM   1033 O O   . LYS A 1 140 ? 0.792   -14.788 -5.579  1.00 20.25 ? 132 LYS A O   1 
ATOM   1034 C CB  . LYS A 1 140 ? 2.249   -16.983 -6.380  1.00 22.27 ? 132 LYS A CB  1 
ATOM   1035 C CG  . LYS A 1 140 ? 2.993   -18.233 -6.903  1.00 26.24 ? 132 LYS A CG  1 
ATOM   1036 C CD  . LYS A 1 140 ? 3.728   -19.005 -5.746  1.00 34.57 ? 132 LYS A CD  1 
ATOM   1037 C CE  . LYS A 1 140 ? 2.767   -19.661 -4.796  1.00 37.29 ? 132 LYS A CE  1 
ATOM   1038 N NZ  . LYS A 1 140 ? 3.460   -20.335 -3.619  1.00 45.34 ? 132 LYS A NZ  1 
ATOM   1039 N N   . MET A 1 141 ? 1.812   -13.463 -7.036  1.00 14.09 ? 133 MET A N   1 
ATOM   1040 C CA  . MET A 1 141 ? 1.363   -12.244 -6.322  1.00 15.28 ? 133 MET A CA  1 
ATOM   1041 C C   . MET A 1 141 ? -0.181  -12.147 -6.315  1.00 13.63 ? 133 MET A C   1 
ATOM   1042 O O   . MET A 1 141 ? -0.909  -12.400 -7.269  1.00 17.66 ? 133 MET A O   1 
ATOM   1043 C CB  . MET A 1 141 ? 1.959   -10.897 -6.895  1.00 15.83 ? 133 MET A CB  1 
ATOM   1044 C CG  . MET A 1 141 ? 3.445   -10.778 -6.963  1.00 17.72 ? 133 MET A CG  1 
ATOM   1045 S SD  . MET A 1 141 ? 3.882   -9.116  -7.598  1.00 21.22 ? 133 MET A SD  1 
ATOM   1046 C CE  . MET A 1 141 ? 3.695   -8.153  -6.110  1.00 21.87 ? 133 MET A CE  1 
ATOM   1047 N N   . ALA A 1 142 ? -0.619  -11.732 -5.124  1.00 19.57 ? 134 ALA A N   1 
ATOM   1048 C CA  . ALA A 1 142 ? -1.996  -11.375 -4.870  1.00 16.50 ? 134 ALA A CA  1 
ATOM   1049 C C   . ALA A 1 142 ? -2.471  -10.299 -5.769  1.00 17.03 ? 134 ALA A C   1 
ATOM   1050 O O   . ALA A 1 142 ? -3.655  -10.211 -6.050  1.00 17.31 ? 134 ALA A O   1 
ATOM   1051 C CB  . ALA A 1 142 ? -2.082  -10.859 -3.421  1.00 18.37 ? 134 ALA A CB  1 
ATOM   1052 N N   . LEU A 1 143 ? -1.542  -9.430  -6.145  1.00 20.92 ? 135 LEU A N   1 
ATOM   1053 C CA  . LEU A 1 143 ? -1.834  -8.374  -7.092  1.00 21.41 ? 135 LEU A CA  1 
ATOM   1054 C C   . LEU A 1 143 ? -2.609  -8.855  -8.300  1.00 21.48 ? 135 LEU A C   1 
ATOM   1055 O O   . LEU A 1 143 ? -3.533  -8.218  -8.760  1.00 21.29 ? 135 LEU A O   1 
ATOM   1056 C CB  . LEU A 1 143 ? -0.509  -7.723  -7.530  1.00 21.05 ? 135 LEU A CB  1 
ATOM   1057 C CG  . LEU A 1 143 ? -0.629  -6.472  -8.375  1.00 22.12 ? 135 LEU A CG  1 
ATOM   1058 C CD1 . LEU A 1 143 ? -1.372  -5.387  -7.639  1.00 21.52 ? 135 LEU A CD1 1 
ATOM   1059 C CD2 . LEU A 1 143 ? 0.754   -6.066  -8.753  1.00 21.85 ? 135 LEU A CD2 1 
ATOM   1060 N N   . PHE A 1 144 ? -2.291  -10.044 -8.764  1.00 22.27 ? 136 PHE A N   1 
ATOM   1061 C CA  . PHE A 1 144 ? -2.851  -10.549 -9.995  1.00 23.55 ? 136 PHE A CA  1 
ATOM   1062 C C   . PHE A 1 144 ? -4.200  -11.235 -9.748  1.00 27.23 ? 136 PHE A C   1 
ATOM   1063 O O   . PHE A 1 144 ? -5.084  -11.130 -10.583 1.00 29.12 ? 136 PHE A O   1 
ATOM   1064 C CB  . PHE A 1 144 ? -1.833  -11.465 -10.657 1.00 22.70 ? 136 PHE A CB  1 
ATOM   1065 C CG  . PHE A 1 144 ? -0.521  -10.787 -10.913 1.00 18.06 ? 136 PHE A CG  1 
ATOM   1066 C CD1 . PHE A 1 144 ? -0.479  -9.463  -11.323 1.00 15.57 ? 136 PHE A CD1 1 
ATOM   1067 C CD2 . PHE A 1 144 ? 0.684   -11.440 -10.681 1.00 18.43 ? 136 PHE A CD2 1 
ATOM   1068 C CE1 . PHE A 1 144 ? 0.718   -8.856  -11.512 1.00 19.28 ? 136 PHE A CE1 1 
ATOM   1069 C CE2 . PHE A 1 144 ? 1.855   -10.840 -10.885 1.00 20.19 ? 136 PHE A CE2 1 
ATOM   1070 C CZ  . PHE A 1 144 ? 1.877   -9.537  -11.265 1.00 21.75 ? 136 PHE A CZ  1 
ATOM   1071 N N   . THR A 1 145 ? -4.327  -11.895 -8.589  1.00 28.96 ? 137 THR A N   1 
ATOM   1072 C CA  . THR A 1 145 ? -5.534  -12.649 -8.146  1.00 31.79 ? 137 THR A CA  1 
ATOM   1073 C C   . THR A 1 145 ? -6.701  -11.722 -7.763  1.00 32.21 ? 137 THR A C   1 
ATOM   1074 O O   . THR A 1 145 ? -7.808  -11.828 -8.277  1.00 32.53 ? 137 THR A O   1 
ATOM   1075 C CB  . THR A 1 145 ? -5.196  -13.419 -6.815  1.00 30.76 ? 137 THR A CB  1 
ATOM   1076 O OG1 . THR A 1 145 ? -3.966  -14.147 -6.924  1.00 35.70 ? 137 THR A OG1 1 
ATOM   1077 C CG2 . THR A 1 145 ? -6.293  -14.376 -6.392  1.00 35.53 ? 137 THR A CG2 1 
ATOM   1078 N N   . GLN A 1 146 ? -6.426  -10.827 -6.831  1.00 31.80 ? 138 GLN A N   1 
ATOM   1079 C CA  . GLN A 1 146 ? -7.414  -10.206 -5.956  1.00 33.25 ? 138 GLN A CA  1 
ATOM   1080 C C   . GLN A 1 146 ? -7.553  -8.712  -6.229  1.00 32.92 ? 138 GLN A C   1 
ATOM   1081 O O   . GLN A 1 146 ? -6.771  -7.918  -5.746  1.00 29.56 ? 138 GLN A O   1 
ATOM   1082 C CB  . GLN A 1 146 ? -6.970  -10.361 -4.488  1.00 34.55 ? 138 GLN A CB  1 
ATOM   1083 C CG  . GLN A 1 146 ? -6.322  -11.688 -4.140  1.00 37.56 ? 138 GLN A CG  1 
ATOM   1084 C CD  . GLN A 1 146 ? -6.935  -12.309 -2.917  1.00 43.33 ? 138 GLN A CD  1 
ATOM   1085 O OE1 . GLN A 1 146 ? -8.144  -12.538 -2.882  1.00 47.41 ? 138 GLN A OE1 1 
ATOM   1086 N NE2 . GLN A 1 146 ? -6.110  -12.603 -1.907  1.00 45.81 ? 138 GLN A NE2 1 
ATOM   1087 N N   . ARG A 1 147 ? -8.603  -8.322  -6.948  1.00 33.17 ? 139 ARG A N   1 
ATOM   1088 C CA  . ARG A 1 147 ? -8.656  -6.953  -7.458  1.00 33.05 ? 139 ARG A CA  1 
ATOM   1089 C C   . ARG A 1 147 ? -9.102  -5.892  -6.452  1.00 31.84 ? 139 ARG A C   1 
ATOM   1090 O O   . ARG A 1 147 ? -8.504  -4.813  -6.408  1.00 34.70 ? 139 ARG A O   1 
ATOM   1091 C CB  . ARG A 1 147 ? -9.417  -6.924  -8.784  1.00 35.16 ? 139 ARG A CB  1 
ATOM   1092 C CG  . ARG A 1 147 ? -8.655  -7.771  -9.820  1.00 38.74 ? 139 ARG A CG  1 
ATOM   1093 C CD  . ARG A 1 147 ? -9.252  -9.142  -10.118 1.00 44.31 ? 139 ARG A CD  1 
ATOM   1094 N NE  . ARG A 1 147 ? -8.779  -9.534  -11.454 1.00 47.91 ? 139 ARG A NE  1 
ATOM   1095 C CZ  . ARG A 1 147 ? -9.509  -9.538  -12.575 1.00 51.78 ? 139 ARG A CZ  1 
ATOM   1096 N NH1 . ARG A 1 147 ? -10.810 -9.246  -12.571 1.00 53.21 ? 139 ARG A NH1 1 
ATOM   1097 N NH2 . ARG A 1 147 ? -8.935  -9.878  -13.722 1.00 52.42 ? 139 ARG A NH2 1 
ATOM   1098 N N   . ARG A 1 148 ? -10.024 -6.224  -5.556  1.00 29.01 ? 140 ARG A N   1 
ATOM   1099 C CA  . ARG A 1 148 ? -10.534 -5.223  -4.590  1.00 27.20 ? 140 ARG A CA  1 
ATOM   1100 C C   . ARG A 1 148 ? -9.590  -5.048  -3.377  1.00 24.08 ? 140 ARG A C   1 
ATOM   1101 O O   . ARG A 1 148 ? -9.756  -4.153  -2.503  1.00 23.70 ? 140 ARG A O   1 
ATOM   1102 C CB  . ARG A 1 148 ? -12.019 -5.451  -4.182  1.00 28.10 ? 140 ARG A CB  1 
ATOM   1103 C CG  . ARG A 1 148 ? -12.687 -6.837  -4.442  1.00 34.17 ? 140 ARG A CG  1 
ATOM   1104 C CD  . ARG A 1 148 ? -12.947 -7.652  -3.145  1.00 37.51 ? 140 ARG A CD  1 
ATOM   1105 N NE  . ARG A 1 148 ? -11.721 -8.272  -2.626  1.00 39.86 ? 140 ARG A NE  1 
ATOM   1106 C CZ  . ARG A 1 148 ? -11.588 -8.863  -1.432  1.00 37.39 ? 140 ARG A CZ  1 
ATOM   1107 N NH1 . ARG A 1 148 ? -12.604 -8.928  -0.557  1.00 26.95 ? 140 ARG A NH1 1 
ATOM   1108 N NH2 . ARG A 1 148 ? -10.402 -9.387  -1.122  1.00 38.32 ? 140 ARG A NH2 1 
ATOM   1109 N N   . LEU A 1 149 ? -8.545  -5.859  -3.384  1.00 20.08 ? 141 LEU A N   1 
ATOM   1110 C CA  . LEU A 1 149 ? -7.689  -5.964  -2.236  1.00 18.86 ? 141 LEU A CA  1 
ATOM   1111 C C   . LEU A 1 149 ? -6.661  -4.887  -2.360  1.00 19.79 ? 141 LEU A C   1 
ATOM   1112 O O   . LEU A 1 149 ? -5.658  -5.069  -3.050  1.00 23.08 ? 141 LEU A O   1 
ATOM   1113 C CB  . LEU A 1 149 ? -7.048  -7.352  -2.198  1.00 16.56 ? 141 LEU A CB  1 
ATOM   1114 C CG  . LEU A 1 149 ? -6.311  -7.665  -0.901  1.00 20.42 ? 141 LEU A CG  1 
ATOM   1115 C CD1 . LEU A 1 149 ? -7.273  -7.664  0.328   1.00 16.33 ? 141 LEU A CD1 1 
ATOM   1116 C CD2 . LEU A 1 149 ? -5.614  -8.998  -1.065  1.00 20.98 ? 141 LEU A CD2 1 
ATOM   1117 N N   . SER A 1 150 ? -6.874  -3.782  -1.661  1.00 20.34 ? 142 SER A N   1 
ATOM   1118 C CA  . SER A 1 150 ? -5.982  -2.595  -1.806  1.00 18.26 ? 142 SER A CA  1 
ATOM   1119 C C   . SER A 1 150 ? -4.805  -2.619  -0.868  1.00 17.20 ? 142 SER A C   1 
ATOM   1120 O O   . SER A 1 150 ? -3.906  -1.767  -0.968  1.00 15.22 ? 142 SER A O   1 
ATOM   1121 C CB  . SER A 1 150 ? -6.736  -1.313  -1.542  1.00 19.36 ? 142 SER A CB  1 
ATOM   1122 O OG  . SER A 1 150 ? -7.468  -1.394  -0.372  1.00 19.16 ? 142 SER A OG  1 
ATOM   1123 N N   . VAL A 1 151 ? -4.802  -3.572  0.051   1.00 14.52 ? 143 VAL A N   1 
ATOM   1124 C CA  . VAL A 1 151 ? -3.684  -3.798  0.965   1.00 13.82 ? 143 VAL A CA  1 
ATOM   1125 C C   . VAL A 1 151 ? -3.376  -5.300  0.903   1.00 13.80 ? 143 VAL A C   1 
ATOM   1126 O O   . VAL A 1 151 ? -4.226  -6.102  1.323   1.00 14.18 ? 143 VAL A O   1 
ATOM   1127 C CB  . VAL A 1 151 ? -3.979  -3.350  2.387   1.00 15.95 ? 143 VAL A CB  1 
ATOM   1128 C CG1 . VAL A 1 151 ? -2.813  -3.682  3.265   1.00 15.76 ? 143 VAL A CG1 1 
ATOM   1129 C CG2 . VAL A 1 151 ? -4.254  -1.871  2.506   1.00 16.03 ? 143 VAL A CG2 1 
ATOM   1130 N N   . GLN A 1 152 ? -2.242  -5.698  0.345   1.00 13.87 ? 144 GLN A N   1 
ATOM   1131 C CA  . GLN A 1 152 ? -1.917  -7.079  0.012   1.00 13.49 ? 144 GLN A CA  1 
ATOM   1132 C C   . GLN A 1 152 ? -0.620  -7.575  0.639   1.00 17.73 ? 144 GLN A C   1 
ATOM   1133 O O   . GLN A 1 152 ? 0.378   -6.825  0.688   1.00 15.00 ? 144 GLN A O   1 
ATOM   1134 C CB  . GLN A 1 152 ? -1.842  -7.257  -1.514  1.00 14.96 ? 144 GLN A CB  1 
ATOM   1135 C CG  . GLN A 1 152 ? -2.864  -6.473  -2.304  1.00 17.88 ? 144 GLN A CG  1 
ATOM   1136 C CD  . GLN A 1 152 ? -2.588  -6.547  -3.773  1.00 18.37 ? 144 GLN A CD  1 
ATOM   1137 O OE1 . GLN A 1 152 ? -1.460  -6.918  -4.185  1.00 22.18 ? 144 GLN A OE1 1 
ATOM   1138 N NE2 . GLN A 1 152 ? -3.582  -6.162  -4.587  1.00 21.30 ? 144 GLN A NE2 1 
ATOM   1139 N N   . PRO A 1 153 ? -0.590  -8.851  1.079   1.00 16.08 ? 145 PRO A N   1 
ATOM   1140 C CA  . PRO A 1 153 ? 0.713   -9.406  1.444   1.00 17.72 ? 145 PRO A CA  1 
ATOM   1141 C C   . PRO A 1 153 ? 1.548   -9.677  0.210   1.00 16.57 ? 145 PRO A C   1 
ATOM   1142 O O   . PRO A 1 153 ? 1.004   -9.971  -0.889  1.00 16.41 ? 145 PRO A O   1 
ATOM   1143 C CB  . PRO A 1 153 ? 0.356   -10.721 2.136   1.00 19.00 ? 145 PRO A CB  1 
ATOM   1144 C CG  . PRO A 1 153 ? -0.856  -11.119 1.463   1.00 20.14 ? 145 PRO A CG  1 
ATOM   1145 C CD  . PRO A 1 153 ? -1.650  -9.893  1.133   1.00 17.79 ? 145 PRO A CD  1 
ATOM   1146 N N   . VAL A 1 154 ? 2.857   -9.416  0.402   1.00 16.62 ? 146 VAL A N   1 
ATOM   1147 C CA  . VAL A 1 154 ? 3.899   -9.677  -0.528  1.00 16.56 ? 146 VAL A CA  1 
ATOM   1148 C C   . VAL A 1 154 ? 4.899   -10.686 0.097   1.00 15.47 ? 146 VAL A C   1 
ATOM   1149 O O   . VAL A 1 154 ? 5.322   -10.561 1.215   1.00 16.47 ? 146 VAL A O   1 
ATOM   1150 C CB  . VAL A 1 154 ? 4.606   -8.328  -0.924  1.00 15.06 ? 146 VAL A CB  1 
ATOM   1151 C CG1 . VAL A 1 154 ? 5.779   -8.550  -1.894  1.00 21.50 ? 146 VAL A CG1 1 
ATOM   1152 C CG2 . VAL A 1 154 ? 3.579   -7.403  -1.608  1.00 27.04 ? 146 VAL A CG2 1 
ATOM   1153 N N   . SER A 1 155 ? 5.291   -11.707 -0.685  1.00 15.87 ? 147 SER A N   1 
ATOM   1154 C CA  . SER A 1 155 ? 6.258   -12.635 -0.091  1.00 15.59 ? 147 SER A CA  1 
ATOM   1155 C C   . SER A 1 155 ? 7.647   -11.959 -0.024  1.00 16.68 ? 147 SER A C   1 
ATOM   1156 O O   . SER A 1 155 ? 7.928   -11.031 -0.861  1.00 15.28 ? 147 SER A O   1 
ATOM   1157 C CB  . SER A 1 155 ? 6.323   -13.966 -0.833  1.00 17.12 ? 147 SER A CB  1 
ATOM   1158 O OG  . SER A 1 155 ? 6.890   -13.763 -2.117  1.00 17.46 ? 147 SER A OG  1 
ATOM   1159 N N   . ALA A 1 156 ? 8.534   -12.494 0.764   1.00 17.29 ? 148 ALA A N   1 
ATOM   1160 C CA  . ALA A 1 156 ? 9.916   -11.984 0.845   1.00 17.09 ? 148 ALA A CA  1 
ATOM   1161 C C   . ALA A 1 156 ? 10.581  -12.035 -0.530  1.00 17.98 ? 148 ALA A C   1 
ATOM   1162 O O   . ALA A 1 156 ? 11.318  -11.056 -0.880  1.00 19.67 ? 148 ALA A O   1 
ATOM   1163 C CB  . ALA A 1 156 ? 10.732  -12.706 1.850   1.00 17.85 ? 148 ALA A CB  1 
ATOM   1164 N N   . SER A 1 157 ? 10.371  -13.107 -1.310  1.00 16.68 ? 149 SER A N   1 
ATOM   1165 C CA  . SER A 1 157 ? 11.012  -13.257 -2.625  1.00 18.39 ? 149 SER A CA  1 
ATOM   1166 C C   . SER A 1 157 ? 10.417  -12.313 -3.656  1.00 18.42 ? 149 SER A C   1 
ATOM   1167 O O   . SER A 1 157 ? 11.122  -11.866 -4.579  1.00 17.70 ? 149 SER A O   1 
ATOM   1168 C CB  . SER A 1 157 ? 10.955  -14.680 -3.220  1.00 22.72 ? 149 SER A CB  1 
ATOM   1169 O OG  . SER A 1 157 ? 9.653   -15.204 -3.093  1.00 23.40 ? 149 SER A OG  1 
ATOM   1170 N N   . GLU A 1 158 ? 9.093   -12.106 -3.574  1.00 15.84 ? 150 GLU A N   1 
ATOM   1171 C CA  . GLU A 1 158 ? 8.399   -11.182 -4.437  1.00 16.60 ? 150 GLU A CA  1 
ATOM   1172 C C   . GLU A 1 158 ? 8.981   -9.745  -4.208  1.00 15.55 ? 150 GLU A C   1 
ATOM   1173 O O   . GLU A 1 158 ? 9.294   -9.052  -5.203  1.00 15.91 ? 150 GLU A O   1 
ATOM   1174 C CB  . GLU A 1 158 ? 6.900   -11.233 -4.193  1.00 14.52 ? 150 GLU A CB  1 
ATOM   1175 C CG  . GLU A 1 158 ? 6.201   -12.357 -4.895  1.00 18.10 ? 150 GLU A CG  1 
ATOM   1176 C CD  . GLU A 1 158 ? 4.832   -12.677 -4.301  1.00 15.35 ? 150 GLU A CD  1 
ATOM   1177 O OE1 . GLU A 1 158 ? 4.335   -11.922 -3.403  1.00 15.70 ? 150 GLU A OE1 1 
ATOM   1178 O OE2 . GLU A 1 158 ? 4.333   -13.724 -4.688  1.00 19.25 ? 150 GLU A OE2 1 
ATOM   1179 N N   . TYR A 1 159 ? 9.040   -9.315  -2.995  1.00 16.85 ? 151 TYR A N   1 
ATOM   1180 C CA  . TYR A 1 159 ? 9.647   -8.032  -2.563  1.00 15.64 ? 151 TYR A CA  1 
ATOM   1181 C C   . TYR A 1 159 ? 11.029  -7.952  -3.153  1.00 18.18 ? 151 TYR A C   1 
ATOM   1182 O O   . TYR A 1 159 ? 11.347  -6.981  -3.839  1.00 16.01 ? 151 TYR A O   1 
ATOM   1183 C CB  . TYR A 1 159 ? 9.651   -7.905  -1.082  1.00 17.18 ? 151 TYR A CB  1 
ATOM   1184 C CG  . TYR A 1 159 ? 10.144  -6.586  -0.643  1.00 16.70 ? 151 TYR A CG  1 
ATOM   1185 C CD1 . TYR A 1 159 ? 9.306   -5.456  -0.720  1.00 17.56 ? 151 TYR A CD1 1 
ATOM   1186 C CD2 . TYR A 1 159 ? 11.381  -6.468  -0.109  1.00 19.11 ? 151 TYR A CD2 1 
ATOM   1187 C CE1 . TYR A 1 159 ? 9.723   -4.219  -0.227  1.00 15.24 ? 151 TYR A CE1 1 
ATOM   1188 C CE2 . TYR A 1 159 ? 11.846  -5.224  0.388   1.00 17.08 ? 151 TYR A CE2 1 
ATOM   1189 C CZ  . TYR A 1 159 ? 11.005  -4.116  0.344   1.00 15.49 ? 151 TYR A CZ  1 
ATOM   1190 O OH  . TYR A 1 159 ? 11.610  -2.960  0.859   1.00 15.76 ? 151 TYR A OH  1 
ATOM   1191 N N   . ALA A 1 160 ? 11.855  -8.960  -2.920  1.00 18.51 ? 152 ALA A N   1 
ATOM   1192 C CA  . ALA A 1 160 ? 13.283  -8.987  -3.358  1.00 19.95 ? 152 ALA A CA  1 
ATOM   1193 C C   . ALA A 1 160 ? 13.342  -8.790  -4.892  1.00 19.33 ? 152 ALA A C   1 
ATOM   1194 O O   . ALA A 1 160 ? 14.153  -8.011  -5.397  1.00 17.33 ? 152 ALA A O   1 
ATOM   1195 C CB  . ALA A 1 160 ? 13.832  -10.325 -3.048  1.00 22.21 ? 152 ALA A CB  1 
ATOM   1196 N N   . TYR A 1 161 ? 12.523  -9.556  -5.613  1.00 16.46 ? 153 TYR A N   1 
ATOM   1197 C CA  . TYR A 1 161 ? 12.554  -9.548  -7.095  1.00 16.51 ? 153 TYR A CA  1 
ATOM   1198 C C   . TYR A 1 161 ? 12.183  -8.170  -7.666  1.00 15.24 ? 153 TYR A C   1 
ATOM   1199 O O   . TYR A 1 161 ? 12.847  -7.595  -8.600  1.00 16.28 ? 153 TYR A O   1 
ATOM   1200 C CB  . TYR A 1 161 ? 11.720  -10.713 -7.597  1.00 16.84 ? 153 TYR A CB  1 
ATOM   1201 C CG  . TYR A 1 161 ? 12.191  -11.013 -9.011  1.00 16.00 ? 153 TYR A CG  1 
ATOM   1202 C CD1 . TYR A 1 161 ? 11.715  -10.291 -10.133 1.00 19.15 ? 153 TYR A CD1 1 
ATOM   1203 C CD2 . TYR A 1 161 ? 13.233  -11.948 -9.228  1.00 13.80 ? 153 TYR A CD2 1 
ATOM   1204 C CE1 . TYR A 1 161 ? 12.160  -10.564 -11.381 1.00 14.37 ? 153 TYR A CE1 1 
ATOM   1205 C CE2 . TYR A 1 161 ? 13.699  -12.243 -10.484 1.00 16.87 ? 153 TYR A CE2 1 
ATOM   1206 C CZ  . TYR A 1 161 ? 13.199  -11.536 -11.600 1.00 12.21 ? 153 TYR A CZ  1 
ATOM   1207 O OH  . TYR A 1 161 ? 13.643  -11.675 -12.937 1.00 15.92 ? 153 TYR A OH  1 
ATOM   1208 N N   . ILE A 1 162 ? 11.187  -7.555  -7.032  1.00 17.21 ? 154 ILE A N   1 
ATOM   1209 C CA  . ILE A 1 162 ? 10.685  -6.231  -7.432  1.00 17.76 ? 154 ILE A CA  1 
ATOM   1210 C C   . ILE A 1 162 ? 11.734  -5.150  -7.224  1.00 16.90 ? 154 ILE A C   1 
ATOM   1211 O O   . ILE A 1 162 ? 11.929  -4.360  -8.130  1.00 16.36 ? 154 ILE A O   1 
ATOM   1212 C CB  . ILE A 1 162 ? 9.300   -5.926  -6.813  1.00 19.52 ? 154 ILE A CB  1 
ATOM   1213 C CG1 . ILE A 1 162 ? 8.305   -6.895  -7.386  1.00 15.51 ? 154 ILE A CG1 1 
ATOM   1214 C CG2 . ILE A 1 162 ? 8.904   -4.477  -6.882  1.00 18.71 ? 154 ILE A CG2 1 
ATOM   1215 C CD1 . ILE A 1 162 ? 6.848   -6.904  -6.752  1.00 18.41 ? 154 ILE A CD1 1 
ATOM   1216 N N   . LEU A 1 163 ? 12.433  -5.166  -6.122  1.00 14.51 ? 155 LEU A N   1 
ATOM   1217 C CA  . LEU A 1 163 ? 13.501  -4.222  -5.837  1.00 13.91 ? 155 LEU A CA  1 
ATOM   1218 C C   . LEU A 1 163 ? 14.619  -4.454  -6.842  1.00 13.81 ? 155 LEU A C   1 
ATOM   1219 O O   . LEU A 1 163 ? 15.189  -3.493  -7.364  1.00 13.19 ? 155 LEU A O   1 
ATOM   1220 C CB  . LEU A 1 163 ? 13.947  -4.289  -4.382  1.00 14.22 ? 155 LEU A CB  1 
ATOM   1221 C CG  . LEU A 1 163 ? 13.078  -3.368  -3.482  1.00 14.15 ? 155 LEU A CG  1 
ATOM   1222 C CD1 . LEU A 1 163 ? 11.679  -3.716  -3.304  1.00 12.14 ? 155 LEU A CD1 1 
ATOM   1223 C CD2 . LEU A 1 163 ? 13.726  -3.341  -2.143  1.00 18.66 ? 155 LEU A CD2 1 
ATOM   1224 N N   . ARG A 1 164 ? 14.920  -5.693  -7.192  1.00 15.42 ? 156 ARG A N   1 
ATOM   1225 C CA  . ARG A 1 164 ? 15.909  -6.035  -8.224  1.00 15.26 ? 156 ARG A CA  1 
ATOM   1226 C C   . ARG A 1 164 ? 15.519  -5.432  -9.560  1.00 15.22 ? 156 ARG A C   1 
ATOM   1227 O O   . ARG A 1 164 ? 16.320  -4.932  -10.312 1.00 13.59 ? 156 ARG A O   1 
ATOM   1228 C CB  . ARG A 1 164 ? 16.084  -7.553  -8.307  1.00 15.17 ? 156 ARG A CB  1 
ATOM   1229 C CG  . ARG A 1 164 ? 16.528  -8.048  -9.630  1.00 17.78 ? 156 ARG A CG  1 
ATOM   1230 C CD  . ARG A 1 164 ? 16.305  -9.546  -9.903  1.00 19.95 ? 156 ARG A CD  1 
ATOM   1231 N NE  . ARG A 1 164 ? 16.791  -9.854  -11.249 1.00 21.70 ? 156 ARG A NE  1 
ATOM   1232 C CZ  . ARG A 1 164 ? 17.160  -11.045 -11.711 1.00 20.05 ? 156 ARG A CZ  1 
ATOM   1233 N NH1 . ARG A 1 164 ? 17.135  -12.090 -10.932 1.00 22.49 ? 156 ARG A NH1 1 
ATOM   1234 N NH2 . ARG A 1 164 ? 17.643  -11.151 -12.959 1.00 16.49 ? 156 ARG A NH2 1 
ATOM   1235 N N   . MET A 1 165 ? 14.264  -5.590  -9.914  1.00 14.76 ? 157 MET A N   1 
ATOM   1236 C CA  . MET A 1 165 ? 13.743  -4.986  -11.150 1.00 15.69 ? 157 MET A CA  1 
ATOM   1237 C C   . MET A 1 165 ? 13.902  -3.449  -11.238 1.00 14.47 ? 157 MET A C   1 
ATOM   1238 O O   . MET A 1 165 ? 14.200  -2.888  -12.311 1.00 13.77 ? 157 MET A O   1 
ATOM   1239 C CB  . MET A 1 165 ? 12.292  -5.355  -11.347 1.00 19.54 ? 157 MET A CB  1 
ATOM   1240 C CG  . MET A 1 165 ? 12.109  -6.806  -11.673 1.00 19.08 ? 157 MET A CG  1 
ATOM   1241 S SD  . MET A 1 165 ? 10.338  -7.296  -11.609 1.00 17.69 ? 157 MET A SD  1 
ATOM   1242 C CE  . MET A 1 165 ? 9.731   -6.560  -12.965 1.00 16.98 ? 157 MET A CE  1 
ATOM   1243 N N   . ASN A 1 166 ? 13.662  -2.775  -10.110 1.00 13.56 ? 158 ASN A N   1 
ATOM   1244 C CA  . ASN A 1 166 ? 13.885  -1.326  -10.090 1.00 12.71 ? 158 ASN A CA  1 
ATOM   1245 C C   . ASN A 1 166 ? 15.346  -1.006  -10.391 1.00 13.43 ? 158 ASN A C   1 
ATOM   1246 O O   . ASN A 1 166 ? 15.653  -0.053  -11.146 1.00 11.69 ? 158 ASN A O   1 
ATOM   1247 C CB  . ASN A 1 166 ? 13.457  -0.679  -8.780  1.00 14.11 ? 158 ASN A CB  1 
ATOM   1248 C CG  . ASN A 1 166 ? 13.802  0.802   -8.741  1.00 14.65 ? 158 ASN A CG  1 
ATOM   1249 O OD1 . ASN A 1 166 ? 13.379  1.563   -9.623  1.00 15.27 ? 158 ASN A OD1 1 
ATOM   1250 N ND2 . ASN A 1 166 ? 14.551  1.223   -7.736  1.00 17.90 ? 158 ASN A ND2 1 
ATOM   1251 N N   . GLU A 1 167 ? 16.257  -1.776  -9.809  1.00 15.72 ? 159 GLU A N   1 
ATOM   1252 C CA  . GLU A 1 167 ? 17.681  -1.562  -10.036 1.00 15.51 ? 159 GLU A CA  1 
ATOM   1253 C C   . GLU A 1 167 ? 18.039  -1.810  -11.470 1.00 17.50 ? 159 GLU A C   1 
ATOM   1254 O O   . GLU A 1 167 ? 18.779  -1.043  -12.020 1.00 16.75 ? 159 GLU A O   1 
ATOM   1255 C CB  . GLU A 1 167 ? 18.547  -2.436  -9.129  1.00 16.45 ? 159 GLU A CB  1 
ATOM   1256 C CG  . GLU A 1 167 ? 18.168  -2.369  -7.717  1.00 24.51 ? 159 GLU A CG  1 
ATOM   1257 C CD  . GLU A 1 167 ? 19.188  -3.067  -6.846  1.00 28.88 ? 159 GLU A CD  1 
ATOM   1258 O OE1 . GLU A 1 167 ? 19.397  -4.294  -7.026  1.00 37.17 ? 159 GLU A OE1 1 
ATOM   1259 O OE2 . GLU A 1 167 ? 19.781  -2.388  -6.000  1.00 35.08 ? 159 GLU A OE2 1 
ATOM   1260 N N   . GLU A 1 168 ? 17.492  -2.863  -12.095 1.00 16.37 ? 160 GLU A N   1 
ATOM   1261 C CA  . GLU A 1 168 ? 17.778  -3.164  -13.509 1.00 18.76 ? 160 GLU A CA  1 
ATOM   1262 C C   . GLU A 1 168 ? 17.296  -2.013  -14.368 1.00 18.52 ? 160 GLU A C   1 
ATOM   1263 O O   . GLU A 1 168 ? 18.001  -1.602  -15.278 1.00 19.76 ? 160 GLU A O   1 
ATOM   1264 C CB  . GLU A 1 168 ? 17.090  -4.480  -13.917 1.00 20.17 ? 160 GLU A CB  1 
ATOM   1265 C CG  . GLU A 1 168 ? 17.661  -5.651  -13.098 1.00 22.68 ? 160 GLU A CG  1 
ATOM   1266 C CD  . GLU A 1 168 ? 16.903  -6.964  -13.247 1.00 23.58 ? 160 GLU A CD  1 
ATOM   1267 O OE1 . GLU A 1 168 ? 15.672  -6.960  -13.424 1.00 21.00 ? 160 GLU A OE1 1 
ATOM   1268 O OE2 . GLU A 1 168 ? 17.573  -8.012  -13.157 1.00 23.26 ? 160 GLU A OE2 1 
ATOM   1269 N N   . GLN A 1 169 ? 16.119  -1.477  -14.061 1.00 20.68 ? 161 GLN A N   1 
ATOM   1270 C CA  . GLN A 1 169 ? 15.498  -0.382  -14.823 1.00 24.08 ? 161 GLN A CA  1 
ATOM   1271 C C   . GLN A 1 169 ? 16.308  0.921   -14.682 1.00 25.68 ? 161 GLN A C   1 
ATOM   1272 O O   . GLN A 1 169 ? 16.449  1.697   -15.637 1.00 27.04 ? 161 GLN A O   1 
ATOM   1273 C CB  . GLN A 1 169 ? 14.012  -0.190  -14.445 1.00 23.89 ? 161 GLN A CB  1 
ATOM   1274 C CG  . GLN A 1 169 ? 13.691  0.918   -13.428 1.00 31.98 ? 161 GLN A CG  1 
ATOM   1275 C CD  . GLN A 1 169 ? 12.172  1.176   -13.235 1.00 34.28 ? 161 GLN A CD  1 
ATOM   1276 O OE1 . GLN A 1 169 ? 11.378  1.080   -14.209 1.00 36.43 ? 161 GLN A OE1 1 
ATOM   1277 N NE2 . GLN A 1 169 ? 11.775  1.555   -11.989 1.00 23.46 ? 161 GLN A NE2 1 
ATOM   1278 N N   . GLN A 1 170 ? 16.893  1.117   -13.513 1.00 28.71 ? 162 GLN A N   1 
ATOM   1279 C CA  . GLN A 1 170 ? 17.665  2.329   -13.211 1.00 32.39 ? 162 GLN A CA  1 
ATOM   1280 C C   . GLN A 1 170 ? 19.080  2.284   -13.817 1.00 33.38 ? 162 GLN A C   1 
ATOM   1281 O O   . GLN A 1 170 ? 19.839  3.262   -13.741 1.00 33.08 ? 162 GLN A O   1 
ATOM   1282 C CB  . GLN A 1 170 ? 17.697  2.543   -11.688 1.00 33.02 ? 162 GLN A CB  1 
ATOM   1283 C CG  . GLN A 1 170 ? 16.260  2.593   -11.054 1.00 38.36 ? 162 GLN A CG  1 
ATOM   1284 C CD  . GLN A 1 170 ? 15.404  3.774   -11.580 1.00 44.18 ? 162 GLN A CD  1 
ATOM   1285 O OE1 . GLN A 1 170 ? 15.959  4.850   -11.819 1.00 49.42 ? 162 GLN A OE1 1 
ATOM   1286 N NE2 . GLN A 1 170 ? 14.063  3.575   -11.775 1.00 37.88 ? 162 GLN A NE2 1 
ATOM   1287 N N   . ARG A 1 171 ? 19.417  1.167   -14.454 1.00 34.64 ? 163 ARG A N   1 
ATOM   1288 C CA  . ARG A 1 171 ? 20.705  1.004   -15.132 1.00 35.76 ? 163 ARG A CA  1 
ATOM   1289 C C   . ARG A 1 171 ? 20.647  1.125   -16.673 1.00 36.72 ? 163 ARG A C   1 
ATOM   1290 O O   . ARG A 1 171 ? 19.724  0.632   -17.342 1.00 37.03 ? 163 ARG A O   1 
ATOM   1291 C CB  . ARG A 1 171 ? 21.315  -0.330  -14.715 1.00 35.58 ? 163 ARG A CB  1 
ATOM   1292 C CG  . ARG A 1 171 ? 21.656  -0.382  -13.246 1.00 37.65 ? 163 ARG A CG  1 
ATOM   1293 C CD  . ARG A 1 171 ? 22.672  -1.463  -12.966 1.00 40.66 ? 163 ARG A CD  1 
ATOM   1294 N NE  . ARG A 1 171 ? 22.138  -2.805  -13.171 1.00 41.67 ? 163 ARG A NE  1 
ATOM   1295 C CZ  . ARG A 1 171 ? 21.657  -3.592  -12.202 1.00 44.21 ? 163 ARG A CZ  1 
ATOM   1296 N NH1 . ARG A 1 171 ? 21.627  -3.189  -10.926 1.00 44.12 ? 163 ARG A NH1 1 
ATOM   1297 N NH2 . ARG A 1 171 ? 21.202  -4.806  -12.513 1.00 40.86 ? 163 ARG A NH2 1 
HETATM 1298 C C1  . GOL B 2 .   ? -4.271  7.993   1.214   1.00 32.13 ? 301 GOL A C1  1 
HETATM 1299 O O1  . GOL B 2 .   ? -3.680  7.651   2.472   1.00 34.42 ? 301 GOL A O1  1 
HETATM 1300 C C2  . GOL B 2 .   ? -5.229  6.867   0.841   1.00 29.41 ? 301 GOL A C2  1 
HETATM 1301 O O2  . GOL B 2 .   ? -6.334  7.426   0.152   1.00 30.34 ? 301 GOL A O2  1 
HETATM 1302 C C3  . GOL B 2 .   ? -4.620  5.698   0.100   1.00 33.79 ? 301 GOL A C3  1 
HETATM 1303 O O3  . GOL B 2 .   ? -5.696  4.925   -0.480  1.00 36.73 ? 301 GOL A O3  1 
HETATM 1304 O O   . HOH C 3 .   ? 4.512   -12.432 -13.422 1.00 24.66 ? 302 HOH A O   1 
HETATM 1305 O O   . HOH C 3 .   ? 11.269  -14.597 -14.854 1.00 20.03 ? 303 HOH A O   1 
HETATM 1306 O O   . HOH C 3 .   ? -10.307 -10.997 5.634   0.50 13.98 ? 304 HOH A O   1 
HETATM 1307 O O   . HOH C 3 .   ? 0.735   -8.542  -4.304  1.00 25.85 ? 305 HOH A O   1 
HETATM 1308 O O   . HOH C 3 .   ? -20.380 8.439   10.056  1.00 35.82 ? 306 HOH A O   1 
HETATM 1309 O O   . HOH C 3 .   ? 13.569  9.192   -8.231  1.00 20.00 ? 307 HOH A O   1 
HETATM 1310 O O   . HOH C 3 .   ? -15.102 -5.669  1.659   1.00 26.10 ? 308 HOH A O   1 
HETATM 1311 O O   . HOH C 3 .   ? 7.735   6.443   -9.378  1.00 22.67 ? 309 HOH A O   1 
HETATM 1312 O O   . HOH C 3 .   ? 4.712   -3.516  15.633  1.00 28.41 ? 310 HOH A O   1 
HETATM 1313 O O   . HOH C 3 .   ? 5.232   -15.025 -6.851  1.00 23.49 ? 311 HOH A O   1 
HETATM 1314 O O   . HOH C 3 .   ? -8.058  3.095   5.860   1.00 23.59 ? 312 HOH A O   1 
HETATM 1315 O O   . HOH C 3 .   ? -1.358  -2.847  12.413  1.00 24.73 ? 313 HOH A O   1 
HETATM 1316 O O   . HOH C 3 .   ? -3.507  -2.065  -11.396 1.00 28.23 ? 314 HOH A O   1 
HETATM 1317 O O   . HOH C 3 .   ? -9.751  0.381   6.814   1.00 24.63 ? 315 HOH A O   1 
HETATM 1318 O O   . HOH C 3 .   ? -13.428 -7.955  2.083   1.00 24.83 ? 316 HOH A O   1 
HETATM 1319 O O   . HOH C 3 .   ? 14.184  -9.064  -14.058 1.00 25.19 ? 317 HOH A O   1 
HETATM 1320 O O   . HOH C 3 .   ? 15.361  -0.964  -5.815  1.00 30.31 ? 318 HOH A O   1 
HETATM 1321 O O   . HOH C 3 .   ? 13.865  -5.919  -14.875 1.00 33.03 ? 319 HOH A O   1 
HETATM 1322 O O   . HOH C 3 .   ? 4.318   10.010  -8.917  1.00 25.67 ? 320 HOH A O   1 
HETATM 1323 O O   . HOH C 3 .   ? 13.412  -13.183 -5.529  1.00 25.81 ? 321 HOH A O   1 
HETATM 1324 O O   . HOH C 3 .   ? 2.658   1.571   17.067  1.00 38.38 ? 322 HOH A O   1 
HETATM 1325 O O   . HOH C 3 .   ? 1.663   -11.116 -3.245  1.00 32.00 ? 323 HOH A O   1 
HETATM 1326 O O   . HOH C 3 .   ? 13.967  -2.953  1.668   1.00 31.74 ? 324 HOH A O   1 
HETATM 1327 O O   . HOH C 3 .   ? 9.336   12.644  -4.610  0.50 27.66 ? 325 HOH A O   1 
HETATM 1328 O O   . HOH C 3 .   ? 16.614  -7.840  -4.235  1.00 26.85 ? 326 HOH A O   1 
HETATM 1329 O O   . HOH C 3 .   ? -10.588 0.279   -0.461  1.00 33.54 ? 327 HOH A O   1 
HETATM 1330 O O   . HOH C 3 .   ? 14.658  1.634   -3.974  1.00 29.45 ? 328 HOH A O   1 
HETATM 1331 O O   . HOH C 3 .   ? -16.716 4.622   2.899   1.00 31.60 ? 329 HOH A O   1 
HETATM 1332 O O   . HOH C 3 .   ? -2.963  -9.422  -17.559 1.00 36.33 ? 330 HOH A O   1 
HETATM 1333 O O   . HOH C 3 .   ? 15.100  -15.031 -9.029  1.00 30.09 ? 331 HOH A O   1 
HETATM 1334 O O   . HOH C 3 .   ? 5.211   -10.713 3.869   1.00 24.10 ? 332 HOH A O   1 
HETATM 1335 O O   . HOH C 3 .   ? 2.635   -9.986  4.585   1.00 30.63 ? 333 HOH A O   1 
HETATM 1336 O O   . HOH C 3 .   ? -5.777  -9.481  10.673  1.00 34.66 ? 334 HOH A O   1 
HETATM 1337 O O   . HOH C 3 .   ? 7.659   3.512   -16.329 1.00 34.98 ? 335 HOH A O   1 
HETATM 1338 O O   . HOH C 3 .   ? 16.981  -13.056 -8.152  1.00 33.95 ? 336 HOH A O   1 
HETATM 1339 O O   . HOH C 3 .   ? -4.611  0.953   -0.435  1.00 24.98 ? 337 HOH A O   1 
HETATM 1340 O O   . HOH C 3 .   ? -14.577 16.921  -0.030  1.00 30.49 ? 338 HOH A O   1 
HETATM 1341 O O   . HOH C 3 .   ? 9.212   -15.481 -5.771  1.00 27.01 ? 339 HOH A O   1 
HETATM 1342 O O   . HOH C 3 .   ? 1.957   5.957   -12.373 1.00 29.74 ? 340 HOH A O   1 
HETATM 1343 O O   . HOH C 3 .   ? 6.561   -18.640 -9.362  1.00 41.68 ? 341 HOH A O   1 
HETATM 1344 O O   . HOH C 3 .   ? 0.350   7.032   -14.395 1.00 27.62 ? 342 HOH A O   1 
HETATM 1345 O O   . HOH C 3 .   ? 3.408   -8.018  10.120  1.00 32.84 ? 343 HOH A O   1 
HETATM 1346 O O   . HOH C 3 .   ? 12.175  10.403  -13.763 1.00 30.88 ? 344 HOH A O   1 
HETATM 1347 O O   . HOH C 3 .   ? -11.155 7.124   -8.826  1.00 32.80 ? 345 HOH A O   1 
HETATM 1348 O O   . HOH C 3 .   ? -5.058  -6.284  -6.949  1.00 33.00 ? 346 HOH A O   1 
HETATM 1349 O O   . HOH C 3 .   ? -12.196 12.986  0.007   1.00 31.52 ? 347 HOH A O   1 
HETATM 1350 O O   . HOH C 3 .   ? 13.791  -18.303 -10.580 1.00 38.53 ? 348 HOH A O   1 
HETATM 1351 O O   . HOH C 3 .   ? -11.752 3.282   -0.486  1.00 37.53 ? 349 HOH A O   1 
HETATM 1352 O O   . HOH C 3 .   ? 10.514  -0.543  2.146   1.00 33.78 ? 350 HOH A O   1 
HETATM 1353 O O   . HOH C 3 .   ? 16.573  8.087   -7.709  1.00 31.48 ? 351 HOH A O   1 
HETATM 1354 O O   . HOH C 3 .   ? -10.632 12.455  2.731   1.00 43.90 ? 352 HOH A O   1 
HETATM 1355 O O   . HOH C 3 .   ? -14.194 -3.388  -1.666  1.00 43.88 ? 353 HOH A O   1 
HETATM 1356 O O   . HOH C 3 .   ? -4.807  8.072   -10.860 1.00 37.03 ? 354 HOH A O   1 
HETATM 1357 O O   . HOH C 3 .   ? 8.566   -1.161  -16.166 1.00 33.92 ? 355 HOH A O   1 
HETATM 1358 O O   . HOH C 3 .   ? -19.033 7.404   1.071   1.00 41.99 ? 356 HOH A O   1 
HETATM 1359 O O   . HOH C 3 .   ? 4.125   20.772  -4.612  1.00 35.33 ? 357 HOH A O   1 
HETATM 1360 O O   . HOH C 3 .   ? -15.745 -7.374  -1.013  1.00 40.10 ? 358 HOH A O   1 
HETATM 1361 O O   . HOH C 3 .   ? -3.695  9.257   -12.748 1.00 33.58 ? 359 HOH A O   1 
HETATM 1362 O O   . HOH C 3 .   ? 1.501   -1.795  -17.460 1.00 35.63 ? 360 HOH A O   1 
HETATM 1363 O O   . HOH C 3 .   ? -6.158  6.395   -3.490  1.00 36.13 ? 361 HOH A O   1 
HETATM 1364 O O   . HOH C 3 .   ? -3.856  8.611   -15.965 1.00 38.64 ? 362 HOH A O   1 
HETATM 1365 O O   . HOH C 3 .   ? -7.180  -10.266 5.039   1.00 32.57 ? 363 HOH A O   1 
HETATM 1366 O O   . HOH C 3 .   ? 7.680   -14.675 2.499   1.00 29.77 ? 364 HOH A O   1 
HETATM 1367 O O   . HOH C 3 .   ? -4.945  -11.020 1.691   1.00 29.45 ? 365 HOH A O   1 
HETATM 1368 O O   . HOH C 3 .   ? -8.486  1.751   -2.528  1.00 28.78 ? 366 HOH A O   1 
HETATM 1369 O O   . HOH C 3 .   ? 9.525   -15.641 -0.047  1.00 25.53 ? 367 HOH A O   1 
HETATM 1370 O O   . HOH C 3 .   ? 5.699   8.120   -10.340 1.00 24.62 ? 368 HOH A O   1 
HETATM 1371 O O   . HOH C 3 .   ? 8.663   -14.593 9.653   1.00 35.21 ? 369 HOH A O   1 
HETATM 1372 O O   . HOH C 3 .   ? 4.072   -15.062 -16.656 1.00 37.87 ? 370 HOH A O   1 
HETATM 1373 O O   . HOH C 3 .   ? 7.216   -12.395 5.230   1.00 29.15 ? 371 HOH A O   1 
HETATM 1374 O O   . HOH C 3 .   ? -13.410 10.251  -5.742  1.00 44.30 ? 372 HOH A O   1 
HETATM 1375 O O   . HOH C 3 .   ? -16.804 -3.941  1.167   1.00 47.15 ? 373 HOH A O   1 
HETATM 1376 O O   . HOH C 3 .   ? 5.891   -10.421 -21.136 1.00 35.04 ? 374 HOH A O   1 
HETATM 1377 O O   . HOH C 3 .   ? 15.538  -11.591 -6.363  1.00 32.71 ? 375 HOH A O   1 
HETATM 1378 O O   . HOH C 3 .   ? -18.819 9.845   0.839   1.00 37.32 ? 376 HOH A O   1 
HETATM 1379 O O   . HOH C 3 .   ? -5.161  -0.156  -12.181 1.00 37.76 ? 377 HOH A O   1 
HETATM 1380 O O   . HOH C 3 .   ? 15.744  3.580   -6.972  1.00 34.29 ? 378 HOH A O   1 
HETATM 1381 O O   . HOH C 3 .   ? -1.571  13.748  -5.960  1.00 41.94 ? 379 HOH A O   1 
HETATM 1382 O O   . HOH C 3 .   ? 16.647  5.897   -13.976 1.00 38.75 ? 380 HOH A O   1 
HETATM 1383 O O   . HOH C 3 .   ? -3.980  -12.319 -0.431  1.00 36.46 ? 381 HOH A O   1 
HETATM 1384 O O   . HOH C 3 .   ? -5.652  -10.832 7.177   1.00 45.06 ? 382 HOH A O   1 
HETATM 1385 O O   . HOH C 3 .   ? -2.819  -3.813  14.682  1.00 40.02 ? 383 HOH A O   1 
HETATM 1386 O O   . HOH C 3 .   ? -10.941 -1.735  -2.572  1.00 39.97 ? 384 HOH A O   1 
HETATM 1387 O O   . HOH C 3 .   ? 7.651   9.574   -12.910 1.00 44.21 ? 385 HOH A O   1 
HETATM 1388 O O   . HOH C 3 .   ? -2.409  12.288  4.436   1.00 47.58 ? 386 HOH A O   1 
HETATM 1389 O O   . HOH C 3 .   ? -7.729  3.574   17.602  1.00 44.35 ? 387 HOH A O   1 
HETATM 1390 O O   . HOH C 3 .   ? -10.232 -9.200  -4.788  1.00 43.36 ? 388 HOH A O   1 
HETATM 1391 O O   . HOH C 3 .   ? 13.276  -3.574  -14.887 1.00 37.89 ? 389 HOH A O   1 
HETATM 1392 O O   . HOH C 3 .   ? -18.104 1.845   3.412   1.00 43.61 ? 390 HOH A O   1 
HETATM 1393 O O   . HOH C 3 .   ? -4.451  -8.055  -12.863 1.00 39.68 ? 391 HOH A O   1 
HETATM 1394 O O   . HOH C 3 .   ? 2.153   0.577   -16.558 1.00 32.96 ? 392 HOH A O   1 
HETATM 1395 O O   . HOH C 3 .   ? -1.025  -14.481 -8.745  1.00 44.34 ? 393 HOH A O   1 
HETATM 1396 O O   . HOH C 3 .   ? 7.002   6.615   -14.369 1.00 34.30 ? 394 HOH A O   1 
HETATM 1397 O O   . HOH C 3 .   ? 18.606  8.910   -12.151 1.00 38.45 ? 395 HOH A O   1 
HETATM 1398 O O   . HOH C 3 .   ? 9.138   -17.549 -1.999  1.00 42.88 ? 396 HOH A O   1 
HETATM 1399 O O   . HOH C 3 .   ? -7.038  1.707   -6.230  1.00 40.65 ? 397 HOH A O   1 
HETATM 1400 O O   . HOH C 3 .   ? -20.445 13.775  1.649   1.00 34.25 ? 398 HOH A O   1 
HETATM 1401 O O   . HOH C 3 .   ? 11.620  -1.530  7.887   1.00 28.61 ? 399 HOH A O   1 
HETATM 1402 O O   . HOH C 3 .   ? 14.440  4.189   -9.534  1.00 23.00 ? 400 HOH A O   1 
# 
